data_9B4I
#
_entry.id   9B4I
#
_cell.length_a   1.00
_cell.length_b   1.00
_cell.length_c   1.00
_cell.angle_alpha   90.00
_cell.angle_beta   90.00
_cell.angle_gamma   90.00
#
_symmetry.space_group_name_H-M   'P 1'
#
_entity_poly.entity_id   1
_entity_poly.type   'polypeptide(D)'
_entity_poly.pdbx_seq_one_letter_code
;(DTH)(DLE)(DLY)(DIL)(DVA)(DTR)(DIL)
;
_entity_poly.pdbx_strand_id   A,B,C,D,E,F,G,H,I,J,K,L,M,N,O,P,Q,R,S,T,U,V,W,X,Y,Z,0,1,2,3,4,5,6,7,8,9,a,b,c,d,e,f,g,h,i,j,k,l,m,n,o,p,q,r,s,t,u,v,w,x
#
# COMPACT_ATOMS: atom_id res chain seq x y z
N DTH A 1 3.67 -7.06 -0.28
CA DTH A 1 4.85 -6.53 0.39
CB DTH A 1 5.11 -7.23 1.72
CG2 DTH A 1 4.99 -8.74 1.56
OG1 DTH A 1 4.14 -6.79 2.68
C DTH A 1 4.70 -5.03 0.62
O DTH A 1 3.76 -4.59 1.26
N DLE A 2 5.63 -4.27 0.06
CA DLE A 2 5.58 -2.81 0.15
CB DLE A 2 5.18 -2.18 -1.18
CG DLE A 2 5.32 -0.67 -1.26
CD1 DLE A 2 4.18 0.02 -0.55
CD2 DLE A 2 5.44 -0.20 -2.71
C DLE A 2 6.96 -2.30 0.56
O DLE A 2 7.97 -2.66 -0.04
N DLY A 3 6.99 -1.44 1.59
CA DLY A 3 8.19 -0.70 1.95
C DLY A 3 7.88 0.78 1.89
O DLY A 3 6.91 1.25 2.49
CB DLY A 3 8.69 -1.08 3.35
CG DLY A 3 9.34 0.10 4.07
CD DLY A 3 10.06 -0.33 5.34
CE DLY A 3 11.46 -0.83 5.03
NZ DLY A 3 12.21 -1.14 6.27
N DIL A 4 8.71 1.53 1.16
CA DIL A 4 8.64 2.98 1.13
C DIL A 4 9.97 3.51 1.65
O DIL A 4 11.03 3.19 1.11
CB DIL A 4 8.36 3.52 -0.28
CG1 DIL A 4 6.89 3.28 -0.65
CG2 DIL A 4 8.69 5.00 -0.37
CD1 DIL A 4 6.47 3.92 -1.95
N DVA A 5 9.91 4.32 2.70
CA DVA A 5 11.09 4.96 3.27
CB DVA A 5 11.33 4.51 4.72
CG1 DVA A 5 12.49 5.27 5.31
CG2 DVA A 5 11.59 3.02 4.77
C DVA A 5 10.90 6.46 3.20
O DVA A 5 9.94 6.99 3.76
N DTR A 6 11.82 7.13 2.52
CA DTR A 6 11.84 8.58 2.42
CB DTR A 6 11.68 9.03 0.97
CG DTR A 6 12.04 10.47 0.73
CD1 DTR A 6 13.11 10.94 0.03
NE1 DTR A 6 13.10 12.31 0.04
CE2 DTR A 6 12.02 12.75 0.76
CZ2 DTR A 6 11.60 14.05 1.04
CH2 DTR A 6 10.46 14.19 1.78
CZ3 DTR A 6 9.75 13.09 2.25
CE3 DTR A 6 10.17 11.79 1.97
CD2 DTR A 6 11.33 11.62 1.21
C DTR A 6 13.14 9.09 3.02
O DTR A 6 14.22 8.75 2.52
N DIL A 7 13.04 9.88 4.08
CA DIL A 7 14.22 10.43 4.74
C DIL A 7 14.12 11.94 4.77
O DIL A 7 14.86 12.65 4.07
CB DIL A 7 14.40 9.85 6.15
CG1 DIL A 7 14.56 8.33 6.09
CG2 DIL A 7 15.60 10.48 6.83
CD1 DIL A 7 14.67 7.68 7.45
OXT DIL A 7 13.32 12.51 5.50
N DTH B 1 11.05 12.59 7.20
CA DTH B 1 10.14 11.51 7.56
CB DTH B 1 10.71 10.66 8.70
CG2 DTH B 1 9.73 9.56 9.08
OG1 DTH B 1 10.97 11.47 9.84
C DTH B 1 9.83 10.62 6.37
O DTH B 1 10.73 10.14 5.68
N DLE B 2 8.54 10.40 6.12
CA DLE B 2 8.07 9.49 5.08
CB DLE B 2 7.27 10.24 4.02
CG DLE B 2 6.58 9.40 2.96
CD1 DLE B 2 7.60 8.63 2.14
CD2 DLE B 2 5.71 10.28 2.07
C DLE B 2 7.21 8.40 5.73
O DLE B 2 6.20 8.72 6.37
N DLY B 3 7.61 7.14 5.56
CA DLY B 3 6.83 6.00 6.04
C DLY B 3 6.54 5.08 4.87
O DLY B 3 7.47 4.63 4.19
CB DLY B 3 7.58 5.26 7.15
CG DLY B 3 7.85 6.09 8.39
CD DLY B 3 8.61 5.29 9.43
CE DLY B 3 8.84 6.11 10.68
NZ DLY B 3 9.53 5.34 11.75
N DIL B 4 5.26 4.79 4.64
CA DIL B 4 4.83 3.81 3.66
C DIL B 4 4.04 2.74 4.37
O DIL B 4 3.04 3.04 5.05
CB DIL B 4 4.00 4.44 2.53
CG1 DIL B 4 4.87 5.37 1.67
CG2 DIL B 4 3.34 3.37 1.69
CD1 DIL B 4 4.15 5.90 0.46
N DVA B 5 4.46 1.49 4.26
CA DVA B 5 3.78 0.34 4.86
CB DVA B 5 4.61 -0.33 5.95
CG1 DVA B 5 3.82 -1.47 6.57
CG2 DVA B 5 5.01 0.68 7.01
C DVA B 5 3.45 -0.63 3.74
O DVA B 5 4.36 -1.09 3.02
N DTR B 6 2.17 -0.94 3.57
CA DTR B 6 1.72 -1.87 2.55
CB DTR B 6 0.91 -1.16 1.47
CG DTR B 6 -0.06 -2.05 0.77
CD1 DTR B 6 -1.41 -2.11 0.97
NE1 DTR B 6 -1.97 -3.05 0.14
CE2 DTR B 6 -0.97 -3.66 -0.58
CZ2 DTR B 6 -1.05 -4.66 -1.54
CH2 DTR B 6 0.12 -5.07 -2.12
CZ3 DTR B 6 1.35 -4.49 -1.77
CE3 DTR B 6 1.42 -3.48 -0.83
CD2 DTR B 6 0.24 -3.05 -0.22
C DTR B 6 0.86 -2.96 3.19
O DTR B 6 -0.13 -2.67 3.87
N DIL B 7 1.20 -4.21 2.89
CA DIL B 7 0.48 -5.35 3.42
C DIL B 7 0.22 -6.36 2.32
O DIL B 7 1.12 -6.76 1.60
CB DIL B 7 1.25 -5.98 4.59
CG1 DIL B 7 1.07 -5.16 5.87
CG2 DIL B 7 0.82 -7.41 4.81
CD1 DIL B 7 1.53 -5.84 7.13
OXT DIL B 7 -0.92 -6.80 2.14
N DTH C 1 9.27 19.74 -3.92
CA DTH C 1 9.02 18.60 -4.81
CB DTH C 1 8.37 19.05 -6.13
CG2 DTH C 1 9.28 20.02 -6.87
OG1 DTH C 1 7.11 19.69 -5.87
C DTH C 1 8.11 17.59 -4.13
O DTH C 1 7.10 17.95 -3.53
N DLE C 2 8.49 16.32 -4.19
CA DLE C 2 7.69 15.22 -3.67
CB DLE C 2 8.39 14.54 -2.49
CG DLE C 2 7.72 13.26 -1.99
CD1 DLE C 2 6.39 13.59 -1.32
CD2 DLE C 2 8.64 12.52 -1.03
C DLE C 2 7.44 14.21 -4.77
O DLE C 2 8.40 13.77 -5.44
N DLY C 3 6.18 13.84 -4.97
CA DLY C 3 5.82 12.79 -5.92
C DLY C 3 4.99 11.74 -5.21
O DLY C 3 3.99 12.06 -4.57
CB DLY C 3 5.05 13.36 -7.10
CG DLY C 3 4.56 12.30 -8.08
CD DLY C 3 3.72 12.91 -9.19
CE DLY C 3 3.23 11.83 -10.17
NZ DLY C 3 2.39 12.39 -11.25
N DIL C 4 5.43 10.49 -5.30
CA DIL C 4 4.68 9.34 -4.79
C DIL C 4 4.41 8.39 -5.94
O DIL C 4 5.35 7.96 -6.61
CB DIL C 4 5.44 8.64 -3.66
CG1 DIL C 4 5.46 9.49 -2.39
CG2 DIL C 4 4.82 7.28 -3.37
CD1 DIL C 4 6.17 8.83 -1.24
N DVA C 5 3.15 8.04 -6.13
CA DVA C 5 2.76 7.00 -7.07
CB DVA C 5 1.94 7.55 -8.25
CG1 DVA C 5 1.30 6.41 -9.01
CG2 DVA C 5 2.83 8.37 -9.17
C DVA C 5 1.96 5.94 -6.32
O DVA C 5 0.96 6.28 -5.66
N DTR C 6 2.39 4.69 -6.40
CA DTR C 6 1.68 3.57 -5.80
CB DTR C 6 2.48 2.93 -4.66
CG DTR C 6 2.05 1.52 -4.38
CD1 DTR C 6 2.64 0.38 -4.84
NE1 DTR C 6 1.97 -0.72 -4.38
CE2 DTR C 6 0.92 -0.31 -3.61
CZ2 DTR C 6 -0.04 -1.05 -2.93
CH2 DTR C 6 -1.00 -0.36 -2.23
CZ3 DTR C 6 -1.00 1.03 -2.19
CE3 DTR C 6 -0.05 1.78 -2.87
CD2 DTR C 6 0.94 1.10 -3.59
C DTR C 6 1.39 2.54 -6.88
O DTR C 6 2.30 2.10 -7.58
N DIL C 7 0.14 2.07 -6.91
CA DIL C 7 -0.30 1.17 -7.97
C DIL C 7 -1.25 0.13 -7.39
O DIL C 7 -1.11 -1.07 -7.62
CB DIL C 7 -0.96 1.94 -9.12
CG1 DIL C 7 0.10 2.57 -10.03
CG2 DIL C 7 -1.88 1.04 -9.91
CD1 DIL C 7 -0.48 3.31 -11.21
OXT DIL C 7 -2.19 0.46 -6.66
N DTH D 1 -3.93 1.31 -4.30
CA DTH D 1 -4.15 2.64 -4.82
CB DTH D 1 -4.59 2.61 -6.28
CG2 DTH D 1 -5.65 1.51 -6.45
OG1 DTH D 1 -3.47 2.30 -7.11
C DTH D 1 -2.86 3.46 -4.68
O DTH D 1 -1.86 3.14 -5.32
N DLE D 2 -2.87 4.44 -3.80
CA DLE D 2 -1.70 5.24 -3.49
CB DLE D 2 -1.18 4.94 -2.08
CG DLE D 2 -0.18 5.95 -1.53
CD1 DLE D 2 1.13 5.85 -2.29
CD2 DLE D 2 0.04 5.73 -0.04
C DLE D 2 -2.03 6.72 -3.59
O DLE D 2 -3.00 7.19 -3.00
N DLY D 3 -1.20 7.45 -4.33
CA DLY D 3 -1.28 8.91 -4.36
C DLY D 3 0.04 9.47 -3.89
O DLY D 3 1.10 9.16 -4.44
CB DLY D 3 -1.59 9.43 -5.77
CG DLY D 3 -1.16 10.87 -5.98
CD DLY D 3 -1.48 11.38 -7.39
CE DLY D 3 -2.88 11.98 -7.45
NZ DLY D 3 -3.17 12.55 -8.79
N DIL D 4 -0.01 10.31 -2.86
CA DIL D 4 1.15 11.02 -2.34
C DIL D 4 0.90 12.50 -2.51
O DIL D 4 -0.07 13.04 -1.95
CB DIL D 4 1.43 10.68 -0.86
CG1 DIL D 4 1.77 9.20 -0.70
CG2 DIL D 4 2.54 11.56 -0.32
CD1 DIL D 4 1.96 8.79 0.75
N DVA D 5 1.78 13.18 -3.23
CA DVA D 5 1.73 14.63 -3.38
CB DVA D 5 1.47 15.05 -4.84
CG1 DVA D 5 1.56 16.55 -4.99
CG2 DVA D 5 0.11 14.53 -5.31
C DVA D 5 3.03 15.21 -2.88
O DVA D 5 4.11 14.90 -3.42
N DTR D 6 2.95 16.08 -1.88
CA DTR D 6 4.11 16.76 -1.32
CB DTR D 6 4.29 16.40 0.16
CG DTR D 6 5.13 17.38 0.92
CD1 DTR D 6 4.69 18.36 1.76
NE1 DTR D 6 5.76 19.06 2.26
CE2 DTR D 6 6.92 18.54 1.75
CZ2 DTR D 6 8.24 18.91 1.96
CH2 DTR D 6 9.20 18.20 1.31
CZ3 DTR D 6 8.89 17.15 0.46
CE3 DTR D 6 7.58 16.77 0.24
CD2 DTR D 6 6.56 17.47 0.90
C DTR D 6 3.94 18.26 -1.49
O DTR D 6 2.98 18.83 -0.95
N DIL D 7 4.86 18.90 -2.20
CA DIL D 7 4.80 20.33 -2.43
C DIL D 7 6.08 21.00 -1.91
O DIL D 7 7.19 20.54 -2.19
CB DIL D 7 4.57 20.66 -3.91
CG1 DIL D 7 3.27 20.02 -4.39
CG2 DIL D 7 4.54 22.16 -4.12
CD1 DIL D 7 2.98 20.25 -5.86
OXT DIL D 7 6.04 22.00 -1.21
N DTH E 1 14.47 14.10 7.87
CA DTH E 1 15.78 14.69 8.10
CB DTH E 1 16.43 14.17 9.38
CG2 DTH E 1 16.42 12.65 9.39
OG1 DTH E 1 15.71 14.65 10.52
C DTH E 1 15.66 16.21 8.19
O DTH E 1 14.71 16.73 8.77
N DLE E 2 16.65 16.90 7.64
CA DLE E 2 16.72 18.36 7.70
CB DLE E 2 16.64 18.97 6.30
CG DLE E 2 16.96 20.46 6.17
CD1 DLE E 2 15.97 21.29 6.98
CD2 DLE E 2 16.97 20.89 4.73
C DLE E 2 18.04 18.75 8.36
O DLE E 2 19.12 18.38 7.88
N DLY E 3 17.95 19.51 9.45
CA DLY E 3 19.11 20.02 10.16
C DLY E 3 19.01 21.53 10.27
O DLY E 3 18.04 22.06 10.82
CB DLY E 3 19.22 19.40 11.56
CG DLY E 3 20.17 20.14 12.48
CD DLY E 3 19.98 19.71 13.93
CE DLY E 3 20.80 20.56 14.88
NZ DLY E 3 20.51 20.25 16.31
N DIL E 4 20.02 22.22 9.74
CA DIL E 4 20.11 23.67 9.85
C DIL E 4 21.45 24.01 10.47
O DIL E 4 22.51 23.61 9.97
CB DIL E 4 19.97 24.35 8.48
CG1 DIL E 4 18.65 23.94 7.83
CG2 DIL E 4 20.03 25.87 8.64
CD1 DIL E 4 18.51 24.37 6.39
N DVA E 5 21.42 24.77 11.56
CA DVA E 5 22.61 25.24 12.25
CB DVA E 5 22.75 24.64 13.66
CG1 DVA E 5 23.85 25.34 14.43
CG2 DVA E 5 23.02 23.16 13.57
C DVA E 5 22.56 26.76 12.31
O DVA E 5 21.61 27.33 12.84
N DTR E 6 23.60 27.41 11.78
CA DTR E 6 23.74 28.86 11.83
CB DTR E 6 23.75 29.47 10.44
CG DTR E 6 23.87 30.97 10.43
CD1 DTR E 6 22.86 31.87 10.41
NE1 DTR E 6 23.36 33.16 10.42
CE2 DTR E 6 24.73 33.08 10.45
CZ2 DTR E 6 25.67 34.11 10.46
CH2 DTR E 6 26.99 33.75 10.49
CZ3 DTR E 6 27.38 32.41 10.50
CE3 DTR E 6 26.45 31.39 10.48
CD2 DTR E 6 25.09 31.72 10.46
C DTR E 6 25.04 29.18 12.57
O DTR E 6 26.12 28.78 12.13
N DIL E 7 24.92 29.92 13.66
CA DIL E 7 26.09 30.29 14.46
C DIL E 7 26.24 31.80 14.47
O DIL E 7 27.35 32.33 14.33
CB DIL E 7 25.98 29.73 15.89
CG1 DIL E 7 25.80 28.21 15.85
CG2 DIL E 7 27.21 30.10 16.69
CD1 DIL E 7 25.60 27.60 17.21
OXT DIL E 7 25.28 32.54 14.63
N DTH F 1 22.99 33.15 16.25
CA DTH F 1 21.96 32.15 16.52
CB DTH F 1 22.36 31.22 17.68
CG2 DTH F 1 21.28 30.19 17.94
OG1 DTH F 1 22.58 32.00 18.87
C DTH F 1 21.67 31.32 15.29
O DTH F 1 22.58 30.80 14.65
N DLE F 2 20.38 31.20 14.95
CA DLE F 2 19.93 30.39 13.82
CB DLE F 2 19.32 31.29 12.73
CG DLE F 2 18.82 30.56 11.47
CD1 DLE F 2 19.97 29.84 10.80
CD2 DLE F 2 18.17 31.55 10.52
C DLE F 2 18.92 29.38 14.32
O DLE F 2 17.89 29.74 14.89
N DLY F 3 19.24 28.09 14.13
CA DLY F 3 18.35 27.01 14.52
C DLY F 3 18.05 26.16 13.29
O DLY F 3 18.98 25.65 12.64
CB DLY F 3 18.97 26.16 15.62
CG DLY F 3 18.08 25.02 16.11
CD DLY F 3 18.70 24.28 17.28
CE DLY F 3 17.78 23.18 17.77
NZ DLY F 3 18.35 22.47 18.95
N DIL F 4 16.77 26.00 12.98
CA DIL F 4 16.32 25.19 11.84
C DIL F 4 15.37 24.13 12.37
O DIL F 4 14.34 24.45 12.96
CB DIL F 4 15.63 26.07 10.78
CG1 DIL F 4 16.63 27.06 10.19
CG2 DIL F 4 15.02 25.20 9.70
CD1 DIL F 4 16.00 28.34 9.70
N DVA F 5 15.72 22.86 12.14
CA DVA F 5 14.88 21.73 12.52
CB DVA F 5 15.53 20.89 13.63
CG1 DVA F 5 14.66 19.70 13.96
CG2 DVA F 5 15.77 21.75 14.86
C DVA F 5 14.64 20.88 11.28
O DVA F 5 15.60 20.41 10.65
N DTR F 6 13.37 20.67 10.94
CA DTR F 6 12.97 19.80 9.84
CB DTR F 6 12.29 20.61 8.73
CG DTR F 6 11.39 19.78 7.86
CD1 DTR F 6 10.03 19.74 7.90
NE1 DTR F 6 9.55 18.86 6.96
CE2 DTR F 6 10.61 18.31 6.29
CZ2 DTR F 6 10.63 17.38 5.26
CH2 DTR F 6 11.85 17.00 4.78
CZ3 DTR F 6 13.04 17.53 5.30
CE3 DTR F 6 13.02 18.46 6.32
CD2 DTR F 6 11.79 18.87 6.83
C DTR F 6 12.04 18.74 10.37
O DTR F 6 11.00 19.05 10.99
N DIL F 7 12.38 17.47 10.14
CA DIL F 7 11.58 16.36 10.62
C DIL F 7 11.21 15.44 9.47
O DIL F 7 12.05 14.75 8.90
CB DIL F 7 12.31 15.59 11.73
CG1 DIL F 7 12.56 16.49 12.93
CG2 DIL F 7 11.51 14.37 12.14
CD1 DIL F 7 13.31 15.81 14.06
OXT DIL F 7 10.04 15.34 9.08
N DTH G 1 24.12 37.71 5.24
CA DTH G 1 23.86 36.80 4.13
CB DTH G 1 23.35 37.54 2.89
CG2 DTH G 1 22.92 36.56 1.81
OG1 DTH G 1 24.37 38.40 2.38
C DTH G 1 22.86 35.72 4.54
O DTH G 1 21.79 36.03 5.08
N DLE G 2 23.21 34.46 4.29
CA DLE G 2 22.34 33.33 4.59
CB DLE G 2 22.94 32.44 5.68
CG DLE G 2 22.19 31.14 5.99
CD1 DLE G 2 20.83 31.43 6.60
CD2 DLE G 2 23.02 30.26 6.93
C DLE G 2 22.12 32.54 3.31
O DLE G 2 23.10 32.08 2.70
N DLY G 3 20.88 32.39 2.90
CA DLY G 3 20.51 31.60 1.73
C DLY G 3 19.56 30.49 2.14
O DLY G 3 18.49 30.77 2.71
CB DLY G 3 19.87 32.48 0.65
CG DLY G 3 20.69 33.68 0.25
CD DLY G 3 19.90 34.59 -0.69
CE DLY G 3 20.70 35.85 -1.03
NZ DLY G 3 19.93 36.76 -1.93
N DIL G 4 19.92 29.26 1.84
CA DIL G 4 19.09 28.09 2.10
C DIL G 4 18.76 27.43 0.77
O DIL G 4 19.66 26.95 0.08
CB DIL G 4 19.78 27.10 3.05
CG1 DIL G 4 19.94 27.73 4.43
CG2 DIL G 4 18.98 25.81 3.13
CD1 DIL G 4 20.86 26.95 5.34
N DVA G 5 17.47 27.36 0.44
CA DVA G 5 17.00 26.69 -0.75
CB DVA G 5 16.29 27.65 -1.71
CG1 DVA G 5 15.71 26.89 -2.90
CG2 DVA G 5 17.24 28.74 -2.17
C DVA G 5 16.06 25.57 -0.33
O DVA G 5 15.00 25.81 0.26
N DTR G 6 16.44 24.32 -0.63
CA DTR G 6 15.64 23.14 -0.33
CB DTR G 6 16.39 22.20 0.60
CG DTR G 6 15.75 20.85 0.75
CD1 DTR G 6 16.25 19.66 0.33
NE1 DTR G 6 15.37 18.65 0.66
CE2 DTR G 6 14.29 19.19 1.29
CZ2 DTR G 6 13.15 18.57 1.80
CH2 DTR G 6 12.21 19.37 2.40
CZ3 DTR G 6 12.39 20.75 2.50
CE3 DTR G 6 13.52 21.37 1.99
CD2 DTR G 6 14.49 20.57 1.37
C DTR G 6 15.30 22.45 -1.64
O DTR G 6 16.20 21.98 -2.35
N DIL G 7 14.02 22.38 -1.96
CA DIL G 7 13.59 21.86 -3.25
C DIL G 7 12.31 21.03 -3.12
O DIL G 7 12.19 19.95 -3.72
CB DIL G 7 13.40 23.00 -4.27
CG1 DIL G 7 12.76 22.49 -5.57
CG2 DIL G 7 12.59 24.14 -3.67
CD1 DIL G 7 12.54 23.58 -6.60
OXT DIL G 7 11.37 21.39 -2.41
N DTH H 1 9.13 22.04 -0.89
CA DTH H 1 9.33 23.46 -0.68
CB DTH H 1 9.25 24.26 -1.98
CG2 DTH H 1 9.57 25.73 -1.75
OG1 DTH H 1 7.93 24.16 -2.54
C DTH H 1 10.67 23.75 0.00
O DTH H 1 11.71 23.39 -0.51
N DLE H 2 10.60 24.41 1.16
CA DLE H 2 11.79 24.82 1.89
CB DLE H 2 11.84 24.17 3.27
CG DLE H 2 12.97 24.58 4.23
CD1 DLE H 2 13.52 23.36 4.95
CD2 DLE H 2 12.50 25.62 5.22
C DLE H 2 11.77 26.34 2.01
O DLE H 2 10.82 26.91 2.56
N DLY H 3 12.81 27.00 1.51
CA DLY H 3 12.96 28.44 1.62
C DLY H 3 14.29 28.73 2.30
O DLY H 3 15.35 28.35 1.80
CB DLY H 3 12.90 29.12 0.26
CG DLY H 3 13.08 30.63 0.32
CD DLY H 3 13.01 31.25 -1.07
CE DLY H 3 13.16 32.76 -0.98
NZ DLY H 3 13.07 33.41 -2.32
N DIL H 4 14.23 29.41 3.45
CA DIL H 4 15.42 29.85 4.17
C DIL H 4 15.32 31.35 4.37
O DIL H 4 14.32 31.84 4.91
CB DIL H 4 15.57 29.11 5.50
CG1 DIL H 4 15.72 27.62 5.26
CG2 DIL H 4 16.75 29.66 6.28
CD1 DIL H 4 15.79 26.80 6.52
N DVA H 5 16.33 32.08 3.93
CA DVA H 5 16.40 33.53 4.10
CB DVA H 5 16.30 34.25 2.74
CG1 DVA H 5 16.51 35.75 2.93
CG2 DVA H 5 14.95 33.99 2.10
C DVA H 5 17.70 33.87 4.79
O DVA H 5 18.78 33.49 4.32
N DTR H 6 17.61 34.60 5.90
CA DTR H 6 18.77 35.15 6.58
CB DTR H 6 18.96 34.53 7.98
CG DTR H 6 20.00 35.23 8.80
CD1 DTR H 6 21.33 34.97 8.82
NE1 DTR H 6 21.97 35.82 9.69
CE2 DTR H 6 21.03 36.65 10.26
CZ2 DTR H 6 21.20 37.66 11.20
CH2 DTR H 6 20.07 38.34 11.59
CZ3 DTR H 6 18.81 38.02 11.08
CE3 DTR H 6 18.65 37.01 10.14
CD2 DTR H 6 19.78 36.30 9.72
C DTR H 6 18.61 36.66 6.71
O DTR H 6 17.59 37.14 7.24
N DIL H 7 19.60 37.40 6.24
CA DIL H 7 19.57 38.86 6.33
C DIL H 7 20.88 39.39 6.90
O DIL H 7 21.91 38.72 6.85
CB DIL H 7 19.28 39.51 4.95
CG1 DIL H 7 20.45 39.26 4.01
CG2 DIL H 7 18.00 38.96 4.35
CD1 DIL H 7 20.27 39.87 2.63
OXT DIL H 7 20.93 40.49 7.43
N DTH I 1 -11.98 -35.35 -3.36
CA DTH I 1 -10.79 -34.57 -3.00
CB DTH I 1 -10.24 -34.98 -1.62
CG2 DTH I 1 -9.12 -34.04 -1.19
OG1 DTH I 1 -9.73 -36.32 -1.68
C DTH I 1 -11.10 -33.08 -2.99
O DTH I 1 -11.99 -32.62 -2.27
N DLE I 2 -10.35 -32.32 -3.79
CA DLE I 2 -10.45 -30.87 -3.81
CB DLE I 2 -10.94 -30.35 -5.17
CG DLE I 2 -10.92 -28.84 -5.34
CD1 DLE I 2 -11.97 -28.18 -4.45
CD2 DLE I 2 -11.14 -28.45 -6.79
C DLE I 2 -9.09 -30.29 -3.49
O DLE I 2 -8.10 -30.60 -4.18
N DLY I 3 -9.01 -29.47 -2.45
CA DLY I 3 -7.81 -28.74 -2.10
C DLY I 3 -8.11 -27.25 -2.11
O DLY I 3 -9.02 -26.80 -1.41
CB DLY I 3 -7.27 -29.17 -0.73
CG DLY I 3 -6.06 -28.38 -0.27
CD DLY I 3 -5.68 -28.75 1.16
CE DLY I 3 -4.49 -27.93 1.64
NZ DLY I 3 -4.13 -28.23 3.05
N DIL I 4 -7.35 -26.50 -2.90
CA DIL I 4 -7.44 -25.05 -2.92
C DIL I 4 -6.05 -24.49 -2.59
O DIL I 4 -5.07 -24.82 -3.28
CB DIL I 4 -7.92 -24.51 -4.28
CG1 DIL I 4 -9.37 -24.92 -4.52
CG2 DIL I 4 -7.77 -23.01 -4.35
CD1 DIL I 4 -9.94 -24.41 -5.82
N DVA I 5 -5.98 -23.66 -1.56
CA DVA I 5 -4.77 -22.91 -1.24
CB DVA I 5 -4.18 -23.33 0.13
CG1 DVA I 5 -3.06 -22.38 0.53
CG2 DVA I 5 -3.68 -24.76 0.06
C DVA I 5 -5.11 -21.43 -1.24
O DVA I 5 -6.04 -21.00 -0.54
N DTR I 6 -4.37 -20.65 -2.03
CA DTR I 6 -4.53 -19.20 -2.04
CB DTR I 6 -5.07 -18.71 -3.38
CG DTR I 6 -5.25 -17.21 -3.42
CD1 DTR I 6 -6.37 -16.52 -3.06
NE1 DTR I 6 -6.15 -15.17 -3.21
CE2 DTR I 6 -4.87 -14.98 -3.67
CZ2 DTR I 6 -4.21 -13.79 -3.96
CH2 DTR I 6 -2.91 -13.90 -4.41
CZ3 DTR I 6 -2.29 -15.14 -4.56
CE3 DTR I 6 -2.96 -16.32 -4.26
CD2 DTR I 6 -4.27 -16.24 -3.80
C DTR I 6 -3.19 -18.56 -1.75
O DTR I 6 -2.19 -18.87 -2.42
N DIL I 7 -3.17 -17.61 -0.82
CA DIL I 7 -1.94 -17.01 -0.33
C DIL I 7 -2.08 -15.50 -0.28
O DIL I 7 -1.20 -14.76 -0.73
CB DIL I 7 -1.57 -17.59 1.04
CG1 DIL I 7 -1.18 -19.06 0.93
CG2 DIL I 7 -0.42 -16.80 1.64
CD1 DIL I 7 -0.69 -19.65 2.24
OXT DIL I 7 -3.06 -14.98 0.24
N DTH J 1 -5.63 -14.29 1.35
CA DTH J 1 -6.03 -15.44 2.15
CB DTH J 1 -4.97 -15.81 3.18
CG2 DTH J 1 -5.57 -16.67 4.28
OG1 DTH J 1 -4.45 -14.61 3.77
C DTH J 1 -6.30 -16.64 1.26
O DTH J 1 -5.43 -17.08 0.51
N DLE J 2 -7.55 -17.12 1.26
CA DLE J 2 -7.95 -18.24 0.44
CB DLE J 2 -8.89 -17.81 -0.68
CG DLE J 2 -9.68 -18.93 -1.36
CD1 DLE J 2 -8.76 -19.86 -2.13
CD2 DLE J 2 -10.76 -18.38 -2.27
C DLE J 2 -8.62 -19.30 1.29
O DLE J 2 -9.56 -19.01 2.02
N DLY J 3 -8.16 -20.54 1.16
CA DLY J 3 -8.81 -21.69 1.77
C DLY J 3 -9.25 -22.65 0.67
O DLY J 3 -8.41 -23.10 -0.13
CB DLY J 3 -7.88 -22.42 2.73
CG DLY J 3 -8.54 -23.56 3.49
CD DLY J 3 -7.53 -24.61 3.91
CE DLY J 3 -8.10 -25.52 4.98
NZ DLY J 3 -7.09 -26.52 5.45
N DIL J 4 -10.54 -22.98 0.64
CA DIL J 4 -11.08 -23.97 -0.28
C DIL J 4 -11.66 -25.09 0.55
O DIL J 4 -12.61 -24.88 1.33
CB DIL J 4 -12.15 -23.37 -1.20
CG1 DIL J 4 -11.53 -22.35 -2.16
CG2 DIL J 4 -12.88 -24.46 -1.96
CD1 DIL J 4 -12.53 -21.70 -3.08
N DVA J 5 -11.15 -26.31 0.35
CA DVA J 5 -11.71 -27.51 0.95
CB DVA J 5 -10.71 -28.18 1.91
CG1 DVA J 5 -11.18 -29.59 2.25
CG2 DVA J 5 -10.55 -27.36 3.16
C DVA J 5 -12.12 -28.46 -0.17
O DVA J 5 -11.26 -28.88 -0.97
N DTR J 6 -13.39 -28.81 -0.21
CA DTR J 6 -13.90 -29.83 -1.12
CB DTR J 6 -14.90 -29.23 -2.12
CG DTR J 6 -15.62 -30.28 -2.91
CD1 DTR J 6 -15.17 -30.93 -4.00
NE1 DTR J 6 -16.13 -31.83 -4.45
CE2 DTR J 6 -17.22 -31.75 -3.63
CZ2 DTR J 6 -18.42 -32.44 -3.67
CH2 DTR J 6 -19.35 -32.15 -2.71
CZ3 DTR J 6 -19.10 -31.20 -1.72
CE3 DTR J 6 -17.91 -30.51 -1.67
CD2 DTR J 6 -16.94 -30.78 -2.64
C DTR J 6 -14.56 -30.93 -0.30
O DTR J 6 -15.48 -30.66 0.47
N DIL J 7 -14.09 -32.15 -0.47
CA DIL J 7 -14.61 -33.29 0.28
C DIL J 7 -14.83 -34.49 -0.64
O DIL J 7 -13.95 -34.87 -1.40
CB DIL J 7 -13.67 -33.67 1.44
CG1 DIL J 7 -13.63 -32.55 2.49
CG2 DIL J 7 -14.12 -34.97 2.09
CD1 DIL J 7 -12.74 -32.85 3.67
OXT DIL J 7 -15.90 -35.10 -0.63
N DTH K 1 -4.34 -9.18 -9.42
CA DTH K 1 -4.73 -10.09 -10.49
CB DTH K 1 -5.47 -9.35 -11.60
CG2 DTH K 1 -5.58 -10.21 -12.84
OG1 DTH K 1 -4.76 -8.14 -11.93
C DTH K 1 -5.61 -11.21 -9.95
O DTH K 1 -6.59 -10.96 -9.25
N DLE K 2 -5.23 -12.45 -10.23
CA DLE K 2 -5.93 -13.62 -9.74
CB DLE K 2 -5.11 -14.37 -8.69
CG DLE K 2 -5.54 -15.80 -8.38
CD1 DLE K 2 -6.87 -15.83 -7.67
CD2 DLE K 2 -4.48 -16.51 -7.55
C DLE K 2 -6.25 -14.55 -10.91
O DLE K 2 -5.35 -14.93 -11.66
N DLY K 3 -7.52 -14.91 -11.04
CA DLY K 3 -7.94 -15.93 -12.01
C DLY K 3 -8.66 -17.05 -11.27
O DLY K 3 -9.62 -16.80 -10.54
CB DLY K 3 -8.87 -15.34 -13.07
CG DLY K 3 -9.34 -16.38 -14.08
CD DLY K 3 -10.57 -15.92 -14.84
CE DLY K 3 -10.49 -16.29 -16.31
NZ DLY K 3 -11.65 -15.79 -17.09
N DIL K 4 -8.20 -18.28 -11.50
CA DIL K 4 -8.87 -19.47 -11.01
C DIL K 4 -9.26 -20.30 -12.21
O DIL K 4 -8.41 -20.70 -13.01
CB DIL K 4 -7.97 -20.28 -10.06
CG1 DIL K 4 -7.80 -19.55 -8.73
CG2 DIL K 4 -8.55 -21.67 -9.84
CD1 DIL K 4 -7.04 -20.33 -7.68
N DVA K 5 -10.56 -20.56 -12.35
CA DVA K 5 -11.10 -21.40 -13.41
CB DVA K 5 -12.03 -20.62 -14.34
CG1 DVA K 5 -12.74 -21.59 -15.29
CG2 DVA K 5 -11.26 -19.59 -15.13
C DVA K 5 -11.82 -22.56 -12.75
O DVA K 5 -12.78 -22.35 -12.00
N DTR K 6 -11.37 -23.78 -13.03
CA DTR K 6 -12.00 -24.99 -12.52
CB DTR K 6 -11.05 -25.75 -11.59
CG DTR K 6 -11.58 -27.06 -11.13
CD1 DTR K 6 -12.77 -27.29 -10.50
NE1 DTR K 6 -12.90 -28.63 -10.22
CE2 DTR K 6 -11.80 -29.30 -10.68
CZ2 DTR K 6 -11.47 -30.65 -10.64
CH2 DTR K 6 -10.28 -31.03 -11.18
CZ3 DTR K 6 -9.41 -30.10 -11.76
CE3 DTR K 6 -9.73 -28.76 -11.80
CD2 DTR K 6 -10.94 -28.33 -11.25
C DTR K 6 -12.41 -25.86 -13.70
O DTR K 6 -11.57 -26.25 -14.51
N DIL K 7 -13.70 -26.19 -13.76
CA DIL K 7 -14.22 -27.06 -14.81
C DIL K 7 -14.85 -28.30 -14.18
O DIL K 7 -14.55 -29.43 -14.58
CB DIL K 7 -15.22 -26.33 -15.70
CG1 DIL K 7 -14.53 -25.20 -16.48
CG2 DIL K 7 -15.90 -27.30 -16.66
CD1 DIL K 7 -15.44 -24.44 -17.41
OXT DIL K 7 -15.67 -28.21 -13.27
N DTH L 1 -17.88 -27.10 -11.75
CA DTH L 1 -17.95 -25.66 -11.68
CB DTH L 1 -18.42 -25.05 -13.01
CG2 DTH L 1 -18.48 -23.53 -12.91
OG1 DTH L 1 -19.72 -25.55 -13.35
C DTH L 1 -16.60 -25.05 -11.31
O DTH L 1 -15.60 -25.31 -11.98
N DLE L 2 -16.57 -24.27 -10.24
CA DLE L 2 -15.36 -23.59 -9.80
CB DLE L 2 -14.91 -24.12 -8.44
CG DLE L 2 -13.63 -23.50 -7.87
CD1 DLE L 2 -12.42 -24.07 -8.57
CD2 DLE L 2 -13.55 -23.73 -6.37
C DLE L 2 -15.62 -22.10 -9.73
O DLE L 2 -16.55 -21.66 -9.02
N DLY L 3 -14.81 -21.31 -10.44
CA DLY L 3 -14.84 -19.86 -10.35
C DLY L 3 -13.48 -19.37 -9.89
O DLY L 3 -12.47 -19.65 -10.54
CB DLY L 3 -15.21 -19.23 -11.70
CG DLY L 3 -16.64 -19.44 -12.12
CD DLY L 3 -16.92 -18.71 -13.43
CE DLY L 3 -18.38 -18.83 -13.84
NZ DLY L 3 -18.66 -18.10 -15.10
N DIL L 4 -13.44 -18.64 -8.78
CA DIL L 4 -12.24 -17.97 -8.30
C DIL L 4 -12.53 -16.47 -8.27
O DIL L 4 -13.46 -16.03 -7.58
CB DIL L 4 -11.80 -18.47 -6.93
CG1 DIL L 4 -11.19 -19.87 -7.05
CG2 DIL L 4 -10.80 -17.52 -6.30
CD1 DIL L 4 -10.51 -20.35 -5.80
N DVA L 5 -11.74 -15.69 -9.00
CA DVA L 5 -11.85 -14.24 -9.01
CB DVA L 5 -12.29 -13.71 -10.38
CG1 DVA L 5 -12.33 -12.19 -10.37
CG2 DVA L 5 -13.64 -14.28 -10.76
C DVA L 5 -10.49 -13.66 -8.62
O DVA L 5 -9.48 -13.95 -9.27
N DTR L 6 -10.49 -12.84 -7.57
CA DTR L 6 -9.28 -12.17 -7.12
CB DTR L 6 -8.87 -12.63 -5.72
CG DTR L 6 -7.75 -11.81 -5.15
CD1 DTR L 6 -6.42 -11.91 -5.48
NE1 DTR L 6 -5.69 -11.01 -4.76
CE2 DTR L 6 -6.53 -10.30 -3.95
CZ2 DTR L 6 -6.26 -9.28 -3.04
CH2 DTR L 6 -7.31 -8.74 -2.36
CZ3 DTR L 6 -8.62 -9.20 -2.56
CE3 DTR L 6 -8.90 -10.22 -3.46
CD2 DTR L 6 -7.84 -10.78 -4.17
C DTR L 6 -9.51 -10.65 -7.13
O DTR L 6 -10.42 -10.16 -6.47
N DIL L 7 -8.61 -9.93 -7.79
CA DIL L 7 -8.80 -8.52 -8.04
C DIL L 7 -7.60 -7.71 -7.56
O DIL L 7 -6.46 -8.03 -7.86
CB DIL L 7 -9.08 -8.27 -9.54
CG1 DIL L 7 -10.52 -8.58 -9.88
CG2 DIL L 7 -8.72 -6.86 -9.92
CD1 DIL L 7 -10.87 -8.36 -11.33
OXT DIL L 7 -7.76 -6.70 -6.87
N DTH M 1 0.78 -27.10 17.54
CA DTH M 1 1.95 -26.35 17.98
CB DTH M 1 2.38 -26.80 19.40
CG2 DTH M 1 3.59 -25.99 19.85
OG1 DTH M 1 2.71 -28.19 19.39
C DTH M 1 1.67 -24.86 17.99
O DTH M 1 0.78 -24.38 18.68
N DLE M 2 2.43 -24.13 17.18
CA DLE M 2 2.35 -22.67 17.12
CB DLE M 2 1.95 -22.19 15.73
CG DLE M 2 1.90 -20.68 15.52
CD1 DLE M 2 0.88 -20.04 16.47
CD2 DLE M 2 1.56 -20.35 14.08
C DLE M 2 3.71 -22.10 17.51
O DLE M 2 4.73 -22.43 16.90
N DLY M 3 3.72 -21.22 18.51
CA DLY M 3 4.92 -20.55 18.98
C DLY M 3 4.77 -19.04 18.78
O DLY M 3 3.90 -18.42 19.40
CB DLY M 3 5.21 -20.86 20.44
CG DLY M 3 5.30 -22.35 20.77
CD DLY M 3 5.45 -22.55 22.27
CE DLY M 3 5.48 -24.03 22.63
NZ DLY M 3 5.60 -24.24 24.09
N DIL M 4 5.64 -18.45 17.98
CA DIL M 4 5.67 -17.01 17.75
C DIL M 4 6.96 -16.47 18.37
O DIL M 4 8.06 -16.75 17.88
CB DIL M 4 5.59 -16.65 16.26
CG1 DIL M 4 4.42 -17.38 15.59
CG2 DIL M 4 5.48 -15.14 16.09
CD1 DIL M 4 4.83 -18.59 14.79
N DVA M 5 6.83 -15.66 19.42
CA DVA M 5 7.96 -15.00 20.06
CB DVA M 5 8.12 -15.44 21.52
CG1 DVA M 5 9.31 -14.74 22.15
CG2 DVA M 5 8.27 -16.95 21.61
C DVA M 5 7.74 -13.49 19.97
O DVA M 5 6.84 -12.94 20.61
N DTR M 6 8.57 -12.82 19.17
CA DTR M 6 8.61 -11.36 19.12
CB DTR M 6 8.39 -10.85 17.69
CG DTR M 6 8.11 -9.38 17.61
CD1 DTR M 6 6.90 -8.79 17.48
NE1 DTR M 6 7.03 -7.42 17.45
CE2 DTR M 6 8.36 -7.10 17.55
CZ2 DTR M 6 8.99 -5.87 17.58
CH2 DTR M 6 10.36 -5.86 17.70
CZ3 DTR M 6 11.09 -7.04 17.80
CE3 DTR M 6 10.46 -8.28 17.79
CD2 DTR M 6 9.08 -8.32 17.66
C DTR M 6 9.96 -10.90 19.65
O DTR M 6 11.00 -11.27 19.09
N DIL M 7 9.95 -10.12 20.71
CA DIL M 7 11.19 -9.75 21.38
C DIL M 7 11.02 -8.46 22.18
O DIL M 7 11.91 -7.61 22.20
CB DIL M 7 11.69 -10.89 22.28
CG1 DIL M 7 12.98 -10.50 23.00
CG2 DIL M 7 10.61 -11.31 23.27
CD1 DIL M 7 13.53 -11.59 23.89
OXT DIL M 7 10.00 -8.23 22.84
N DTH N 1 7.90 -6.62 23.41
CA DTH N 1 7.31 -7.84 23.93
CB DTH N 1 8.31 -8.65 24.77
CG2 DTH N 1 7.67 -9.94 25.26
OG1 DTH N 1 8.74 -7.87 25.89
C DTH N 1 6.79 -8.73 22.79
O DTH N 1 7.57 -9.27 22.01
N DLE N 2 5.47 -8.85 22.71
CA DLE N 2 4.81 -9.68 21.71
CB DLE N 2 3.79 -8.87 20.92
CG DLE N 2 2.98 -9.68 19.89
CD1 DLE N 2 3.80 -9.95 18.64
CD2 DLE N 2 1.67 -8.97 19.55
C DLE N 2 4.16 -10.84 22.43
O DLE N 2 3.20 -10.65 23.18
N DLY N 3 4.69 -12.04 22.21
CA DLY N 3 4.11 -13.26 22.76
C DLY N 3 3.88 -14.24 21.63
O DLY N 3 4.83 -14.66 20.96
CB DLY N 3 5.02 -13.87 23.83
CG DLY N 3 4.45 -15.15 24.43
CD DLY N 3 5.34 -15.69 25.54
CE DLY N 3 4.73 -16.92 26.19
NZ DLY N 3 5.57 -17.45 27.30
N DIL N 4 2.62 -14.58 21.40
CA DIL N 4 2.25 -15.64 20.47
C DIL N 4 1.38 -16.62 21.23
O DIL N 4 0.45 -16.22 21.93
CB DIL N 4 1.53 -15.09 19.23
CG1 DIL N 4 2.48 -14.19 18.43
CG2 DIL N 4 1.02 -16.22 18.36
CD1 DIL N 4 1.90 -13.63 17.16
N DVA N 5 1.71 -17.91 21.14
CA DVA N 5 0.92 -18.97 21.74
CB DVA N 5 1.67 -19.65 22.91
CG1 DVA N 5 0.85 -20.80 23.46
CG2 DVA N 5 1.96 -18.63 24.00
C DVA N 5 0.60 -20.00 20.66
O DVA N 5 1.50 -20.44 19.94
N DTR N 6 -0.67 -20.35 20.55
CA DTR N 6 -1.12 -21.43 19.68
CB DTR N 6 -2.11 -20.95 18.63
CG DTR N 6 -2.51 -22.02 17.66
CD1 DTR N 6 -1.88 -22.33 16.48
NE1 DTR N 6 -2.54 -23.36 15.86
CE2 DTR N 6 -3.60 -23.74 16.63
CZ2 DTR N 6 -4.55 -24.74 16.42
CH2 DTR N 6 -5.53 -24.89 17.37
CZ3 DTR N 6 -5.57 -24.09 18.52
CE3 DTR N 6 -4.62 -23.10 18.73
CD2 DTR N 6 -3.62 -22.92 17.78
C DTR N 6 -1.75 -22.52 20.54
O DTR N 6 -2.68 -22.25 21.31
N DIL N 7 -1.27 -23.75 20.38
CA DIL N 7 -1.79 -24.88 21.15
C DIL N 7 -2.06 -26.06 20.23
O DIL N 7 -1.22 -26.43 19.40
CB DIL N 7 -0.82 -25.27 22.28
CG1 DIL N 7 -0.72 -24.15 23.32
CG2 DIL N 7 -1.27 -26.57 22.94
CD1 DIL N 7 0.21 -24.47 24.47
OXT DIL N 7 -3.12 -26.69 20.28
N DTH O 1 6.26 -3.71 11.36
CA DTH O 1 5.77 -4.60 10.31
CB DTH O 1 5.08 -3.83 9.19
CG2 DTH O 1 4.87 -4.72 7.98
OG1 DTH O 1 5.89 -2.70 8.82
C DTH O 1 4.81 -5.63 10.89
O DTH O 1 3.84 -5.28 11.57
N DLE O 2 5.12 -6.91 10.69
CA DLE O 2 4.30 -8.01 11.19
CB DLE O 2 5.03 -8.79 12.28
CG DLE O 2 4.38 -10.11 12.72
CD1 DLE O 2 3.18 -9.84 13.61
CD2 DLE O 2 5.38 -11.02 13.41
C DLE O 2 3.94 -8.95 10.05
O DLE O 2 4.82 -9.41 9.32
N DLY O 3 2.64 -9.21 9.89
CA DLY O 3 2.16 -10.22 8.97
C DLY O 3 1.42 -11.29 9.75
O DLY O 3 0.46 -10.99 10.46
CB DLY O 3 1.24 -9.61 7.91
CG DLY O 3 0.84 -10.59 6.81
CD DLY O 3 -0.52 -10.25 6.24
CE DLY O 3 -0.73 -10.96 4.91
NZ DLY O 3 -1.98 -10.51 4.26
N DIL O 4 1.87 -12.54 9.61
CA DIL O 4 1.20 -13.68 10.22
C DIL O 4 0.78 -14.63 9.12
O DIL O 4 1.63 -15.11 8.35
CB DIL O 4 2.09 -14.40 11.24
CG1 DIL O 4 2.27 -13.53 12.49
CG2 DIL O 4 1.50 -15.76 11.61
CD1 DIL O 4 3.06 -14.20 13.58
N DVA O 5 -0.50 -14.92 9.04
CA DVA O 5 -1.04 -15.93 8.12
CB DVA O 5 -1.98 -15.32 7.08
CG1 DVA O 5 -2.52 -16.40 6.16
CG2 DVA O 5 -1.27 -14.26 6.28
C DVA O 5 -1.75 -16.98 8.96
O DVA O 5 -2.69 -16.66 9.69
N DTR O 6 -1.31 -18.23 8.85
CA DTR O 6 -1.92 -19.34 9.56
CB DTR O 6 -0.96 -19.94 10.59
CG DTR O 6 -1.54 -21.10 11.33
CD1 DTR O 6 -2.20 -21.05 12.52
NE1 DTR O 6 -2.60 -22.32 12.89
CE2 DTR O 6 -2.19 -23.21 11.94
CZ2 DTR O 6 -2.35 -24.59 11.87
CH2 DTR O 6 -1.83 -25.23 10.77
CZ3 DTR O 6 -1.17 -24.53 9.76
CE3 DTR O 6 -1.00 -23.16 9.83
CD2 DTR O 6 -1.53 -22.48 10.94
C DTR O 6 -2.33 -20.40 8.55
O DTR O 6 -1.49 -20.89 7.77
N DIL O 7 -3.59 -20.80 8.60
CA DIL O 7 -4.09 -21.86 7.73
C DIL O 7 -4.87 -22.87 8.54
O DIL O 7 -4.62 -24.08 8.45
CB DIL O 7 -4.95 -21.27 6.60
CG1 DIL O 7 -4.07 -20.56 5.57
CG2 DIL O 7 -5.77 -22.36 5.95
CD1 DIL O 7 -4.81 -20.17 4.32
OXT DIL O 7 -5.78 -22.53 9.29
N DTH P 1 -7.64 -21.54 11.23
CA DTH P 1 -7.83 -20.13 10.90
CB DTH P 1 -8.43 -19.96 9.50
CG2 DTH P 1 -9.67 -20.82 9.36
OG1 DTH P 1 -7.47 -20.36 8.52
C DTH P 1 -6.50 -19.39 10.98
O DTH P 1 -5.54 -19.74 10.30
N DLE P 2 -6.43 -18.41 11.87
CA DLE P 2 -5.21 -17.65 12.10
CB DLE P 2 -4.61 -17.96 13.47
CG DLE P 2 -3.51 -17.04 13.97
CD1 DLE P 2 -2.23 -17.26 13.19
CD2 DLE P 2 -3.27 -17.26 15.45
C DLE P 2 -5.51 -16.16 12.00
O DLE P 2 -6.42 -15.65 12.66
N DLY P 3 -4.73 -15.45 11.17
CA DLY P 3 -4.78 -14.00 11.09
C DLY P 3 -3.42 -13.44 11.43
O DLY P 3 -2.41 -13.79 10.79
CB DLY P 3 -5.18 -13.53 9.68
CG DLY P 3 -5.20 -12.02 9.53
CD DLY P 3 -5.28 -11.58 8.08
CE DLY P 3 -5.62 -10.12 7.97
NZ DLY P 3 -5.77 -9.67 6.56
N DIL P 4 -3.37 -12.57 12.44
CA DIL P 4 -2.15 -11.88 12.83
C DIL P 4 -2.40 -10.37 12.70
O DIL P 4 -3.31 -9.84 13.34
CB DIL P 4 -1.74 -12.22 14.27
CG1 DIL P 4 -1.59 -13.74 14.43
CG2 DIL P 4 -0.45 -11.52 14.65
CD1 DIL P 4 -1.40 -14.18 15.86
N DVA P 5 -1.58 -9.71 11.89
CA DVA P 5 -1.60 -8.26 11.77
CB DVA P 5 -1.92 -7.81 10.33
CG1 DVA P 5 -1.67 -6.32 10.20
CG2 DVA P 5 -3.36 -8.13 9.99
C DVA P 5 -0.25 -7.73 12.22
O DVA P 5 0.78 -8.08 11.62
N DTR P 6 -0.25 -6.90 13.25
CA DTR P 6 0.95 -6.31 13.80
CB DTR P 6 1.18 -6.73 15.25
CG DTR P 6 2.43 -6.17 15.86
CD1 DTR P 6 3.62 -5.97 15.21
NE1 DTR P 6 4.54 -5.44 16.08
CE2 DTR P 6 3.94 -5.28 17.31
CZ2 DTR P 6 4.47 -4.77 18.50
CH2 DTR P 6 3.62 -4.73 19.58
CZ3 DTR P 6 2.30 -5.16 19.50
CE3 DTR P 6 1.79 -5.67 18.32
CD2 DTR P 6 2.62 -5.72 17.20
C DTR P 6 0.84 -4.80 13.70
O DTR P 6 -0.04 -4.20 14.31
N DIL P 7 1.78 -4.18 13.00
CA DIL P 7 1.76 -2.74 12.79
C DIL P 7 3.07 -2.12 13.25
O DIL P 7 4.15 -2.58 12.87
CB DIL P 7 1.48 -2.41 11.31
CG1 DIL P 7 0.04 -2.77 10.94
CG2 DIL P 7 1.71 -0.94 11.06
CD1 DIL P 7 -0.35 -2.35 9.54
OXT DIL P 7 3.09 -1.16 14.01
N DTH Q 1 -15.03 -9.81 -15.40
CA DTH Q 1 -13.84 -9.29 -14.75
CB DTH Q 1 -13.52 -10.05 -13.46
CG2 DTH Q 1 -13.44 -11.54 -13.74
OG1 DTH Q 1 -14.55 -9.80 -12.49
C DTH Q 1 -14.02 -7.81 -14.42
O DTH Q 1 -14.97 -7.43 -13.75
N DLE Q 2 -13.12 -6.97 -14.95
CA DLE Q 2 -13.20 -5.53 -14.77
CB DLE Q 2 -13.62 -4.85 -16.08
CG DLE Q 2 -13.50 -3.33 -16.15
CD1 DLE Q 2 -14.43 -2.67 -15.14
CD2 DLE Q 2 -13.82 -2.86 -17.55
C DLE Q 2 -11.85 -4.99 -14.31
O DLE Q 2 -10.82 -5.27 -14.94
N DLY Q 3 -11.86 -4.20 -13.23
CA DLY Q 3 -10.69 -3.50 -12.76
C DLY Q 3 -10.97 -2.00 -12.76
O DLY Q 3 -11.93 -1.55 -12.13
CB DLY Q 3 -10.30 -3.95 -11.35
CG DLY Q 3 -9.11 -3.21 -10.77
CD DLY Q 3 -9.00 -3.40 -9.26
CE DLY Q 3 -7.73 -2.77 -8.71
NZ DLY Q 3 -7.60 -2.97 -7.24
N DIL Q 4 -10.15 -1.25 -13.50
CA DIL Q 4 -10.29 0.20 -13.58
C DIL Q 4 -8.97 0.82 -13.11
O DIL Q 4 -7.91 0.56 -13.70
CB DIL Q 4 -10.62 0.67 -15.00
CG1 DIL Q 4 -11.93 0.04 -15.47
CG2 DIL Q 4 -10.70 2.19 -15.06
CD1 DIL Q 4 -12.24 0.33 -16.91
N DVA Q 5 -9.05 1.65 -12.07
CA DVA Q 5 -7.91 2.40 -11.58
CB DVA Q 5 -7.47 1.96 -10.18
CG1 DVA Q 5 -6.40 2.89 -9.64
CG2 DVA Q 5 -6.96 0.52 -10.21
C DVA Q 5 -8.29 3.88 -11.59
O DVA Q 5 -9.27 4.27 -10.96
N DTR Q 6 -7.54 4.68 -12.34
CA DTR Q 6 -7.76 6.11 -12.39
CB DTR Q 6 -8.28 6.54 -13.77
CG DTR Q 6 -8.32 8.03 -13.96
CD1 DTR Q 6 -9.27 8.89 -13.49
NE1 DTR Q 6 -8.97 10.17 -13.86
CE2 DTR Q 6 -7.81 10.16 -14.59
CZ2 DTR Q 6 -7.12 11.21 -15.18
CH2 DTR Q 6 -5.96 10.90 -15.86
CZ3 DTR Q 6 -5.51 9.58 -15.96
CE3 DTR Q 6 -6.20 8.54 -15.38
CD2 DTR Q 6 -7.38 8.83 -14.68
C DTR Q 6 -6.46 6.83 -12.08
O DTR Q 6 -5.42 6.55 -12.69
N DIL Q 7 -6.52 7.79 -11.16
CA DIL Q 7 -5.35 8.52 -10.71
C DIL Q 7 -5.65 10.01 -10.61
O DIL Q 7 -4.87 10.85 -11.05
CB DIL Q 7 -4.83 7.98 -9.36
CG1 DIL Q 7 -4.46 6.49 -9.45
CG2 DIL Q 7 -3.61 8.76 -8.91
CD1 DIL Q 7 -3.93 5.93 -8.15
OXT DIL Q 7 -6.69 10.40 -10.08
N DTH R 1 -9.43 11.13 -9.04
CA DTH R 1 -9.71 9.94 -8.25
CB DTH R 1 -8.62 9.67 -7.22
CG2 DTH R 1 -8.26 10.95 -6.50
OG1 DTH R 1 -7.45 9.18 -7.90
C DTH R 1 -9.86 8.75 -9.17
O DTH R 1 -8.91 8.35 -9.85
N DLE R 2 -11.08 8.22 -9.25
CA DLE R 2 -11.41 7.11 -10.15
CB DLE R 2 -12.37 7.59 -11.25
CG DLE R 2 -12.97 6.48 -12.13
CD1 DLE R 2 -11.90 5.91 -13.04
CD2 DLE R 2 -14.13 7.02 -12.93
C DLE R 2 -12.06 5.99 -9.35
O DLE R 2 -13.06 6.21 -8.66
N DLY R 3 -11.49 4.79 -9.45
CA DLY R 3 -12.09 3.60 -8.88
C DLY R 3 -12.38 2.61 -10.00
O DLY R 3 -11.46 2.21 -10.73
CB DLY R 3 -11.18 2.95 -7.83
CG DLY R 3 -11.77 1.69 -7.20
CD DLY R 3 -10.74 0.91 -6.41
CE DLY R 3 -11.39 -0.22 -5.63
NZ DLY R 3 -10.40 -0.99 -4.82
N DIL R 4 -13.63 2.23 -10.15
CA DIL R 4 -14.04 1.23 -11.12
C DIL R 4 -14.74 0.09 -10.37
O DIL R 4 -15.72 0.33 -9.67
CB DIL R 4 -14.97 1.81 -12.20
CG1 DIL R 4 -14.22 2.84 -13.02
CG2 DIL R 4 -15.53 0.70 -13.08
CD1 DIL R 4 -15.06 3.48 -14.11
N DVA R 5 -14.21 -1.11 -10.52
CA DVA R 5 -14.83 -2.31 -9.97
CB DVA R 5 -13.95 -2.99 -8.92
CG1 DVA R 5 -14.55 -4.32 -8.50
CG2 DVA R 5 -13.77 -2.08 -7.72
C DVA R 5 -15.11 -3.25 -11.13
O DVA R 5 -14.20 -3.63 -11.87
N DTR R 6 -16.38 -3.63 -11.29
CA DTR R 6 -16.77 -4.51 -12.38
CB DTR R 6 -17.59 -3.74 -13.43
CG DTR R 6 -18.19 -4.60 -14.49
CD1 DTR R 6 -17.52 -5.31 -15.45
NE1 DTR R 6 -18.41 -5.97 -16.24
CE2 DTR R 6 -19.68 -5.71 -15.81
CZ2 DTR R 6 -20.91 -6.15 -16.30
CH2 DTR R 6 -22.04 -5.72 -15.67
CZ3 DTR R 6 -21.96 -4.85 -14.57
CE3 DTR R 6 -20.75 -4.41 -14.08
CD2 DTR R 6 -19.58 -4.84 -14.71
C DTR R 6 -17.60 -5.66 -11.82
O DTR R 6 -18.59 -5.44 -11.13
N DIL R 7 -17.21 -6.88 -12.18
CA DIL R 7 -17.93 -8.06 -11.73
C DIL R 7 -18.23 -8.98 -12.92
O DIL R 7 -17.34 -9.26 -13.73
CB DIL R 7 -17.13 -8.82 -10.66
CG1 DIL R 7 -17.01 -7.98 -9.38
CG2 DIL R 7 -17.78 -10.15 -10.35
CD1 DIL R 7 -16.39 -8.73 -8.22
OXT DIL R 7 -19.35 -9.44 -13.10
N DTH S 1 -9.71 13.95 -20.44
CA DTH S 1 -10.17 12.97 -21.42
CB DTH S 1 -10.98 13.65 -22.55
CG2 DTH S 1 -11.57 12.60 -23.48
OG1 DTH S 1 -10.11 14.51 -23.30
C DTH S 1 -11.03 11.92 -20.75
O DTH S 1 -12.05 12.22 -20.12
N DLE S 2 -10.62 10.67 -20.87
CA DLE S 2 -11.35 9.53 -20.31
CB DLE S 2 -10.47 8.72 -19.36
CG DLE S 2 -11.11 7.47 -18.76
CD1 DLE S 2 -12.35 7.84 -17.97
CD2 DLE S 2 -10.12 6.72 -17.89
C DLE S 2 -11.83 8.64 -21.47
O DLE S 2 -11.02 8.19 -22.28
N DLY S 3 -13.13 8.40 -21.52
CA DLY S 3 -13.73 7.49 -22.49
C DLY S 3 -14.47 6.40 -21.74
O DLY S 3 -15.48 6.67 -21.08
CB DLY S 3 -14.66 8.25 -23.44
CG DLY S 3 -15.35 7.34 -24.46
CD DLY S 3 -16.28 8.12 -25.37
CE DLY S 3 -16.96 7.20 -26.36
NZ DLY S 3 -17.91 7.94 -27.26
N DIL S 4 -13.98 5.18 -21.83
CA DIL S 4 -14.65 4.02 -21.27
C DIL S 4 -14.97 3.06 -22.42
O DIL S 4 -14.07 2.68 -23.18
CB DIL S 4 -13.80 3.32 -20.20
CG1 DIL S 4 -13.59 4.26 -19.00
CG2 DIL S 4 -14.44 2.02 -19.75
CD1 DIL S 4 -12.65 3.74 -17.95
N DVA S 5 -16.24 2.71 -22.55
CA DVA S 5 -16.68 1.77 -23.58
CB DVA S 5 -17.54 2.47 -24.66
CG1 DVA S 5 -18.06 1.44 -25.65
CG2 DVA S 5 -16.73 3.53 -25.38
C DVA S 5 -17.48 0.66 -22.91
O DVA S 5 -18.47 0.93 -22.23
N DTR S 6 -17.04 -0.57 -23.10
CA DTR S 6 -17.78 -1.75 -22.67
CB DTR S 6 -16.94 -2.61 -21.71
CG DTR S 6 -17.32 -4.06 -21.73
CD1 DTR S 6 -16.58 -5.10 -22.22
NE1 DTR S 6 -17.26 -6.28 -22.08
CE2 DTR S 6 -18.48 -6.02 -21.49
CZ2 DTR S 6 -19.50 -6.89 -21.14
CH2 DTR S 6 -20.61 -6.35 -20.55
CZ3 DTR S 6 -20.72 -4.98 -20.31
CE3 DTR S 6 -19.69 -4.11 -20.65
CD2 DTR S 6 -18.54 -4.64 -21.25
C DTR S 6 -18.18 -2.57 -23.89
O DTR S 6 -17.32 -2.94 -24.69
N DIL S 7 -19.46 -2.85 -24.02
CA DIL S 7 -19.98 -3.57 -25.16
C DIL S 7 -20.99 -4.63 -24.73
O DIL S 7 -20.90 -5.79 -25.09
CB DIL S 7 -20.61 -2.61 -26.20
CG1 DIL S 7 -19.52 -1.80 -26.90
CG2 DIL S 7 -21.43 -3.40 -27.21
CD1 DIL S 7 -20.06 -0.83 -27.92
OXT DIL S 7 -21.94 -4.32 -24.00
N DTH T 1 -23.94 -3.83 -22.07
CA DTH T 1 -23.92 -2.38 -22.13
CB DTH T 1 -24.24 -1.87 -23.55
CG2 DTH T 1 -24.15 -0.35 -23.60
OG1 DTH T 1 -25.55 -2.28 -23.92
C DTH T 1 -22.55 -1.84 -21.71
O DTH T 1 -21.54 -2.09 -22.35
N DLE T 2 -22.54 -1.11 -20.59
CA DLE T 2 -21.33 -0.47 -20.08
CB DLE T 2 -20.97 -0.99 -18.69
CG DLE T 2 -19.73 -0.37 -18.05
CD1 DLE T 2 -18.48 -0.71 -18.83
CD2 DLE T 2 -19.60 -0.82 -16.60
C DLE T 2 -21.56 1.03 -20.05
O DLE T 2 -22.52 1.50 -19.41
N DLY T 3 -20.70 1.78 -20.72
CA DLY T 3 -20.76 3.24 -20.73
C DLY T 3 -19.44 3.80 -20.26
O DLY T 3 -18.40 3.55 -20.86
CB DLY T 3 -21.11 3.76 -22.14
CG DLY T 3 -21.31 5.27 -22.20
CD DLY T 3 -21.73 5.71 -23.58
CE DLY T 3 -22.09 7.19 -23.61
NZ DLY T 3 -22.59 7.61 -24.95
N DIL T 4 -19.50 4.59 -19.19
CA DIL T 4 -18.33 5.30 -18.67
C DIL T 4 -18.55 6.80 -18.88
O DIL T 4 -19.50 7.38 -18.33
CB DIL T 4 -18.10 5.00 -17.17
CG1 DIL T 4 -18.33 3.52 -16.90
CG2 DIL T 4 -16.70 5.40 -16.77
CD1 DIL T 4 -18.40 3.18 -15.43
N DVA T 5 -17.68 7.42 -19.65
CA DVA T 5 -17.69 8.87 -19.87
CB DVA T 5 -17.97 9.24 -21.32
CG1 DVA T 5 -17.83 10.74 -21.51
CG2 DVA T 5 -19.36 8.78 -21.72
C DVA T 5 -16.34 9.41 -19.41
O DVA T 5 -15.31 9.13 -20.03
N DTR T 6 -16.33 10.19 -18.34
CA DTR T 6 -15.12 10.85 -17.84
CB DTR T 6 -14.82 10.43 -16.41
CG DTR T 6 -13.88 11.36 -15.69
CD1 DTR T 6 -14.13 12.07 -14.56
NE1 DTR T 6 -13.04 12.81 -14.21
CE2 DTR T 6 -12.04 12.59 -15.13
CZ2 DTR T 6 -10.74 13.11 -15.20
CH2 DTR T 6 -9.95 12.70 -16.24
CZ3 DTR T 6 -10.43 11.79 -17.20
CE3 DTR T 6 -11.70 11.27 -17.13
CD2 DTR T 6 -12.53 11.68 -16.08
C DTR T 6 -15.31 12.36 -17.94
O DTR T 6 -16.26 12.91 -17.38
N DIL T 7 -14.40 13.02 -18.65
CA DIL T 7 -14.47 14.47 -18.82
C DIL T 7 -13.13 15.11 -18.51
O DIL T 7 -12.11 14.78 -19.12
CB DIL T 7 -14.95 14.83 -20.24
CG1 DIL T 7 -16.39 14.36 -20.46
CG2 DIL T 7 -14.84 16.34 -20.46
CD1 DIL T 7 -16.93 14.68 -21.84
OXT DIL T 7 -13.02 15.99 -17.67
N DTH U 1 10.72 -10.29 -5.41
CA DTH U 1 11.92 -9.83 -4.73
CB DTH U 1 12.15 -10.60 -3.43
CG2 DTH U 1 11.98 -12.09 -3.66
OG1 DTH U 1 11.19 -10.17 -2.45
C DTH U 1 11.83 -8.35 -4.44
O DTH U 1 10.89 -7.90 -3.78
N DLE U 2 12.78 -7.59 -4.96
CA DLE U 2 12.80 -6.15 -4.81
CB DLE U 2 12.41 -5.45 -6.11
CG DLE U 2 12.62 -3.93 -6.14
CD1 DLE U 2 11.49 -3.23 -5.39
CD2 DLE U 2 12.75 -3.41 -7.56
C DLE U 2 14.18 -5.70 -4.37
O DLE U 2 15.18 -6.07 -4.99
N DLY U 3 14.24 -4.89 -3.32
CA DLY U 3 15.46 -4.21 -2.92
C DLY U 3 15.22 -2.70 -2.92
O DLY U 3 14.26 -2.23 -2.29
CB DLY U 3 15.95 -4.65 -1.53
CG DLY U 3 16.64 -3.54 -0.76
CD DLY U 3 17.34 -4.04 0.48
CE DLY U 3 18.72 -4.58 0.17
NZ DLY U 3 19.45 -4.98 1.40
N DIL U 4 16.07 -1.97 -3.61
CA DIL U 4 16.06 -0.52 -3.59
C DIL U 4 17.41 -0.06 -3.04
O DIL U 4 18.45 -0.40 -3.59
CB DIL U 4 15.80 0.10 -4.97
CG1 DIL U 4 14.33 -0.08 -5.36
CG2 DIL U 4 16.20 1.56 -4.99
CD1 DIL U 4 13.94 0.63 -6.63
N DVA U 5 17.37 0.72 -1.96
CA DVA U 5 18.58 1.28 -1.36
CB DVA U 5 18.79 0.76 0.07
CG1 DVA U 5 19.98 1.46 0.71
CG2 DVA U 5 19.00 -0.74 0.06
C DVA U 5 18.44 2.79 -1.37
O DVA U 5 17.50 3.34 -0.79
N DTR U 6 19.39 3.45 -2.02
CA DTR U 6 19.45 4.90 -2.05
CB DTR U 6 19.33 5.42 -3.49
CG DTR U 6 19.74 6.85 -3.66
CD1 DTR U 6 20.82 7.31 -4.34
NE1 DTR U 6 20.87 8.68 -4.28
CE2 DTR U 6 19.81 9.13 -3.55
CZ2 DTR U 6 19.43 10.43 -3.22
CH2 DTR U 6 18.30 10.58 -2.47
CZ3 DTR U 6 17.54 9.49 -2.04
CE3 DTR U 6 17.92 8.20 -2.38
CD2 DTR U 6 19.07 8.00 -3.14
C DTR U 6 20.77 5.33 -1.43
O DTR U 6 21.85 4.98 -1.95
N DIL U 7 20.70 6.08 -0.34
CA DIL U 7 21.91 6.56 0.33
C DIL U 7 21.87 8.08 0.43
O DIL U 7 22.62 8.78 -0.24
CB DIL U 7 22.06 5.93 1.73
CG1 DIL U 7 22.15 4.39 1.60
CG2 DIL U 7 23.27 6.47 2.43
CD1 DIL U 7 22.24 3.69 2.94
OXT DIL U 7 21.08 8.64 1.19
N DTH V 1 18.70 9.32 2.48
CA DTH V 1 17.77 8.24 2.81
CB DTH V 1 18.32 7.35 3.93
CG2 DTH V 1 17.33 6.26 4.29
OG1 DTH V 1 18.58 8.14 5.10
C DTH V 1 17.46 7.38 1.59
O DTH V 1 18.36 6.91 0.91
N DLE V 2 16.16 7.17 1.33
CA DLE V 2 15.69 6.29 0.27
CB DLE V 2 14.92 7.09 -0.78
CG DLE V 2 14.22 6.28 -1.87
CD1 DLE V 2 15.24 5.51 -2.69
CD2 DLE V 2 13.37 7.18 -2.74
C DLE V 2 14.81 5.21 0.89
O DLE V 2 13.81 5.53 1.53
N DLY V 3 15.20 3.96 0.69
CA DLY V 3 14.40 2.81 1.14
C DLY V 3 14.10 1.92 -0.05
O DLY V 3 15.03 1.47 -0.74
CB DLY V 3 15.12 2.03 2.23
CG DLY V 3 15.40 2.83 3.50
CD DLY V 3 16.14 2.00 4.53
CE DLY V 3 16.36 2.80 5.81
NZ DLY V 3 17.04 1.99 6.86
N DIL V 4 12.82 1.65 -0.30
CA DIL V 4 12.39 0.70 -1.30
C DIL V 4 11.57 -0.38 -0.60
O DIL V 4 10.57 -0.07 0.06
CB DIL V 4 11.57 1.36 -2.42
CG1 DIL V 4 12.46 2.29 -3.24
CG2 DIL V 4 10.90 0.32 -3.30
CD1 DIL V 4 11.77 2.87 -4.45
N DVA V 5 11.99 -1.64 -0.75
CA DVA V 5 11.28 -2.78 -0.19
CB DVA V 5 12.09 -3.49 0.90
CG1 DVA V 5 11.29 -4.63 1.48
CG2 DVA V 5 12.50 -2.51 1.98
C DVA V 5 10.95 -3.73 -1.33
O DVA V 5 11.85 -4.18 -2.04
N DTR V 6 9.67 -4.01 -1.50
CA DTR V 6 9.20 -4.92 -2.55
CB DTR V 6 8.41 -4.17 -3.63
CG DTR V 6 7.44 -5.04 -4.35
CD1 DTR V 6 6.09 -5.07 -4.17
NE1 DTR V 6 5.52 -6.00 -5.01
CE2 DTR V 6 6.52 -6.60 -5.75
CZ2 DTR V 6 6.43 -7.59 -6.72
CH2 DTR V 6 7.61 -8.00 -7.30
CZ3 DTR V 6 8.83 -7.44 -6.94
CE3 DTR V 6 8.92 -6.45 -5.97
CD2 DTR V 6 7.74 -6.01 -5.36
C DTR V 6 8.33 -6.00 -1.94
O DTR V 6 7.34 -5.71 -1.27
N DIL V 7 8.64 -7.26 -2.27
CA DIL V 7 7.91 -8.39 -1.76
C DIL V 7 7.65 -9.39 -2.89
O DIL V 7 8.55 -9.78 -3.61
CB DIL V 7 8.67 -9.06 -0.60
CG1 DIL V 7 8.48 -8.26 0.69
CG2 DIL V 7 8.21 -10.48 -0.42
CD1 DIL V 7 8.93 -8.98 1.93
OXT DIL V 7 6.50 -9.80 -3.10
N DTH W 1 17.12 16.71 -8.51
CA DTH W 1 16.86 15.60 -9.42
CB DTH W 1 16.22 16.08 -10.73
CG2 DTH W 1 17.15 17.06 -11.44
OG1 DTH W 1 14.98 16.73 -10.46
C DTH W 1 15.93 14.59 -8.76
O DTH W 1 14.91 14.95 -8.17
N DLE W 2 16.29 13.32 -8.85
CA DLE W 2 15.47 12.21 -8.35
CB DLE W 2 16.15 11.50 -7.19
CG DLE W 2 15.46 10.22 -6.72
CD1 DLE W 2 14.14 10.55 -6.05
CD2 DLE W 2 16.36 9.44 -5.78
C DLE W 2 15.22 11.23 -9.49
O DLE W 2 16.16 10.79 -10.15
N DLY W 3 13.96 10.88 -9.70
CA DLY W 3 13.59 9.86 -10.67
C DLY W 3 12.74 8.81 -9.99
O DLY W 3 11.73 9.13 -9.36
CB DLY W 3 12.83 10.47 -11.86
CG DLY W 3 12.33 9.44 -12.86
CD DLY W 3 11.50 10.08 -13.96
CE DLY W 3 11.03 9.04 -14.96
NZ DLY W 3 10.18 9.63 -16.04
N DIL W 4 13.15 7.55 -10.11
CA DIL W 4 12.39 6.41 -9.63
C DIL W 4 12.12 5.48 -10.79
O DIL W 4 13.05 5.05 -11.48
CB DIL W 4 13.13 5.66 -8.50
CG1 DIL W 4 13.15 6.49 -7.23
CG2 DIL W 4 12.49 4.31 -8.25
CD1 DIL W 4 13.84 5.80 -6.08
N DVA W 5 10.85 5.15 -11.02
CA DVA W 5 10.45 4.13 -11.98
CB DVA W 5 9.66 4.73 -13.15
CG1 DVA W 5 9.01 3.62 -13.95
CG2 DVA W 5 10.57 5.55 -14.04
C DVA W 5 9.63 3.09 -11.24
O DVA W 5 8.63 3.41 -10.60
N DTR W 6 10.05 1.82 -11.36
CA DTR W 6 9.32 0.70 -10.79
CB DTR W 6 10.10 0.03 -9.66
CG DTR W 6 9.65 -1.38 -9.41
CD1 DTR W 6 10.23 -2.52 -9.88
NE1 DTR W 6 9.53 -3.62 -9.46
CE2 DTR W 6 8.49 -3.21 -8.69
CZ2 DTR W 6 7.50 -3.95 -8.03
CH2 DTR W 6 6.56 -3.26 -7.33
CZ3 DTR W 6 6.57 -1.87 -7.26
CE3 DTR W 6 7.53 -1.13 -7.91
CD2 DTR W 6 8.52 -1.81 -8.63
C DTR W 6 9.02 -0.31 -11.89
O DTR W 6 9.94 -0.75 -12.59
N DIL W 7 7.77 -0.76 -11.95
CA DIL W 7 7.32 -1.63 -13.02
C DIL W 7 6.35 -2.67 -12.47
O DIL W 7 6.48 -3.86 -12.73
CB DIL W 7 6.68 -0.83 -14.16
CG1 DIL W 7 7.77 -0.19 -15.04
CG2 DIL W 7 5.76 -1.69 -14.98
CD1 DIL W 7 7.20 0.58 -16.22
OXT DIL W 7 5.41 -2.33 -11.75
N DTH X 1 3.67 -1.51 -9.38
CA DTH X 1 3.47 -0.16 -9.88
CB DTH X 1 3.03 -0.17 -11.34
CG2 DTH X 1 1.97 -1.24 -11.55
OG1 DTH X 1 4.16 -0.47 -12.18
C DTH X 1 4.76 0.63 -9.71
O DTH X 1 5.77 0.30 -10.34
N DLE X 2 4.76 1.59 -8.80
CA DLE X 2 5.93 2.37 -8.47
CB DLE X 2 6.44 2.03 -7.06
CG DLE X 2 7.45 3.01 -6.48
CD1 DLE X 2 8.77 2.91 -7.23
CD2 DLE X 2 7.65 2.76 -5.00
C DLE X 2 5.63 3.85 -8.55
O DLE X 2 4.67 4.33 -7.94
N DLY X 3 6.48 4.59 -9.26
CA DLY X 3 6.43 6.04 -9.27
C DLY X 3 7.75 6.58 -8.76
O DLY X 3 8.80 6.26 -9.32
CB DLY X 3 6.12 6.61 -10.66
CG DLY X 3 6.58 8.05 -10.85
CD DLY X 3 6.28 8.59 -12.23
CE DLY X 3 4.89 9.20 -12.30
NZ DLY X 3 4.62 9.81 -13.63
N DIL X 4 7.69 7.40 -7.72
CA DIL X 4 8.87 8.08 -7.17
C DIL X 4 8.63 9.57 -7.31
O DIL X 4 7.67 10.11 -6.75
CB DIL X 4 9.12 7.71 -5.71
CG1 DIL X 4 9.45 6.22 -5.57
CG2 DIL X 4 10.24 8.56 -5.14
CD1 DIL X 4 9.61 5.78 -4.13
N DVA X 5 9.53 10.25 -8.02
CA DVA X 5 9.49 11.71 -8.15
CB DVA X 5 9.26 12.15 -9.59
CG1 DVA X 5 9.38 13.66 -9.70
CG2 DVA X 5 7.90 11.67 -10.07
C DVA X 5 10.81 12.25 -7.61
O DVA X 5 11.88 11.94 -8.14
N DTR X 6 10.73 13.11 -6.60
CA DTR X 6 11.90 13.76 -6.00
CB DTR X 6 12.06 13.37 -4.54
CG DTR X 6 12.90 14.32 -3.75
CD1 DTR X 6 12.47 15.28 -2.89
NE1 DTR X 6 13.54 15.96 -2.36
CE2 DTR X 6 14.70 15.43 -2.88
CZ2 DTR X 6 16.02 15.78 -2.65
CH2 DTR X 6 16.99 15.08 -3.30
CZ3 DTR X 6 16.66 14.04 -4.19
CE3 DTR X 6 15.34 13.69 -4.42
CD2 DTR X 6 14.33 14.39 -3.76
C DTR X 6 11.73 15.27 -6.15
O DTR X 6 10.79 15.84 -5.61
N DIL X 7 12.68 15.90 -6.83
CA DIL X 7 12.63 17.34 -7.03
C DIL X 7 13.92 17.97 -6.49
O DIL X 7 15.03 17.51 -6.78
CB DIL X 7 12.43 17.70 -8.51
CG1 DIL X 7 11.11 17.11 -9.01
CG2 DIL X 7 12.43 19.21 -8.69
CD1 DIL X 7 10.85 17.35 -10.49
OXT DIL X 7 13.89 18.97 -5.77
N DTH Y 1 22.13 10.75 3.20
CA DTH Y 1 23.44 11.33 3.45
CB DTH Y 1 24.08 10.77 4.73
CG2 DTH Y 1 24.06 9.25 4.72
OG1 DTH Y 1 23.36 11.23 5.88
C DTH Y 1 23.35 12.84 3.59
O DTH Y 1 22.40 13.37 4.17
N DLE Y 2 24.36 13.54 3.06
CA DLE Y 2 24.45 14.99 3.15
CB DLE Y 2 24.38 15.63 1.76
CG DLE Y 2 24.72 17.11 1.67
CD1 DLE Y 2 23.73 17.95 2.47
CD2 DLE Y 2 24.75 17.57 0.22
C DLE Y 2 25.76 15.35 3.83
O DLE Y 2 26.84 14.97 3.36
N DLY Y 3 25.67 16.09 4.93
CA DLY Y 3 26.83 16.56 5.67
C DLY Y 3 26.75 18.07 5.80
O DLY Y 3 25.79 18.60 6.36
CB DLY Y 3 26.92 15.91 7.05
CG DLY Y 3 27.87 16.62 7.99
CD DLY Y 3 27.67 16.16 9.43
CE DLY Y 3 28.49 16.99 10.40
NZ DLY Y 3 28.19 16.65 11.82
N DIL Y 4 27.78 18.76 5.30
CA DIL Y 4 27.89 20.20 5.44
C DIL Y 4 29.23 20.52 6.08
O DIL Y 4 30.28 20.10 5.58
CB DIL Y 4 27.76 20.92 4.08
CG1 DIL Y 4 26.45 20.53 3.41
CG2 DIL Y 4 27.85 22.42 4.27
CD1 DIL Y 4 26.34 21.01 1.98
N DVA Y 5 29.20 21.26 7.19
CA DVA Y 5 30.40 21.69 7.89
CB DVA Y 5 30.50 21.06 9.28
CG1 DVA Y 5 31.62 21.73 10.08
CG2 DVA Y 5 30.76 19.57 9.17
C DVA Y 5 30.37 23.21 7.97
O DVA Y 5 29.41 23.78 8.51
N DTR Y 6 31.41 23.86 7.47
CA DTR Y 6 31.58 25.30 7.56
CB DTR Y 6 31.61 25.95 6.18
CG DTR Y 6 31.75 27.43 6.21
CD1 DTR Y 6 30.75 28.36 6.20
NE1 DTR Y 6 31.27 29.63 6.24
CE2 DTR Y 6 32.64 29.55 6.27
CZ2 DTR Y 6 33.59 30.55 6.32
CH2 DTR Y 6 34.90 30.17 6.35
CZ3 DTR Y 6 35.28 28.82 6.33
CE3 DTR Y 6 34.33 27.82 6.28
CD2 DTR Y 6 32.97 28.17 6.26
C DTR Y 6 32.87 25.59 8.31
O DTR Y 6 33.95 25.18 7.87
N DIL Y 7 32.76 26.31 9.42
CA DIL Y 7 33.92 26.64 10.23
C DIL Y 7 34.11 28.15 10.27
O DIL Y 7 35.21 28.66 10.16
CB DIL Y 7 33.80 26.06 11.64
CG1 DIL Y 7 33.58 24.54 11.58
CG2 DIL Y 7 35.02 26.39 12.48
CD1 DIL Y 7 33.37 23.89 12.92
OXT DIL Y 7 33.14 28.90 10.44
N DTH Z 1 30.85 29.50 12.06
CA DTH Z 1 29.79 28.51 12.30
CB DTH Z 1 30.18 27.56 13.45
CG2 DTH Z 1 29.08 26.54 13.68
OG1 DTH Z 1 30.40 28.31 14.65
C DTH Z 1 29.51 27.71 11.05
O DTH Z 1 30.41 27.19 10.40
N DLE Z 2 28.22 27.62 10.70
CA DLE Z 2 27.77 26.85 9.54
CB DLE Z 2 27.18 27.77 8.47
CG DLE Z 2 26.68 27.08 7.20
CD1 DLE Z 2 27.82 26.35 6.52
CD2 DLE Z 2 26.05 28.09 6.26
C DLE Z 2 26.75 25.83 10.02
O DLE Z 2 25.71 26.21 10.58
N DLY Z 3 27.04 24.55 9.80
CA DLY Z 3 26.13 23.47 10.16
C DLY Z 3 25.84 22.65 8.91
O DLY Z 3 26.77 22.14 8.27
CB DLY Z 3 26.73 22.58 11.25
CG DLY Z 3 25.82 21.45 11.70
CD DLY Z 3 26.43 20.68 12.86
CE DLY Z 3 25.49 19.57 13.32
NZ DLY Z 3 26.03 18.84 14.49
N DIL Z 4 24.56 22.51 8.59
CA DIL Z 4 24.11 21.75 7.44
C DIL Z 4 23.14 20.67 7.93
O DIL Z 4 22.10 20.99 8.51
CB DIL Z 4 23.44 22.65 6.39
CG1 DIL Z 4 24.45 23.64 5.82
CG2 DIL Z 4 22.83 21.80 5.28
CD1 DIL Z 4 23.84 24.93 5.35
N DVA Z 5 23.47 19.41 7.67
CA DVA Z 5 22.62 18.29 8.02
CB DVA Z 5 23.24 17.41 9.12
CG1 DVA Z 5 22.35 16.22 9.42
CG2 DVA Z 5 23.48 18.24 10.37
C DVA Z 5 22.37 17.47 6.76
O DVA Z 5 23.32 17.00 6.13
N DTR Z 6 21.10 17.29 6.41
CA DTR Z 6 20.69 16.44 5.29
CB DTR Z 6 20.03 17.28 4.18
CG DTR Z 6 19.13 16.48 3.30
CD1 DTR Z 6 17.77 16.46 3.32
NE1 DTR Z 6 17.29 15.61 2.37
CE2 DTR Z 6 18.35 15.05 1.69
CZ2 DTR Z 6 18.37 14.15 0.63
CH2 DTR Z 6 19.58 13.77 0.15
CZ3 DTR Z 6 20.78 14.26 0.70
CE3 DTR Z 6 20.76 15.18 1.74
CD2 DTR Z 6 19.52 15.58 2.25
C DTR Z 6 19.74 15.37 5.79
O DTR Z 6 18.71 15.69 6.39
N DIL Z 7 20.08 14.11 5.54
CA DIL Z 7 19.25 13.00 5.98
C DIL Z 7 18.87 12.10 4.81
O DIL Z 7 19.71 11.42 4.24
CB DIL Z 7 19.96 12.19 7.08
CG1 DIL Z 7 20.22 13.08 8.31
CG2 DIL Z 7 19.13 10.98 7.47
CD1 DIL Z 7 20.94 12.36 9.42
OXT DIL Z 7 17.71 12.04 4.41
N DTH AA 1 32.13 34.28 1.16
CA DTH AA 1 31.87 33.39 0.03
CB DTH AA 1 31.38 34.17 -1.20
CG2 DTH AA 1 30.95 33.22 -2.30
OG1 DTH AA 1 32.42 35.02 -1.69
C DTH AA 1 30.85 32.32 0.40
O DTH AA 1 29.79 32.63 0.94
N DLE AA 2 31.19 31.07 0.14
CA DLE AA 2 30.30 29.94 0.40
CB DLE AA 2 30.88 29.02 1.47
CG DLE AA 2 30.11 27.73 1.76
CD1 DLE AA 2 28.75 28.02 2.36
CD2 DLE AA 2 30.91 26.82 2.67
C DLE AA 2 30.09 29.18 -0.90
O DLE AA 2 31.06 28.71 -1.51
N DLY AA 3 28.84 29.05 -1.32
CA DLY AA 3 28.47 28.30 -2.51
C DLY AA 3 27.50 27.20 -2.13
O DLY AA 3 26.43 27.47 -1.57
CB DLY AA 3 27.85 29.20 -3.58
CG DLY AA 3 28.69 30.41 -3.95
CD DLY AA 3 27.93 31.35 -4.86
CE DLY AA 3 28.74 32.60 -5.17
NZ DLY AA 3 28.00 33.54 -6.06
N DIL AA 4 27.85 25.95 -2.46
CA DIL AA 4 27.00 24.81 -2.22
C DIL AA 4 26.67 24.17 -3.57
O DIL AA 4 27.57 23.69 -4.27
CB DIL AA 4 27.66 23.78 -1.29
CG1 DIL AA 4 27.82 24.38 0.11
CG2 DIL AA 4 26.85 22.50 -1.25
CD1 DIL AA 4 28.73 23.57 1.01
N DVA AA 5 25.39 24.13 -3.90
CA DVA AA 5 24.91 23.48 -5.12
CB DVA AA 5 24.23 24.48 -6.07
CG1 DVA AA 5 23.65 23.76 -7.27
CG2 DVA AA 5 25.19 25.56 -6.50
C DVA AA 5 23.95 22.37 -4.73
O DVA AA 5 22.89 22.63 -4.16
N DTR AA 6 24.32 21.13 -5.06
CA DTR AA 6 23.50 19.96 -4.79
CB DTR AA 6 24.24 18.98 -3.88
CG DTR AA 6 23.57 17.64 -3.75
CD1 DTR AA 6 24.05 16.45 -4.20
NE1 DTR AA 6 23.16 15.44 -3.90
CE2 DTR AA 6 22.08 15.99 -3.26
CZ2 DTR AA 6 20.92 15.37 -2.77
CH2 DTR AA 6 19.99 16.18 -2.17
CZ3 DTR AA 6 20.20 17.55 -2.04
CE3 DTR AA 6 21.34 18.16 -2.52
CD2 DTR AA 6 22.30 17.37 -3.15
C DTR AA 6 23.16 19.30 -6.11
O DTR AA 6 24.06 18.83 -6.83
N DIL AA 7 21.88 19.25 -6.45
CA DIL AA 7 21.46 18.76 -7.75
C DIL AA 7 20.16 17.94 -7.65
O DIL AA 7 20.04 16.89 -8.27
CB DIL AA 7 21.30 19.93 -8.75
CG1 DIL AA 7 20.66 19.45 -10.05
CG2 DIL AA 7 20.49 21.06 -8.14
CD1 DIL AA 7 20.46 20.56 -11.07
OXT DIL AA 7 19.23 18.32 -6.94
N DTH BA 1 16.99 18.96 -5.43
CA DTH BA 1 17.19 20.38 -5.17
CB DTH BA 1 17.14 21.20 -6.47
CG2 DTH BA 1 17.48 22.66 -6.20
OG1 DTH BA 1 15.83 21.12 -7.04
C DTH BA 1 18.52 20.63 -4.48
O DTH BA 1 19.58 20.25 -5.00
N DLE BA 2 18.47 21.27 -3.31
CA DLE BA 2 19.66 21.65 -2.57
CB DLE BA 2 19.69 20.96 -1.19
CG DLE BA 2 20.81 21.33 -0.23
CD1 DLE BA 2 21.34 20.10 0.48
CD2 DLE BA 2 20.34 22.36 0.79
C DLE BA 2 19.66 23.16 -2.41
O DLE BA 2 18.71 23.73 -1.86
N DLY BA 3 20.71 23.81 -2.90
CA DLY BA 3 20.88 25.25 -2.75
C DLY BA 3 22.21 25.50 -2.05
O DLY BA 3 23.26 25.12 -2.55
CB DLY BA 3 20.83 25.95 -4.10
CG DLY BA 3 21.05 27.46 -4.01
CD DLY BA 3 21.00 28.12 -5.37
CE DLY BA 3 21.17 29.62 -5.25
NZ DLY BA 3 21.09 30.30 -6.58
N DIL BA 4 22.15 26.16 -0.89
CA DIL BA 4 23.33 26.56 -0.16
C DIL BA 4 23.25 28.06 0.08
O DIL BA 4 22.25 28.55 0.63
CB DIL BA 4 23.47 25.81 1.17
CG1 DIL BA 4 23.59 24.30 0.90
CG2 DIL BA 4 24.65 26.31 1.97
CD1 DIL BA 4 23.65 23.46 2.14
N DVA BA 5 24.28 28.79 -0.34
CA DVA BA 5 24.37 30.23 -0.14
CB DVA BA 5 24.29 30.99 -1.48
CG1 DVA BA 5 24.52 32.47 -1.26
CG2 DVA BA 5 22.94 30.75 -2.14
C DVA BA 5 25.68 30.54 0.57
O DVA BA 5 26.75 30.15 0.11
N DTR BA 6 25.58 31.25 1.71
CA DTR BA 6 26.74 31.77 2.40
CB DTR BA 6 26.90 31.12 3.78
CG DTR BA 6 27.95 31.78 4.63
CD1 DTR BA 6 29.28 31.51 4.66
NE1 DTR BA 6 29.92 32.32 5.56
CE2 DTR BA 6 28.99 33.15 6.13
CZ2 DTR BA 6 29.16 34.15 7.09
CH2 DTR BA 6 28.04 34.83 7.49
CZ3 DTR BA 6 26.78 34.54 6.96
CE3 DTR BA 6 26.61 33.55 6.00
CD2 DTR BA 6 27.74 32.85 5.57
C DTR BA 6 26.59 33.28 2.56
O DTR BA 6 25.58 33.76 3.09
N DIL BA 7 27.60 34.02 2.11
CA DIL BA 7 27.59 35.48 2.23
C DIL BA 7 28.90 35.96 2.83
O DIL BA 7 29.93 35.28 2.77
CB DIL BA 7 27.33 36.15 0.87
CG1 DIL BA 7 28.50 35.91 -0.08
CG2 DIL BA 7 26.04 35.64 0.25
CD1 DIL BA 7 28.34 36.55 -1.44
OXT DIL BA 7 28.96 37.06 3.38
N DTH CA 1 -4.90 -38.06 -9.29
CA DTH CA 1 -3.71 -37.31 -8.90
CB DTH CA 1 -3.17 -37.76 -7.53
CG2 DTH CA 1 -2.06 -36.84 -7.06
OG1 DTH CA 1 -2.69 -39.10 -7.62
C DTH CA 1 -3.99 -35.82 -8.86
O DTH CA 1 -4.89 -35.37 -8.13
N DLE CA 2 -3.23 -35.06 -9.63
CA DLE CA 2 -3.30 -33.59 -9.62
CB DLE CA 2 -3.78 -33.05 -10.97
CG DLE CA 2 -3.74 -31.53 -11.11
CD1 DLE CA 2 -4.78 -30.87 -10.23
CD2 DLE CA 2 -3.93 -31.11 -12.56
C DLE CA 2 -1.94 -33.04 -9.28
O DLE CA 2 -0.95 -33.35 -9.97
N DLY CA 3 -1.86 -32.25 -8.23
CA DLY CA 3 -0.65 -31.54 -7.85
C DLY CA 3 -0.93 -30.05 -7.83
O DLY CA 3 -1.84 -29.59 -7.13
CB DLY CA 3 -0.13 -32.01 -6.48
CG DLY CA 3 1.09 -31.25 -5.99
CD DLY CA 3 1.45 -31.66 -4.57
CE DLY CA 3 2.65 -30.86 -4.06
NZ DLY CA 3 2.99 -31.19 -2.66
N DIL CA 4 -0.16 -29.29 -8.60
CA DIL CA 4 -0.22 -27.83 -8.59
C DIL CA 4 1.17 -27.32 -8.24
O DIL CA 4 2.15 -27.63 -8.93
CB DIL CA 4 -0.69 -27.27 -9.94
CG1 DIL CA 4 -2.14 -27.66 -10.20
CG2 DIL CA 4 -0.52 -25.77 -9.98
CD1 DIL CA 4 -2.69 -27.10 -11.49
N DVA CA 5 1.24 -26.50 -7.20
CA DVA CA 5 2.46 -25.78 -6.83
CB DVA CA 5 3.03 -26.23 -5.48
CG1 DVA CA 5 4.16 -25.31 -5.05
CG2 DVA CA 5 3.52 -27.66 -5.57
C DVA CA 5 2.14 -24.29 -6.81
O DVA CA 5 1.21 -23.87 -6.11
N DTR CA 6 2.89 -23.51 -7.57
CA DTR CA 6 2.76 -22.06 -7.56
CB DTR CA 6 2.24 -21.52 -8.90
CG DTR CA 6 2.08 -20.04 -8.89
CD1 DTR CA 6 0.97 -19.33 -8.53
NE1 DTR CA 6 1.20 -17.98 -8.65
CE2 DTR CA 6 2.48 -17.79 -9.10
CZ2 DTR CA 6 3.18 -16.61 -9.36
CH2 DTR CA 6 4.47 -16.73 -9.81
CZ3 DTR CA 6 5.08 -17.98 -9.97
CE3 DTR CA 6 4.39 -19.15 -9.71
CD2 DTR CA 6 3.07 -19.06 -9.25
C DTR CA 6 4.10 -21.44 -7.25
O DTR CA 6 5.11 -21.75 -7.91
N DIL CA 7 4.12 -20.51 -6.30
CA DIL CA 7 5.36 -19.94 -5.79
C DIL CA 7 5.25 -18.42 -5.70
O DIL CA 7 6.13 -17.70 -6.13
CB DIL CA 7 5.72 -20.54 -4.43
CG1 DIL CA 7 6.08 -22.03 -4.55
CG2 DIL CA 7 6.86 -19.79 -3.80
CD1 DIL CA 7 6.55 -22.65 -3.26
OXT DIL CA 7 4.26 -17.90 -5.18
N DTH DA 1 1.70 -17.21 -4.07
CA DTH DA 1 1.28 -18.36 -3.30
CB DTH DA 1 2.32 -18.77 -2.26
CG2 DTH DA 1 1.70 -19.65 -1.20
OG1 DTH DA 1 2.86 -17.59 -1.65
C DTH DA 1 0.99 -19.54 -4.23
O DTH DA 1 1.87 -19.98 -4.97
N DLE DA 2 -0.26 -20.01 -4.24
CA DLE DA 2 -0.67 -21.10 -5.10
CB DLE DA 2 -1.60 -20.63 -6.22
CG DLE DA 2 -2.40 -21.74 -6.92
CD1 DLE DA 2 -1.48 -22.66 -7.70
CD2 DLE DA 2 -3.46 -21.14 -7.83
C DLE DA 2 -1.37 -22.17 -4.28
O DLE DA 2 -2.31 -21.88 -3.54
N DLY DA 3 -0.92 -23.42 -4.42
CA DLY DA 3 -1.59 -24.57 -3.84
C DLY DA 3 -2.03 -25.49 -4.97
O DLY DA 3 -1.20 -25.93 -5.78
CB DLY DA 3 -0.67 -25.33 -2.88
CG DLY DA 3 -1.36 -26.48 -2.17
CD DLY DA 3 -0.37 -27.55 -1.76
CE DLY DA 3 -0.95 -28.47 -0.70
NZ DLY DA 3 0.03 -29.49 -0.25
N DIL DA 4 -3.32 -25.80 -5.01
CA DIL DA 4 -3.88 -26.77 -5.95
C DIL DA 4 -4.48 -27.91 -5.16
O DIL DA 4 -5.43 -27.69 -4.38
CB DIL DA 4 -4.93 -26.13 -6.87
CG1 DIL DA 4 -4.28 -25.11 -7.81
CG2 DIL DA 4 -5.66 -27.19 -7.66
CD1 DIL DA 4 -5.26 -24.43 -8.72
N DVA DA 5 -3.98 -29.12 -5.38
CA DVA DA 5 -4.56 -30.33 -4.80
CB DVA DA 5 -3.58 -31.03 -3.86
CG1 DVA DA 5 -4.08 -32.44 -3.55
CG2 DVA DA 5 -3.42 -30.24 -2.58
C DVA DA 5 -4.96 -31.24 -5.95
O DVA DA 5 -4.12 -31.65 -6.74
N DTR DA 6 -6.25 -31.58 -6.00
CA DTR DA 6 -6.76 -32.57 -6.95
CB DTR DA 6 -7.75 -31.94 -7.93
CG DTR DA 6 -8.49 -32.95 -8.75
CD1 DTR DA 6 -8.04 -33.60 -9.87
NE1 DTR DA 6 -8.99 -34.46 -10.34
CE2 DTR DA 6 -10.09 -34.39 -9.52
CZ2 DTR DA 6 -11.30 -35.06 -9.59
CH2 DTR DA 6 -12.23 -34.78 -8.63
CZ3 DTR DA 6 -11.98 -33.85 -7.61
CE3 DTR DA 6 -10.78 -33.18 -7.54
CD2 DTR DA 6 -9.81 -33.44 -8.51
C DTR DA 6 -7.44 -33.67 -6.15
O DTR DA 6 -8.37 -33.41 -5.37
N DIL DA 7 -7.00 -34.91 -6.34
CA DIL DA 7 -7.53 -36.05 -5.62
C DIL DA 7 -7.77 -37.22 -6.57
O DIL DA 7 -6.88 -37.60 -7.33
CB DIL DA 7 -6.61 -36.46 -4.46
CG1 DIL DA 7 -6.57 -35.36 -3.39
CG2 DIL DA 7 -7.08 -37.78 -3.85
CD1 DIL DA 7 -5.69 -35.70 -2.21
OXT DIL DA 7 -8.85 -37.82 -6.58
N DTH EA 1 3.15 -11.90 -14.72
CA DTH EA 1 2.76 -12.77 -15.82
CB DTH EA 1 2.03 -11.98 -16.92
CG2 DTH EA 1 1.93 -12.83 -18.17
OG1 DTH EA 1 2.76 -10.79 -17.22
C DTH EA 1 1.85 -13.88 -15.32
O DTH EA 1 0.88 -13.63 -14.61
N DLE EA 2 2.23 -15.12 -15.61
CA DLE EA 2 1.50 -16.30 -15.16
CB DLE EA 2 2.30 -17.07 -14.11
CG DLE EA 2 1.86 -18.51 -13.83
CD1 DLE EA 2 0.51 -18.54 -13.14
CD2 DLE EA 2 2.89 -19.25 -13.01
C DLE EA 2 1.18 -17.20 -16.34
O DLE EA 2 2.08 -17.58 -17.09
N DLY EA 3 -0.09 -17.54 -16.50
CA DLY EA 3 -0.52 -18.53 -17.48
C DLY EA 3 -1.26 -19.65 -16.79
O DLY EA 3 -2.22 -19.41 -16.05
CB DLY EA 3 -1.43 -17.90 -18.55
CG DLY EA 3 -1.91 -18.92 -19.58
CD DLY EA 3 -3.13 -18.43 -20.34
CE DLY EA 3 -3.03 -18.77 -21.81
NZ DLY EA 3 -4.18 -18.22 -22.59
N DIL EA 4 -0.82 -20.88 -17.03
CA DIL EA 4 -1.51 -22.08 -16.57
C DIL EA 4 -1.91 -22.87 -17.79
O DIL EA 4 -1.04 -23.26 -18.60
CB DIL EA 4 -0.62 -22.92 -15.63
CG1 DIL EA 4 -0.46 -22.22 -14.29
CG2 DIL EA 4 -1.23 -24.30 -15.44
CD1 DIL EA 4 0.28 -23.04 -13.25
N DVA EA 5 -3.21 -23.11 -17.94
CA DVA EA 5 -3.74 -23.92 -19.03
CB DVA EA 5 -4.66 -23.12 -19.95
CG1 DVA EA 5 -5.37 -24.05 -20.93
CG2 DVA EA 5 -3.86 -22.08 -20.71
C DVA EA 5 -4.49 -25.09 -18.40
O DVA EA 5 -5.45 -24.88 -17.65
N DTR EA 6 -4.06 -26.30 -18.71
CA DTR EA 6 -4.70 -27.51 -18.23
CB DTR EA 6 -3.77 -28.30 -17.30
CG DTR EA 6 -4.32 -29.62 -16.87
CD1 DTR EA 6 -5.51 -29.85 -16.25
NE1 DTR EA 6 -5.67 -31.19 -16.02
CE2 DTR EA 6 -4.57 -31.86 -16.47
CZ2 DTR EA 6 -4.27 -33.22 -16.45
CH2 DTR EA 6 -3.08 -33.60 -16.99
CZ3 DTR EA 6 -2.19 -32.68 -17.55
CE3 DTR EA 6 -2.49 -31.33 -17.57
CD2 DTR EA 6 -3.70 -30.91 -17.02
C DTR EA 6 -5.12 -28.35 -19.42
O DTR EA 6 -4.27 -28.74 -20.23
N DIL EA 7 -6.41 -28.67 -19.51
CA DIL EA 7 -6.92 -29.51 -20.57
C DIL EA 7 -7.58 -30.75 -19.98
O DIL EA 7 -7.29 -31.87 -20.40
CB DIL EA 7 -7.92 -28.74 -21.46
CG1 DIL EA 7 -7.20 -27.61 -22.20
CG2 DIL EA 7 -8.59 -29.68 -22.44
CD1 DIL EA 7 -8.09 -26.82 -23.13
OXT DIL EA 7 -8.40 -30.66 -19.08
N DTH FA 1 -10.62 -29.57 -17.55
CA DTH FA 1 -10.67 -28.12 -17.45
CB DTH FA 1 -11.12 -27.47 -18.76
CG2 DTH FA 1 -11.15 -25.95 -18.63
OG1 DTH FA 1 -12.42 -27.94 -19.12
C DTH FA 1 -9.31 -27.55 -17.06
O DTH FA 1 -8.31 -27.81 -17.72
N DLE FA 2 -9.28 -26.78 -15.97
CA DLE FA 2 -8.06 -26.13 -15.50
CB DLE FA 2 -7.63 -26.69 -14.14
CG DLE FA 2 -6.36 -26.11 -13.56
CD1 DLE FA 2 -5.14 -26.67 -14.26
CD2 DLE FA 2 -6.28 -26.36 -12.06
C DLE FA 2 -8.31 -24.63 -15.39
O DLE FA 2 -9.23 -24.19 -14.69
N DLY FA 3 -7.48 -23.85 -16.09
CA DLY FA 3 -7.49 -22.40 -15.96
C DLY FA 3 -6.12 -21.94 -15.49
O DLY FA 3 -5.11 -22.21 -16.14
CB DLY FA 3 -7.83 -21.73 -17.31
CG DLY FA 3 -9.27 -21.91 -17.75
CD DLY FA 3 -9.53 -21.15 -19.04
CE DLY FA 3 -10.98 -21.25 -19.46
NZ DLY FA 3 -11.25 -20.48 -20.72
N DIL FA 4 -6.09 -21.23 -14.37
CA DIL FA 4 -4.88 -20.57 -13.87
C DIL FA 4 -5.15 -19.08 -13.79
O DIL FA 4 -6.08 -18.64 -13.11
CB DIL FA 4 -4.45 -21.12 -12.50
CG1 DIL FA 4 -3.87 -22.53 -12.64
CG2 DIL FA 4 -3.45 -20.19 -11.84
CD1 DIL FA 4 -3.20 -23.04 -11.39
N DVA FA 5 -4.34 -18.30 -14.50
CA DVA FA 5 -4.43 -16.84 -14.49
CB DVA FA 5 -4.85 -16.29 -15.85
CG1 DVA FA 5 -4.87 -14.76 -15.80
CG2 DVA FA 5 -6.21 -16.82 -16.26
C DVA FA 5 -3.08 -16.29 -14.07
O DVA FA 5 -2.06 -16.58 -14.72
N DTR FA 6 -3.06 -15.50 -13.00
CA DTR FA 6 -1.85 -14.85 -12.53
CB DTR FA 6 -1.46 -15.34 -11.14
CG DTR FA 6 -0.33 -14.57 -10.54
CD1 DTR FA 6 0.99 -14.67 -10.87
NE1 DTR FA 6 1.74 -13.79 -10.13
CE2 DTR FA 6 0.90 -13.08 -9.30
CZ2 DTR FA 6 1.18 -12.10 -8.36
CH2 DTR FA 6 0.12 -11.56 -7.69
CZ3 DTR FA 6 -1.19 -12.00 -7.90
CE3 DTR FA 6 -1.47 -12.98 -8.83
CD2 DTR FA 6 -0.41 -13.54 -9.54
C DTR FA 6 -2.05 -13.34 -12.51
O DTR FA 6 -2.97 -12.84 -11.85
N DIL FA 7 -1.15 -12.61 -13.15
CA DIL FA 7 -1.31 -11.19 -13.37
C DIL FA 7 -0.10 -10.40 -12.86
O DIL FA 7 1.04 -10.74 -13.15
CB DIL FA 7 -1.57 -10.91 -14.86
CG1 DIL FA 7 -3.03 -11.19 -15.22
CG2 DIL FA 7 -1.19 -9.49 -15.21
CD1 DIL FA 7 -3.35 -10.94 -16.68
OXT DIL FA 7 -0.25 -9.42 -12.15
N DTH GA 1 7.78 -30.43 11.89
CA DTH GA 1 8.96 -29.72 12.37
CB DTH GA 1 9.38 -30.19 13.77
CG2 DTH GA 1 10.60 -29.41 14.25
OG1 DTH GA 1 9.69 -31.59 13.73
C DTH GA 1 8.71 -28.22 12.40
O DTH GA 1 7.82 -27.74 13.10
N DLE GA 2 9.48 -27.48 11.60
CA DLE GA 2 9.43 -26.02 11.58
CB DLE GA 2 9.04 -25.51 10.19
CG DLE GA 2 9.01 -23.99 10.02
CD1 DLE GA 2 8.00 -23.36 10.97
CD2 DLE GA 2 8.69 -23.62 8.58
C DLE GA 2 10.78 -25.48 11.99
O DLE GA 2 11.80 -25.81 11.38
N DLY GA 3 10.80 -24.62 13.01
CA DLY GA 3 12.02 -23.98 13.50
C DLY GA 3 11.88 -22.47 13.34
O DLY GA 3 11.01 -21.85 13.97
CB DLY GA 3 12.28 -24.33 14.96
CG DLY GA 3 12.34 -25.82 15.26
CD DLY GA 3 12.48 -26.05 16.76
CE DLY GA 3 12.48 -27.54 17.08
NZ DLY GA 3 12.59 -27.78 18.55
N DIL GA 4 12.77 -21.87 12.55
CA DIL GA 4 12.82 -20.43 12.36
C DIL GA 4 14.10 -19.92 13.00
O DIL GA 4 15.20 -20.20 12.50
CB DIL GA 4 12.75 -20.04 10.87
CG1 DIL GA 4 11.58 -20.73 10.18
CG2 DIL GA 4 12.66 -18.53 10.74
CD1 DIL GA 4 11.98 -21.93 9.35
N DVA GA 5 13.97 -19.13 14.06
CA DVA GA 5 15.10 -18.49 14.72
CB DVA GA 5 15.25 -18.96 16.18
CG1 DVA GA 5 16.46 -18.30 16.83
CG2 DVA GA 5 15.38 -20.49 16.23
C DVA GA 5 14.92 -16.98 14.66
O DVA GA 5 14.01 -16.43 15.31
N DTR GA 6 15.76 -16.30 13.89
CA DTR GA 6 15.82 -14.85 13.85
CB DTR GA 6 15.62 -14.31 12.45
CG DTR GA 6 15.37 -12.83 12.40
CD1 DTR GA 6 14.15 -12.22 12.26
NE1 DTR GA 6 14.32 -10.86 12.26
CE2 DTR GA 6 15.65 -10.56 12.40
CZ2 DTR GA 6 16.30 -9.33 12.44
CH2 DTR GA 6 17.66 -9.34 12.58
CZ3 DTR GA 6 18.37 -10.54 12.67
CE3 DTR GA 6 17.73 -11.76 12.62
CD2 DTR GA 6 16.34 -11.78 12.48
C DTR GA 6 17.17 -14.41 14.42
O DTR GA 6 18.21 -14.79 13.86
N DIL GA 7 17.16 -13.66 15.50
CA DIL GA 7 18.40 -13.32 16.18
C DIL GA 7 18.25 -12.04 17.01
O DIL GA 7 19.15 -11.21 17.05
CB DIL GA 7 18.88 -14.49 17.06
CG1 DIL GA 7 20.18 -14.13 17.80
CG2 DIL GA 7 17.79 -14.92 18.04
CD1 DIL GA 7 20.70 -15.24 18.68
OXT DIL GA 7 17.22 -11.81 17.66
N DTH HA 1 15.15 -10.18 18.25
CA DTH HA 1 14.53 -11.42 18.73
CB DTH HA 1 15.51 -12.25 19.57
CG2 DTH HA 1 14.85 -13.54 20.04
OG1 DTH HA 1 15.95 -11.49 20.71
C DTH HA 1 14.01 -12.27 17.58
O DTH HA 1 14.78 -12.81 16.80
N DLE HA 2 12.69 -12.37 17.49
CA DLE HA 2 12.02 -13.17 16.46
CB DLE HA 2 11.02 -12.33 15.68
CG DLE HA 2 10.20 -13.10 14.64
CD1 DLE HA 2 11.04 -13.36 13.38
CD2 DLE HA 2 8.92 -12.37 14.29
C DLE HA 2 11.35 -14.34 17.15
O DLE HA 2 10.39 -14.15 17.90
N DLY HA 3 11.87 -15.54 16.91
CA DLY HA 3 11.26 -16.76 17.43
C DLY HA 3 11.03 -17.71 16.27
O DLY HA 3 11.98 -18.14 15.61
CB DLY HA 3 12.15 -17.41 18.50
CG DLY HA 3 11.56 -18.69 19.07
CD DLY HA 3 12.43 -19.26 20.17
CE DLY HA 3 11.80 -20.50 20.79
NZ DLY HA 3 12.62 -21.06 21.89
N DIL HA 4 9.76 -18.03 16.02
CA DIL HA 4 9.39 -19.06 15.07
C DIL HA 4 8.50 -20.05 15.81
O DIL HA 4 7.57 -19.65 16.51
CB DIL HA 4 8.69 -18.48 13.83
CG1 DIL HA 4 9.66 -17.58 13.07
CG2 DIL HA 4 8.18 -19.59 12.94
CD1 DIL HA 4 9.09 -16.98 11.81
N DVA HA 5 8.82 -21.33 15.69
CA DVA HA 5 8.01 -22.40 16.26
CB DVA HA 5 8.73 -23.11 17.42
CG1 DVA HA 5 7.89 -24.26 17.95
CG2 DVA HA 5 9.03 -22.12 18.55
C DVA HA 5 7.68 -23.40 15.16
O DVA HA 5 8.57 -23.84 14.43
N DTR HA 6 6.40 -23.74 15.03
CA DTR HA 6 5.96 -24.79 14.13
CB DTR HA 6 4.98 -24.27 13.09
CG DTR HA 6 4.57 -25.31 12.09
CD1 DTR HA 6 5.20 -25.61 10.91
NE1 DTR HA 6 4.53 -26.62 10.26
CE2 DTR HA 6 3.46 -27.00 11.02
CZ2 DTR HA 6 2.49 -27.98 10.78
CH2 DTR HA 6 1.51 -28.14 11.72
CZ3 DTR HA 6 1.47 -27.36 12.88
CE3 DTR HA 6 2.43 -26.39 13.11
CD2 DTR HA 6 3.44 -26.19 12.18
C DTR HA 6 5.29 -25.89 14.97
O DTR HA 6 4.37 -25.62 15.74
N DIL HA 7 5.76 -27.12 14.79
CA DIL HA 7 5.22 -28.25 15.52
C DIL HA 7 4.94 -29.41 14.58
O DIL HA 7 5.78 -29.78 13.75
CB DIL HA 7 6.17 -28.68 16.65
CG1 DIL HA 7 6.28 -27.59 17.72
CG2 DIL HA 7 5.70 -30.00 17.29
CD1 DIL HA 7 7.19 -27.95 18.87
OXT DIL HA 7 3.87 -30.03 14.61
N DTH IA 1 13.65 -7.01 6.24
CA DTH IA 1 13.16 -7.87 5.18
CB DTH IA 1 12.48 -7.06 4.07
CG2 DTH IA 1 12.27 -7.92 2.84
OG1 DTH IA 1 13.30 -5.93 3.72
C DTH IA 1 12.17 -8.89 5.73
O DTH IA 1 11.20 -8.54 6.41
N DLE IA 2 12.46 -10.17 5.51
CA DLE IA 2 11.63 -11.27 5.98
CB DLE IA 2 12.34 -12.09 7.06
CG DLE IA 2 11.66 -13.40 7.46
CD1 DLE IA 2 10.47 -13.14 8.36
CD2 DLE IA 2 12.65 -14.33 8.14
C DLE IA 2 11.26 -12.17 4.81
O DLE IA 2 12.15 -12.63 4.08
N DLY IA 3 9.97 -12.43 4.64
CA DLY IA 3 9.47 -13.41 3.68
C DLY IA 3 8.72 -14.48 4.44
O DLY IA 3 7.76 -14.18 5.16
CB DLY IA 3 8.58 -12.76 2.64
CG DLY IA 3 8.18 -13.71 1.52
CD DLY IA 3 6.82 -13.34 0.94
CE DLY IA 3 6.61 -14.01 -0.40
NZ DLY IA 3 5.37 -13.53 -1.06
N DIL IA 4 9.15 -15.72 4.29
CA DIL IA 4 8.46 -16.88 4.87
C DIL IA 4 8.03 -17.79 3.73
O DIL IA 4 8.88 -18.27 2.97
CB DIL IA 4 9.33 -17.62 5.88
CG1 DIL IA 4 9.51 -16.79 7.14
CG2 DIL IA 4 8.73 -18.98 6.21
CD1 DIL IA 4 10.28 -17.49 8.22
N DVA IA 5 6.74 -18.08 3.64
CA DVA IA 5 6.20 -19.05 2.70
CB DVA IA 5 5.28 -18.41 1.66
CG1 DVA IA 5 4.74 -19.47 0.72
CG2 DVA IA 5 6.01 -17.33 0.89
C DVA IA 5 5.47 -20.11 3.50
O DVA IA 5 4.53 -19.79 4.24
N DTR IA 6 5.89 -21.35 3.37
CA DTR IA 6 5.27 -22.48 4.05
CB DTR IA 6 6.21 -23.11 5.07
CG DTR IA 6 5.60 -24.28 5.79
CD1 DTR IA 6 4.93 -24.26 6.98
NE1 DTR IA 6 4.52 -25.51 7.32
CE2 DTR IA 6 4.92 -26.39 6.34
CZ2 DTR IA 6 4.74 -27.76 6.25
CH2 DTR IA 6 5.26 -28.39 5.14
CZ3 DTR IA 6 5.95 -27.67 4.16
CE3 DTR IA 6 6.12 -26.31 4.26
CD2 DTR IA 6 5.60 -25.64 5.37
C DTR IA 6 4.85 -23.51 3.02
O DTR IA 6 5.69 -23.99 2.24
N DIL IA 7 3.58 -23.90 3.05
CA DIL IA 7 3.08 -24.92 2.15
C DIL IA 7 2.27 -25.94 2.93
O DIL IA 7 2.51 -27.15 2.83
CB DIL IA 7 2.23 -24.30 1.03
CG1 DIL IA 7 3.13 -23.59 0.02
CG2 DIL IA 7 1.41 -25.37 0.35
CD1 DIL IA 7 2.41 -23.14 -1.23
OXT DIL IA 7 1.36 -25.60 3.69
N DTH JA 1 -0.50 -24.62 5.63
CA DTH JA 1 -0.67 -23.21 5.33
CB DTH JA 1 -1.25 -23.00 3.93
CG2 DTH JA 1 -2.51 -23.85 3.76
OG1 DTH JA 1 -0.28 -23.41 2.95
C DTH JA 1 0.68 -22.49 5.44
O DTH JA 1 1.63 -22.84 4.75
N DLE JA 2 0.75 -21.53 6.35
CA DLE JA 2 1.98 -20.78 6.60
CB DLE JA 2 2.56 -21.14 7.97
CG DLE JA 2 3.67 -20.24 8.50
CD1 DLE JA 2 4.95 -20.47 7.73
CD2 DLE JA 2 3.89 -20.50 9.98
C DLE JA 2 1.70 -19.29 6.52
O DLE JA 2 0.80 -18.79 7.19
N DLY JA 3 2.50 -18.58 5.73
CA DLY JA 3 2.47 -17.13 5.67
C DLY JA 3 3.84 -16.59 6.04
O DLY JA 3 4.84 -16.95 5.40
CB DLY JA 3 2.08 -16.63 4.27
CG DLY JA 3 2.08 -15.11 4.15
CD DLY JA 3 2.03 -14.65 2.71
CE DLY JA 3 1.71 -13.17 2.63
NZ DLY JA 3 1.58 -12.69 1.22
N DIL JA 4 3.89 -15.75 7.07
CA DIL JA 4 5.11 -15.07 7.49
C DIL JA 4 4.89 -13.58 7.38
O DIL JA 4 3.97 -13.04 8.02
CB DIL JA 4 5.51 -15.47 8.92
CG1 DIL JA 4 5.63 -16.98 9.05
CG2 DIL JA 4 6.80 -14.78 9.32
CD1 DIL JA 4 5.80 -17.46 10.47
N DVA JA 5 5.72 -12.90 6.60
CA DVA JA 5 5.72 -11.45 6.50
CB DVA JA 5 5.42 -10.97 5.08
CG1 DVA JA 5 5.68 -9.48 4.96
CG2 DVA JA 5 3.98 -11.26 4.71
C DVA JA 5 7.07 -10.95 6.97
O DVA JA 5 8.11 -11.29 6.38
N DTR JA 6 7.08 -10.14 8.03
CA DTR JA 6 8.29 -9.58 8.60
CB DTR JA 6 8.48 -10.03 10.04
CG DTR JA 6 9.74 -9.51 10.65
CD1 DTR JA 6 10.94 -9.31 10.04
NE1 DTR JA 6 11.86 -8.80 10.92
CE2 DTR JA 6 11.25 -8.66 12.15
CZ2 DTR JA 6 11.77 -8.19 13.35
CH2 DTR JA 6 10.93 -8.16 14.43
CZ3 DTR JA 6 9.59 -8.57 14.33
CE3 DTR JA 6 9.09 -9.04 13.13
CD2 DTR JA 6 9.92 -9.09 12.02
C DTR JA 6 8.19 -8.06 8.53
O DTR JA 6 7.31 -7.47 9.15
N DIL JA 7 9.15 -7.44 7.85
CA DIL JA 7 9.14 -6.00 7.67
C DIL JA 7 10.46 -5.41 8.14
O DIL JA 7 11.53 -5.88 7.77
CB DIL JA 7 8.88 -5.64 6.19
CG1 DIL JA 7 7.44 -5.97 5.80
CG2 DIL JA 7 9.15 -4.17 5.96
CD1 DIL JA 7 7.07 -5.51 4.41
OXT DIL JA 7 10.49 -4.46 8.94
N DTH KA 1 -7.49 -12.24 -20.80
CA DTH KA 1 -6.30 -11.75 -20.14
CB DTH KA 1 -6.01 -12.54 -18.86
CG2 DTH KA 1 -5.94 -14.03 -19.17
OG1 DTH KA 1 -7.04 -12.30 -17.90
C DTH KA 1 -6.47 -10.27 -19.78
O DTH KA 1 -7.42 -9.89 -19.10
N DLE KA 2 -5.55 -9.44 -20.28
CA DLE KA 2 -5.61 -8.00 -20.07
CB DLE KA 2 -6.01 -7.28 -21.36
CG DLE KA 2 -5.88 -5.76 -21.40
CD1 DLE KA 2 -6.79 -5.12 -20.38
CD2 DLE KA 2 -6.17 -5.25 -22.80
C DLE KA 2 -4.25 -7.49 -19.59
O DLE KA 2 -3.22 -7.77 -20.21
N DLY KA 3 -4.27 -6.72 -18.50
CA DLY KA 3 -3.08 -6.04 -17.99
C DLY KA 3 -3.35 -4.55 -17.97
O DLY KA 3 -4.31 -4.10 -17.34
CB DLY KA 3 -2.72 -6.52 -16.58
CG DLY KA 3 -1.52 -5.81 -15.99
CD DLY KA 3 -1.43 -6.05 -14.48
CE DLY KA 3 -0.16 -5.45 -13.91
NZ DLY KA 3 -0.04 -5.68 -12.44
N DIL KA 4 -2.52 -3.79 -18.69
CA DIL KA 4 -2.62 -2.34 -18.73
C DIL KA 4 -1.31 -1.75 -18.25
O DIL KA 4 -0.26 -2.00 -18.83
CB DIL KA 4 -2.94 -1.83 -20.15
CG1 DIL KA 4 -4.25 -2.43 -20.64
CG2 DIL KA 4 -3.00 -0.31 -20.17
CD1 DIL KA 4 -4.56 -2.11 -22.08
N DVA KA 5 -1.38 -0.95 -17.18
CA DVA KA 5 -0.23 -0.20 -16.68
CB DVA KA 5 0.18 -0.69 -15.28
CG1 DVA KA 5 1.26 0.22 -14.71
CG2 DVA KA 5 0.68 -2.13 -15.33
C DVA KA 5 -0.60 1.26 -16.66
O DVA KA 5 -1.59 1.66 -16.02
N DTR KA 6 0.18 2.08 -17.38
CA DTR KA 6 -0.03 3.52 -17.41
CB DTR KA 6 -0.53 3.98 -18.78
CG DTR KA 6 -0.55 5.46 -18.93
CD1 DTR KA 6 -1.49 6.32 -18.45
NE1 DTR KA 6 -1.16 7.62 -18.80
CE2 DTR KA 6 0.00 7.61 -19.52
CZ2 DTR KA 6 0.72 8.66 -20.08
CH2 DTR KA 6 1.86 8.35 -20.76
CZ3 DTR KA 6 2.30 7.03 -20.87
CE3 DTR KA 6 1.59 5.98 -20.32
CD2 DTR KA 6 0.41 6.27 -19.62
C DTR KA 6 1.28 4.21 -17.06
O DTR KA 6 2.31 3.92 -17.66
N DIL KA 7 1.22 5.15 -16.13
CA DIL KA 7 2.41 5.84 -15.65
C DIL KA 7 2.11 7.34 -15.52
O DIL KA 7 2.91 8.18 -15.92
CB DIL KA 7 2.91 5.27 -14.30
CG1 DIL KA 7 3.24 3.80 -14.43
CG2 DIL KA 7 4.12 6.03 -13.83
CD1 DIL KA 7 3.76 3.18 -13.13
OXT DIL KA 7 1.07 7.73 -15.00
N DTH LA 1 -1.66 8.49 -13.96
CA DTH LA 1 -1.96 7.28 -13.20
CB DTH LA 1 -0.88 6.97 -12.17
CG2 DTH LA 1 -0.52 8.24 -11.41
OG1 DTH LA 1 0.29 6.48 -12.84
C DTH LA 1 -2.12 6.10 -14.15
O DTH LA 1 -1.17 5.71 -14.83
N DLE LA 2 -3.35 5.59 -14.25
CA DLE LA 2 -3.69 4.51 -15.17
CB DLE LA 2 -4.63 5.03 -16.26
CG DLE LA 2 -5.24 3.96 -17.18
CD1 DLE LA 2 -4.17 3.38 -18.09
CD2 DLE LA 2 -6.39 4.53 -17.98
C DLE LA 2 -4.35 3.39 -14.39
O DLE LA 2 -5.36 3.60 -13.71
N DLY LA 3 -3.80 2.18 -14.52
CA DLY LA 3 -4.42 0.99 -13.98
C DLY LA 3 -4.71 0.03 -15.12
O DLY LA 3 -3.79 -0.37 -15.85
CB DLY LA 3 -3.53 0.31 -12.94
CG DLY LA 3 -4.15 -0.95 -12.34
CD DLY LA 3 -3.13 -1.77 -11.56
CE DLY LA 3 -3.81 -2.91 -10.81
NZ DLY LA 3 -2.83 -3.70 -10.00
N DIL LA 4 -5.97 -0.34 -15.29
CA DIL LA 4 -6.39 -1.31 -16.29
C DIL LA 4 -7.10 -2.44 -15.57
O DIL LA 4 -8.10 -2.22 -14.87
CB DIL LA 4 -7.30 -0.69 -17.35
CG1 DIL LA 4 -6.53 0.35 -18.16
CG2 DIL LA 4 -7.86 -1.77 -18.27
CD1 DIL LA 4 -7.35 1.01 -19.23
N DVA LA 5 -6.60 -3.66 -15.74
CA DVA LA 5 -7.24 -4.86 -15.22
CB DVA LA 5 -6.37 -5.57 -14.17
CG1 DVA LA 5 -7.00 -6.89 -13.79
CG2 DVA LA 5 -6.19 -4.70 -12.95
C DVA LA 5 -7.52 -5.78 -16.40
O DVA LA 5 -6.60 -6.14 -17.13
N DTR LA 6 -8.79 -6.13 -16.59
CA DTR LA 6 -9.20 -6.97 -17.69
CB DTR LA 6 -9.98 -6.17 -18.73
CG DTR LA 6 -10.59 -7.01 -19.81
CD1 DTR LA 6 -9.92 -7.70 -20.78
NE1 DTR LA 6 -10.82 -8.34 -21.60
CE2 DTR LA 6 -12.08 -8.06 -21.17
CZ2 DTR LA 6 -13.31 -8.49 -21.68
CH2 DTR LA 6 -14.43 -8.04 -21.04
CZ3 DTR LA 6 -14.36 -7.20 -19.93
CE3 DTR LA 6 -13.15 -6.78 -19.43
CD2 DTR LA 6 -11.98 -7.22 -20.05
C DTR LA 6 -10.03 -8.13 -17.17
O DTR LA 6 -11.02 -7.91 -16.47
N DIL LA 7 -9.67 -9.35 -17.55
CA DIL LA 7 -10.40 -10.53 -17.12
C DIL LA 7 -10.70 -11.41 -18.33
O DIL LA 7 -9.81 -11.70 -19.15
CB DIL LA 7 -9.62 -11.32 -16.07
CG1 DIL LA 7 -9.50 -10.51 -14.77
CG2 DIL LA 7 -10.30 -12.64 -15.78
CD1 DIL LA 7 -8.90 -11.29 -13.62
OXT DIL LA 7 -11.83 -11.86 -18.53
N DTH MA 1 -1.79 11.55 -25.30
CA DTH MA 1 -2.27 10.59 -26.30
CB DTH MA 1 -3.05 11.31 -27.42
CG2 DTH MA 1 -3.66 10.29 -28.37
OG1 DTH MA 1 -2.17 12.18 -28.15
C DTH MA 1 -3.15 9.53 -25.66
O DTH MA 1 -4.16 9.85 -25.04
N DLE MA 2 -2.75 8.28 -25.80
CA DLE MA 2 -3.50 7.14 -25.28
CB DLE MA 2 -2.64 6.32 -24.33
CG DLE MA 2 -3.30 5.06 -23.77
CD1 DLE MA 2 -4.55 5.41 -22.98
CD2 DLE MA 2 -2.32 4.27 -22.90
C DLE MA 2 -3.98 6.29 -26.46
O DLE MA 2 -3.17 5.84 -27.27
N DLY MA 3 -5.28 6.07 -26.52
CA DLY MA 3 -5.89 5.19 -27.52
C DLY MA 3 -6.65 4.10 -26.80
O DLY MA 3 -7.67 4.37 -26.15
CB DLY MA 3 -6.81 5.97 -28.46
CG DLY MA 3 -7.50 5.10 -29.50
CD DLY MA 3 -8.42 5.92 -30.40
CE DLY MA 3 -9.10 5.03 -31.42
NZ DLY MA 3 -10.01 5.80 -32.31
N DIL MA 4 -6.18 2.86 -26.92
CA DIL MA 4 -6.87 1.70 -26.38
C DIL MA 4 -7.20 0.78 -27.55
O DIL MA 4 -6.30 0.40 -28.31
CB DIL MA 4 -6.03 0.97 -25.32
CG1 DIL MA 4 -5.83 1.89 -24.10
CG2 DIL MA 4 -6.70 -0.33 -24.91
CD1 DIL MA 4 -4.90 1.32 -23.05
N DVA MA 5 -8.47 0.44 -27.71
CA DVA MA 5 -8.92 -0.46 -28.75
CB DVA MA 5 -9.75 0.26 -29.82
CG1 DVA MA 5 -10.29 -0.74 -30.84
CG2 DVA MA 5 -8.92 1.34 -30.51
C DVA MA 5 -9.73 -1.57 -28.12
O DVA MA 5 -10.72 -1.31 -27.43
N DTR MA 6 -9.31 -2.82 -28.33
CA DTR MA 6 -10.06 -3.99 -27.92
CB DTR MA 6 -9.25 -4.88 -26.98
CG DTR MA 6 -9.65 -6.33 -27.04
CD1 DTR MA 6 -8.92 -7.36 -27.54
NE1 DTR MA 6 -9.62 -8.54 -27.43
CE2 DTR MA 6 -10.83 -8.28 -26.84
CZ2 DTR MA 6 -11.88 -9.14 -26.51
CH2 DTR MA 6 -12.98 -8.60 -25.93
CZ3 DTR MA 6 -13.07 -7.23 -25.66
CE3 DTR MA 6 -12.03 -6.37 -25.98
CD2 DTR MA 6 -10.89 -6.90 -26.59
C DTR MA 6 -10.46 -4.77 -29.17
O DTR MA 6 -9.61 -5.16 -29.97
N DIL MA 7 -11.75 -5.03 -29.31
CA DIL MA 7 -12.28 -5.73 -30.48
C DIL MA 7 -13.30 -6.77 -30.08
O DIL MA 7 -13.23 -7.93 -30.47
CB DIL MA 7 -12.88 -4.74 -31.50
CG1 DIL MA 7 -11.77 -3.92 -32.17
CG2 DIL MA 7 -13.71 -5.49 -32.53
CD1 DIL MA 7 -12.29 -2.92 -33.18
OXT DIL MA 7 -14.25 -6.48 -29.34
N DTH NA 1 -16.27 -6.00 -27.42
CA DTH NA 1 -16.22 -4.55 -27.46
CB DTH NA 1 -16.51 -4.00 -28.86
CG2 DTH NA 1 -16.40 -2.48 -28.88
OG1 DTH NA 1 -17.84 -4.38 -29.26
C DTH NA 1 -14.86 -4.03 -27.00
O DTH NA 1 -13.84 -4.28 -27.65
N DLE NA 2 -14.84 -3.32 -25.88
CA DLE NA 2 -13.62 -2.72 -25.34
CB DLE NA 2 -13.28 -3.27 -23.96
CG DLE NA 2 -12.04 -2.68 -23.29
CD1 DLE NA 2 -10.78 -3.03 -24.07
CD2 DLE NA 2 -11.92 -3.17 -21.85
C DLE NA 2 -13.84 -1.21 -25.27
O DLE NA 2 -14.79 -0.75 -24.65
N DLY NA 3 -12.96 -0.46 -25.94
CA DLY NA 3 -13.01 1.00 -25.92
C DLY NA 3 -11.67 1.54 -25.41
O DLY NA 3 -10.63 1.29 -26.02
CB DLY NA 3 -13.31 1.56 -27.30
CG DLY NA 3 -13.51 3.07 -27.34
CD DLY NA 3 -13.92 3.54 -28.72
CE DLY NA 3 -14.24 5.03 -28.71
NZ DLY NA 3 -14.72 5.49 -30.05
N DIL NA 4 -11.73 2.30 -24.33
CA DIL NA 4 -10.56 2.99 -23.78
C DIL NA 4 -10.76 4.48 -23.97
O DIL NA 4 -11.70 5.06 -23.41
CB DIL NA 4 -10.34 2.64 -22.29
CG1 DIL NA 4 -10.60 1.16 -22.05
CG2 DIL NA 4 -8.94 3.03 -21.87
CD1 DIL NA 4 -10.68 0.80 -20.59
N DVA NA 5 -9.87 5.12 -24.72
CA DVA NA 5 -9.86 6.56 -24.89
CB DVA NA 5 -10.12 6.97 -26.35
CG1 DVA NA 5 -9.96 8.48 -26.51
CG2 DVA NA 5 -11.51 6.55 -26.77
C DVA NA 5 -8.50 7.08 -24.42
O DVA NA 5 -7.47 6.79 -25.04
N DTR NA 6 -8.49 7.84 -23.33
CA DTR NA 6 -7.28 8.46 -22.81
CB DTR NA 6 -6.99 8.01 -21.38
CG DTR NA 6 -6.05 8.92 -20.65
CD1 DTR NA 6 -6.30 9.61 -19.51
NE1 DTR NA 6 -5.19 10.33 -19.13
CE2 DTR NA 6 -4.19 10.11 -20.04
CZ2 DTR NA 6 -2.90 10.61 -20.09
CH2 DTR NA 6 -2.10 10.22 -21.13
CZ3 DTR NA 6 -2.57 9.33 -22.11
CE3 DTR NA 6 -3.86 8.83 -22.06
CD2 DTR NA 6 -4.69 9.22 -21.01
C DTR NA 6 -7.45 9.98 -22.88
O DTR NA 6 -8.39 10.53 -22.32
N DIL NA 7 -6.52 10.64 -23.57
CA DIL NA 7 -6.58 12.09 -23.71
C DIL NA 7 -5.22 12.71 -23.38
O DIL NA 7 -4.20 12.37 -23.99
CB DIL NA 7 -7.03 12.50 -25.13
CG1 DIL NA 7 -8.47 12.05 -25.36
CG2 DIL NA 7 -6.90 14.00 -25.32
CD1 DIL NA 7 -9.00 12.40 -26.75
OXT DIL NA 7 -5.11 13.58 -22.52
N DTH OA 1 -4.16 -4.28 4.99
CA DTH OA 1 -2.96 -3.76 5.64
CB DTH OA 1 -2.69 -4.46 6.97
CG2 DTH OA 1 -2.81 -5.97 6.80
OG1 DTH OA 1 -3.64 -4.02 7.95
C DTH OA 1 -3.09 -2.26 5.87
O DTH OA 1 -4.02 -1.81 6.52
N DLE OA 2 -2.16 -1.50 5.30
CA DLE OA 2 -2.18 -0.05 5.39
CB DLE OA 2 -2.61 0.59 4.06
CG DLE OA 2 -2.45 2.10 3.97
CD1 DLE OA 2 -3.59 2.80 4.70
CD2 DLE OA 2 -2.36 2.56 2.52
C DLE OA 2 -0.81 0.45 5.78
O DLE OA 2 0.19 0.09 5.16
N DLY OA 3 -0.75 1.31 6.80
CA DLY OA 3 0.45 2.05 7.15
C DLY OA 3 0.17 3.54 7.09
O DLY OA 3 -0.79 4.01 7.72
CB DLY OA 3 0.97 1.67 8.54
CG DLY OA 3 1.65 2.84 9.26
CD DLY OA 3 2.38 2.41 10.51
CE DLY OA 3 3.77 1.89 10.19
NZ DLY OA 3 4.53 1.57 11.42
N DIL OA 4 0.99 4.26 6.36
CA DIL OA 4 0.94 5.72 6.32
C DIL OA 4 2.27 6.24 6.82
O DIL OA 4 3.32 5.89 6.26
CB DIL OA 4 0.64 6.26 4.91
CG1 DIL OA 4 -0.83 6.03 4.56
CG2 DIL OA 4 0.99 7.74 4.82
CD1 DIL OA 4 -1.27 6.67 3.26
N DVA OA 5 2.23 7.05 7.87
CA DVA OA 5 3.43 7.67 8.43
CB DVA OA 5 3.69 7.22 9.87
CG1 DVA OA 5 4.87 7.98 10.45
CG2 DVA OA 5 3.94 5.72 9.92
C DVA OA 5 3.26 9.17 8.35
O DVA OA 5 2.32 9.73 8.93
N DTR OA 6 4.18 9.83 7.66
CA DTR OA 6 4.21 11.29 7.56
CB DTR OA 6 4.04 11.74 6.11
CG DTR OA 6 4.41 13.17 5.87
CD1 DTR OA 6 5.47 13.64 5.15
NE1 DTR OA 6 5.47 15.00 5.15
CE2 DTR OA 6 4.41 15.45 5.88
CZ2 DTR OA 6 4.00 16.76 6.16
CH2 DTR OA 6 2.88 16.91 6.93
CZ3 DTR OA 6 2.16 15.81 7.41
CE3 DTR OA 6 2.57 14.52 7.12
CD2 DTR OA 6 3.71 14.32 6.35
C DTR OA 6 5.52 11.78 8.14
O DTR OA 6 6.60 11.44 7.62
N DIL OA 7 5.45 12.57 9.20
CA DIL OA 7 6.65 13.11 9.84
C DIL OA 7 6.56 14.63 9.87
O DIL OA 7 7.28 15.32 9.16
CB DIL OA 7 6.83 12.53 11.25
CG1 DIL OA 7 6.98 11.01 11.19
CG2 DIL OA 7 8.05 13.15 11.91
CD1 DIL OA 7 7.10 10.37 12.55
OXT DIL OA 7 5.76 15.20 10.62
N DTH PA 1 3.39 15.87 11.91
CA DTH PA 1 2.50 14.78 12.32
CB DTH PA 1 3.10 13.95 13.46
CG2 DTH PA 1 2.14 12.85 13.87
OG1 DTH PA 1 3.36 14.80 14.58
C DTH PA 1 2.19 13.85 11.15
O DTH PA 1 3.10 13.39 10.45
N DLE PA 2 0.90 13.60 10.91
CA DLE PA 2 0.44 12.67 9.89
CB DLE PA 2 -0.37 13.39 8.82
CG DLE PA 2 -1.06 12.52 7.78
CD1 DLE PA 2 -0.04 11.76 6.97
CD2 DLE PA 2 -1.95 13.37 6.88
C DLE PA 2 -0.40 11.59 10.56
O DLE PA 2 -1.40 11.90 11.22
N DLY PA 3 0.02 10.34 10.42
CA DLY PA 3 -0.74 9.19 10.93
C DLY PA 3 -1.03 8.24 9.78
O DLY PA 3 -0.10 7.79 9.10
CB DLY PA 3 0.03 8.48 12.04
CG DLY PA 3 0.29 9.35 13.26
CD DLY PA 3 1.08 8.58 14.32
CE DLY PA 3 1.30 9.43 15.56
NZ DLY PA 3 2.02 8.68 16.64
N DIL PA 4 -2.30 7.93 9.57
CA DIL PA 4 -2.73 6.92 8.61
C DIL PA 4 -3.50 5.85 9.36
O DIL PA 4 -4.50 6.17 10.03
CB DIL PA 4 -3.58 7.52 7.49
CG1 DIL PA 4 -2.74 8.43 6.60
CG2 DIL PA 4 -4.23 6.42 6.67
CD1 DIL PA 4 -3.46 8.94 5.38
N DVA PA 5 -3.06 4.60 9.27
CA DVA PA 5 -3.73 3.47 9.89
CB DVA PA 5 -2.88 2.83 10.99
CG1 DVA PA 5 -3.64 1.69 11.64
CG2 DVA PA 5 -2.48 3.86 12.02
C DVA PA 5 -4.04 2.47 8.80
O DVA PA 5 -3.14 2.01 8.09
N DTR PA 6 -5.33 2.14 8.65
CA DTR PA 6 -5.77 1.18 7.65
CB DTR PA 6 -6.60 1.86 6.57
CG DTR PA 6 -7.56 0.93 5.90
CD1 DTR PA 6 -8.91 0.86 6.09
NE1 DTR PA 6 -9.46 -0.12 5.31
CE2 DTR PA 6 -8.46 -0.71 4.58
CZ2 DTR PA 6 -8.54 -1.74 3.65
CH2 DTR PA 6 -7.36 -2.14 3.07
CZ3 DTR PA 6 -6.14 -1.53 3.39
CE3 DTR PA 6 -6.07 -0.51 4.32
CD2 DTR PA 6 -7.25 -0.08 4.93
C DTR PA 6 -6.61 0.08 8.33
O DTR PA 6 -7.59 0.39 9.01
N DIL PA 7 -6.26 -1.16 8.05
CA DIL PA 7 -6.96 -2.31 8.61
C DIL PA 7 -7.21 -3.34 7.54
O DIL PA 7 -6.30 -3.74 6.81
CB DIL PA 7 -6.16 -2.89 9.79
CG1 DIL PA 7 -6.35 -2.04 11.05
CG2 DIL PA 7 -6.57 -4.32 10.04
CD1 DIL PA 7 -5.86 -2.71 12.31
OXT DIL PA 7 -8.33 -3.80 7.36
N DTH QA 1 1.42 22.74 0.66
CA DTH QA 1 1.17 21.59 -0.20
CB DTH QA 1 0.51 22.00 -1.52
CG2 DTH QA 1 1.40 22.97 -2.28
OG1 DTH QA 1 -0.75 22.61 -1.26
C DTH QA 1 0.29 20.58 0.51
O DTH QA 1 -0.72 20.94 1.12
N DLE QA 2 0.68 19.31 0.47
CA DLE QA 2 -0.09 18.21 1.03
CB DLE QA 2 0.63 17.57 2.21
CG DLE QA 2 -0.02 16.29 2.75
CD1 DLE QA 2 -1.34 16.61 3.42
CD2 DLE QA 2 0.92 15.58 3.71
C DLE QA 2 -0.33 17.18 -0.06
O DLE QA 2 0.62 16.73 -0.72
N DLY QA 3 -1.59 16.78 -0.23
CA DLY QA 3 -1.94 15.72 -1.16
C DLY QA 3 -2.75 14.66 -0.41
O DLY QA 3 -3.76 14.99 0.22
CB DLY QA 3 -2.74 16.25 -2.35
CG DLY QA 3 -3.22 15.16 -3.30
CD DLY QA 3 -4.08 15.73 -4.41
CE DLY QA 3 -4.55 14.63 -5.36
NZ DLY QA 3 -5.42 15.15 -6.45
N DIL QA 4 -2.31 13.42 -0.49
CA DIL QA 4 -3.03 12.27 0.06
C DIL QA 4 -3.29 11.28 -1.06
O DIL QA 4 -2.36 10.86 -1.75
CB DIL QA 4 -2.25 11.60 1.20
CG1 DIL QA 4 -2.23 12.47 2.44
CG2 DIL QA 4 -2.85 10.24 1.52
CD1 DIL QA 4 -1.50 11.86 3.60
N DVA QA 5 -4.55 10.92 -1.25
CA DVA QA 5 -4.94 9.85 -2.17
CB DVA QA 5 -5.77 10.38 -3.35
CG1 DVA QA 5 -6.40 9.21 -4.08
CG2 DVA QA 5 -4.89 11.17 -4.28
C DVA QA 5 -5.72 8.81 -1.38
O DVA QA 5 -6.72 9.14 -0.72
N DTR QA 6 -5.26 7.56 -1.44
CA DTR QA 6 -5.96 6.44 -0.81
CB DTR QA 6 -5.14 5.84 0.33
CG DTR QA 6 -5.54 4.42 0.65
CD1 DTR QA 6 -4.94 3.29 0.21
NE1 DTR QA 6 -5.59 2.19 0.71
CE2 DTR QA 6 -6.64 2.60 1.47
CZ2 DTR QA 6 -7.59 1.86 2.17
CH2 DTR QA 6 -8.54 2.55 2.87
CZ3 DTR QA 6 -8.57 3.94 2.87
CE3 DTR QA 6 -7.64 4.69 2.18
CD2 DTR QA 6 -6.64 4.00 1.46
C DTR QA 6 -6.24 5.38 -1.86
O DTR QA 6 -5.33 4.93 -2.55
N DIL QA 7 -7.47 4.89 -1.88
CA DIL QA 7 -7.92 3.96 -2.90
C DIL QA 7 -8.85 2.92 -2.30
O DIL QA 7 -8.70 1.72 -2.51
CB DIL QA 7 -8.60 4.70 -4.06
CG1 DIL QA 7 -7.56 5.33 -5.00
CG2 DIL QA 7 -9.51 3.77 -4.84
CD1 DIL QA 7 -8.15 6.03 -6.19
OXT DIL QA 7 -9.80 3.27 -1.58
N DTH RA 1 -11.51 4.13 0.80
CA DTH RA 1 -11.76 5.45 0.24
CB DTH RA 1 -12.22 5.38 -1.21
CG2 DTH RA 1 -13.25 4.27 -1.36
OG1 DTH RA 1 -11.10 5.07 -2.05
C DTH RA 1 -10.49 6.29 0.35
O DTH RA 1 -9.48 5.96 -0.28
N DLE RA 2 -10.51 7.29 1.22
CA DLE RA 2 -9.34 8.11 1.50
CB DLE RA 2 -8.81 7.85 2.91
CG DLE RA 2 -7.81 8.88 3.43
CD1 DLE RA 2 -6.51 8.78 2.66
CD2 DLE RA 2 -7.58 8.69 4.92
C DLE RA 2 -9.69 9.58 1.36
O DLE RA 2 -10.66 10.05 1.96
N DLY RA 3 -8.88 10.32 0.60
CA DLY RA 3 -8.98 11.76 0.54
C DLY RA 3 -7.66 12.36 1.00
O DLY RA 3 -6.60 12.04 0.44
CB DLY RA 3 -9.31 12.25 -0.88
CG DLY RA 3 -8.90 13.70 -1.13
CD DLY RA 3 -9.24 14.16 -2.53
CE DLY RA 3 -10.64 14.75 -2.59
NZ DLY RA 3 -10.96 15.29 -3.95
N DIL RA 4 -7.72 13.21 2.01
CA DIL RA 4 -6.56 13.95 2.50
C DIL RA 4 -6.84 15.43 2.30
O DIL RA 4 -7.80 15.97 2.86
CB DIL RA 4 -6.26 13.65 3.98
CG1 DIL RA 4 -5.90 12.18 4.17
CG2 DIL RA 4 -5.16 14.55 4.49
CD1 DIL RA 4 -5.70 11.80 5.62
N DVA RA 5 -5.97 16.10 1.56
CA DVA RA 5 -6.05 17.54 1.37
CB DVA RA 5 -6.32 17.92 -0.09
CG1 DVA RA 5 -6.25 19.43 -0.27
CG2 DVA RA 5 -7.67 17.39 -0.53
C DVA RA 5 -4.74 18.16 1.86
O DVA RA 5 -3.67 17.84 1.31
N DTR RA 6 -4.83 19.06 2.83
CA DTR RA 6 -3.68 19.75 3.37
CB DTR RA 6 -3.48 19.42 4.86
CG DTR RA 6 -2.64 20.43 5.59
CD1 DTR RA 6 -3.09 21.42 6.41
NE1 DTR RA 6 -2.03 22.15 6.89
CE2 DTR RA 6 -0.87 21.64 6.38
CZ2 DTR RA 6 0.45 22.03 6.57
CH2 DTR RA 6 1.42 21.32 5.93
CZ3 DTR RA 6 1.11 20.25 5.09
CE3 DTR RA 6 -0.20 19.84 4.90
CD2 DTR RA 6 -1.21 20.55 5.55
C DTR RA 6 -3.88 21.25 3.18
O DTR RA 6 -4.83 21.82 3.71
N DIL RA 7 -2.96 21.88 2.44
CA DIL RA 7 -3.04 23.31 2.19
C DIL RA 7 -1.77 24.00 2.68
O DIL RA 7 -0.66 23.56 2.39
CB DIL RA 7 -3.29 23.60 0.70
CG1 DIL RA 7 -4.59 22.95 0.24
CG2 DIL RA 7 -3.34 25.10 0.45
CD1 DIL RA 7 -4.88 23.13 -1.23
OXT DIL RA 7 -1.82 25.02 3.36
N DTH SA 1 6.80 17.42 12.52
CA DTH SA 1 8.10 18.05 12.72
CB DTH SA 1 8.77 17.56 14.02
CG2 DTH SA 1 8.79 16.04 14.06
OG1 DTH SA 1 8.05 18.05 15.15
C DTH SA 1 7.97 19.57 12.80
O DTH SA 1 7.01 20.09 13.37
N DLE SA 2 8.95 20.27 12.22
CA DLE SA 2 8.99 21.72 12.25
CB DLE SA 2 8.88 22.30 10.83
CG DLE SA 2 9.18 23.79 10.68
CD1 DLE SA 2 8.18 24.62 11.46
CD2 DLE SA 2 9.17 24.19 9.21
C DLE SA 2 10.31 22.14 12.89
O DLE SA 2 11.38 21.78 12.42
N DLY SA 3 10.21 22.92 13.96
CA DLY SA 3 11.37 23.46 14.65
C DLY SA 3 11.25 24.98 14.73
O DLY SA 3 10.29 25.50 15.28
CB DLY SA 3 11.50 22.88 16.07
CG DLY SA 3 12.45 23.65 16.96
CD DLY SA 3 12.28 23.24 18.42
CE DLY SA 3 13.10 24.14 19.34
NZ DLY SA 3 12.82 23.85 20.78
N DIL SA 4 12.24 25.67 14.18
CA DIL SA 4 12.32 27.12 14.26
C DIL SA 4 13.66 27.50 14.86
O DIL SA 4 14.72 27.09 14.35
CB DIL SA 4 12.14 27.77 12.87
CG1 DIL SA 4 10.84 27.32 12.23
CG2 DIL SA 4 12.20 29.28 13.00
CD1 DIL SA 4 10.69 27.73 10.79
N DVA SA 5 13.62 28.28 15.94
CA DVA SA 5 14.82 28.77 16.60
CB DVA SA 5 14.97 28.20 18.01
CG1 DVA SA 5 16.07 28.95 18.77
CG2 DVA SA 5 15.27 26.72 17.96
C DVA SA 5 14.75 30.30 16.63
O DVA SA 5 13.80 30.86 17.15
N DTR SA 6 15.77 30.94 16.07
CA DTR SA 6 15.90 32.40 16.10
CB DTR SA 6 15.88 32.98 14.69
CG DTR SA 6 15.99 34.48 14.65
CD1 DTR SA 6 14.96 35.37 14.63
NE1 DTR SA 6 15.44 36.65 14.60
CE2 DTR SA 6 16.81 36.61 14.62
CZ2 DTR SA 6 17.74 37.65 14.60
CH2 DTR SA 6 19.06 37.31 14.62
CZ3 DTR SA 6 19.47 35.96 14.65
CE3 DTR SA 6 18.56 34.94 14.67
CD2 DTR SA 6 17.19 35.25 14.65
C DTR SA 6 17.18 32.75 16.82
O DTR SA 6 18.27 32.36 16.37
N DIL SA 7 17.08 33.52 17.90
CA DIL SA 7 18.24 33.91 18.67
C DIL SA 7 18.38 35.43 18.65
O DIL SA 7 19.48 35.97 18.48
CB DIL SA 7 18.15 33.39 20.11
CG1 DIL SA 7 17.99 31.87 20.11
CG2 DIL SA 7 19.39 33.80 20.90
CD1 DIL SA 7 17.81 31.27 21.48
OXT DIL SA 7 17.40 36.16 18.80
N DTH TA 1 15.12 36.77 20.42
CA DTH TA 1 14.10 35.76 20.73
CB DTH TA 1 14.53 34.86 21.91
CG2 DTH TA 1 13.47 33.82 22.20
OG1 DTH TA 1 14.75 35.67 23.07
C DTH TA 1 13.81 34.89 19.51
O DTH TA 1 14.73 34.38 18.88
N DLE TA 2 12.53 34.75 19.19
CA DLE TA 2 12.08 33.92 18.08
CB DLE TA 2 11.44 34.78 16.99
CG DLE TA 2 10.95 34.03 15.75
CD1 DLE TA 2 12.10 33.31 15.08
CD2 DLE TA 2 10.27 34.98 14.78
C DLE TA 2 11.10 32.90 18.62
O DLE TA 2 10.06 33.26 19.18
N DLY TA 3 11.42 31.63 18.46
CA DLY TA 3 10.55 30.53 18.87
C DLY TA 3 10.26 29.65 17.67
O DLY TA 3 11.19 29.15 17.01
CB DLY TA 3 11.19 29.71 19.99
CG DLY TA 3 10.32 28.58 20.50
CD DLY TA 3 10.96 27.87 21.68
CE DLY TA 3 10.06 26.76 22.21
NZ DLY TA 3 10.65 26.09 23.39
N DIL TA 4 8.97 29.47 17.36
CA DIL TA 4 8.53 28.64 16.25
C DIL TA 4 7.60 27.56 16.80
O DIL TA 4 6.56 27.88 17.39
CB DIL TA 4 7.81 29.48 15.17
CG1 DIL TA 4 8.79 30.47 14.56
CG2 DIL TA 4 7.21 28.57 14.12
CD1 DIL TA 4 8.15 31.73 14.05
N DVA TA 5 7.96 26.30 16.60
CA DVA TA 5 7.15 25.17 17.01
CB DVA TA 5 7.81 24.36 18.13
CG1 DVA TA 5 6.96 23.16 18.50
CG2 DVA TA 5 8.06 25.25 19.34
C DVA TA 5 6.90 24.29 15.79
O DVA TA 5 7.86 23.82 15.16
N DTR TA 6 5.63 24.05 15.47
CA DTR TA 6 5.24 23.16 14.39
CB DTR TA 6 4.53 23.93 13.27
CG DTR TA 6 3.64 23.07 12.43
CD1 DTR TA 6 2.28 23.01 12.48
NE1 DTR TA 6 1.81 22.10 11.56
CE2 DTR TA 6 2.87 21.55 10.89
CZ2 DTR TA 6 2.89 20.61 9.88
CH2 DTR TA 6 4.12 20.23 9.40
CZ3 DTR TA 6 5.30 20.79 9.89
CE3 DTR TA 6 5.28 21.74 10.90
CD2 DTR TA 6 4.04 22.13 11.42
C DTR TA 6 4.32 22.08 14.95
O DTR TA 6 3.29 22.41 15.57
N DIL TA 7 4.68 20.83 14.74
CA DIL TA 7 3.90 19.71 15.26
C DIL TA 7 3.53 18.75 14.12
O DIL TA 7 4.37 18.07 13.56
CB DIL TA 7 4.65 18.97 16.37
CG1 DIL TA 7 4.90 19.90 17.56
CG2 DIL TA 7 3.87 17.75 16.82
CD1 DIL TA 7 5.66 19.26 18.69
OXT DIL TA 7 2.36 18.64 13.76
N DTH UA 1 16.09 41.11 9.32
CA DTH UA 1 15.84 40.17 8.23
CB DTH UA 1 15.30 40.88 6.98
CG2 DTH UA 1 14.88 39.87 5.93
OG1 DTH UA 1 16.31 41.74 6.44
C DTH UA 1 14.85 39.10 8.66
O DTH UA 1 13.79 39.40 9.21
N DLE UA 2 15.21 37.83 8.45
CA DLE UA 2 14.36 36.70 8.77
CB DLE UA 2 14.99 35.84 9.87
CG DLE UA 2 14.27 34.54 10.23
CD1 DLE UA 2 12.91 34.82 10.83
CD2 DLE UA 2 15.10 33.69 11.17
C DLE UA 2 14.15 35.88 7.51
O DLE UA 2 15.13 35.42 6.90
N DLY UA 3 12.90 35.70 7.12
CA DLY UA 3 12.54 34.88 5.97
C DLY UA 3 11.61 33.77 6.41
O DLY UA 3 10.54 34.04 6.99
CB DLY UA 3 11.87 35.72 4.87
CG DLY UA 3 12.68 36.94 4.44
CD DLY UA 3 11.88 37.82 3.49
CE DLY UA 3 12.65 39.07 3.12
NZ DLY UA 3 11.86 39.95 2.21
N DIL UA 4 11.98 32.53 6.13
CA DIL UA 4 11.17 31.36 6.42
C DIL UA 4 10.84 30.66 5.11
O DIL UA 4 11.74 30.18 4.43
CB DIL UA 4 11.88 30.40 7.38
CG1 DIL UA 4 12.05 31.06 8.76
CG2 DIL UA 4 11.11 29.10 7.50
CD1 DIL UA 4 12.98 30.32 9.67
N DVA UA 5 9.55 30.57 4.80
CA DVA UA 5 9.08 29.87 3.62
CB DVA UA 5 8.35 30.80 2.64
CG1 DVA UA 5 7.77 30.01 1.48
CG2 DVA UA 5 9.28 31.90 2.16
C DVA UA 5 8.16 28.74 4.07
O DVA UA 5 7.10 28.99 4.66
N DTR UA 6 8.56 27.50 3.79
CA DTR UA 6 7.78 26.31 4.13
CB DTR UA 6 8.55 25.40 5.07
CG DTR UA 6 7.93 24.05 5.26
CD1 DTR UA 6 8.44 22.85 4.86
NE1 DTR UA 6 7.57 21.83 5.21
CE2 DTR UA 6 6.49 22.38 5.85
CZ2 DTR UA 6 5.37 21.75 6.38
CH2 DTR UA 6 4.42 22.56 6.97
CZ3 DTR UA 6 4.58 23.95 7.03
CE3 DTR UA 6 5.70 24.56 6.50
CD2 DTR UA 6 6.68 23.77 5.90
C DTR UA 6 7.43 25.59 2.83
O DTR UA 6 8.33 25.12 2.12
N DIL UA 7 6.15 25.50 2.53
CA DIL UA 7 5.71 24.94 1.25
C DIL UA 7 4.45 24.09 1.42
O DIL UA 7 4.34 23.01 0.84
CB DIL UA 7 5.50 26.06 0.21
CG1 DIL UA 7 4.86 25.51 -1.07
CG2 DIL UA 7 4.68 27.19 0.80
CD1 DIL UA 7 4.61 26.57 -2.12
OXT DIL UA 7 3.51 24.47 2.12
N DTH VA 1 1.28 25.11 3.64
CA DTH VA 1 1.46 26.55 3.83
CB DTH VA 1 1.35 27.31 2.50
CG2 DTH VA 1 1.66 28.79 2.71
OG1 DTH VA 1 0.04 27.17 1.96
C DTH VA 1 2.80 26.86 4.49
O DTH VA 1 3.84 26.50 3.98
N DLE VA 2 2.73 27.55 5.64
CA DLE VA 2 3.92 28.00 6.35
CB DLE VA 2 3.99 27.37 7.74
CG DLE VA 2 5.12 27.81 8.68
CD1 DLE VA 2 5.69 26.62 9.42
CD2 DLE VA 2 4.63 28.87 9.65
C DLE VA 2 3.88 29.51 6.44
O DLE VA 2 2.92 30.07 6.98
N DLY VA 3 4.91 30.16 5.91
CA DLY VA 3 5.04 31.61 5.99
C DLY VA 3 6.37 31.94 6.65
O DLY VA 3 7.42 31.56 6.14
CB DLY VA 3 4.95 32.26 4.61
CG DLY VA 3 5.12 33.77 4.64
CD DLY VA 3 5.02 34.37 3.25
CE DLY VA 3 5.16 35.88 3.30
NZ DLY VA 3 5.04 36.50 1.95
N DIL VA 4 6.31 32.64 7.77
CA DIL VA 4 7.50 33.11 8.48
C DIL VA 4 7.37 34.61 8.66
O DIL VA 4 6.37 35.10 9.20
CB DIL VA 4 7.66 32.40 9.83
CG1 DIL VA 4 7.84 30.90 9.62
CG2 DIL VA 4 8.85 32.98 10.59
CD1 DIL VA 4 7.93 30.11 10.89
N DVA VA 5 8.38 35.35 8.19
CA DVA VA 5 8.42 36.80 8.33
CB DVA VA 5 8.31 37.50 6.96
CG1 DVA VA 5 8.50 38.99 7.11
CG2 DVA VA 5 6.95 37.20 6.33
C DVA VA 5 9.73 37.18 9.01
O DVA VA 5 10.81 36.80 8.54
N DTR VA 6 9.63 37.93 10.10
CA DTR VA 6 10.80 38.51 10.77
CB DTR VA 6 11.00 37.92 12.17
CG DTR VA 6 12.04 38.65 12.96
CD1 DTR VA 6 13.37 38.41 12.97
NE1 DTR VA 6 14.01 39.28 13.83
CE2 DTR VA 6 13.07 40.11 14.39
CZ2 DTR VA 6 13.22 41.15 15.30
CH2 DTR VA 6 12.09 41.82 15.69
CZ3 DTR VA 6 10.83 41.47 15.19
CE3 DTR VA 6 10.68 40.44 14.27
CD2 DTR VA 6 11.82 39.74 13.86
C DTR VA 6 10.61 40.02 10.86
O DTR VA 6 9.59 40.49 11.39
N DIL VA 7 11.59 40.77 10.36
CA DIL VA 7 11.54 42.23 10.42
C DIL VA 7 12.84 42.78 10.97
O DIL VA 7 13.88 42.12 10.93
CB DIL VA 7 11.24 42.83 9.04
CG1 DIL VA 7 12.41 42.59 8.08
CG2 DIL VA 7 9.95 42.27 8.46
CD1 DIL VA 7 12.19 43.16 6.70
OXT DIL VA 7 12.89 43.90 11.48
N DTH WA 1 -19.03 -32.61 2.57
CA DTH WA 1 -17.87 -31.81 2.90
CB DTH WA 1 -17.29 -32.18 4.28
CG2 DTH WA 1 -16.19 -31.21 4.68
OG1 DTH WA 1 -16.77 -33.51 4.24
C DTH WA 1 -18.19 -30.32 2.88
O DTH WA 1 -19.08 -29.86 3.60
N DLE WA 2 -17.46 -29.56 2.06
CA DLE WA 2 -17.58 -28.12 2.01
CB DLE WA 2 -18.09 -27.64 0.65
CG DLE WA 2 -18.09 -26.12 0.44
CD1 DLE WA 2 -19.13 -25.45 1.33
CD2 DLE WA 2 -18.33 -25.77 -1.02
C DLE WA 2 -16.21 -27.52 2.31
O DLE WA 2 -15.24 -27.82 1.61
N DLY WA 3 -16.15 -26.67 3.33
CA DLY WA 3 -14.95 -25.91 3.65
C DLY WA 3 -15.27 -24.43 3.61
O DLY WA 3 -16.18 -23.98 4.32
CB DLY WA 3 -14.40 -26.30 5.03
CG DLY WA 3 -13.20 -25.50 5.46
CD DLY WA 3 -12.80 -25.83 6.90
CE DLY WA 3 -11.62 -24.98 7.34
NZ DLY WA 3 -11.24 -25.25 8.76
N DIL WA 4 -14.54 -23.68 2.80
CA DIL WA 4 -14.64 -22.23 2.75
C DIL WA 4 -13.26 -21.66 3.05
O DIL WA 4 -12.28 -21.98 2.37
CB DIL WA 4 -15.15 -21.74 1.38
CG1 DIL WA 4 -16.60 -22.18 1.17
CG2 DIL WA 4 -15.02 -20.23 1.28
CD1 DIL WA 4 -17.18 -21.69 -0.13
N DVA WA 5 -13.19 -20.80 4.06
CA DVA WA 5 -11.99 -20.03 4.37
CB DVA WA 5 -11.39 -20.41 5.73
CG1 DVA WA 5 -10.28 -19.44 6.10
CG2 DVA WA 5 -10.86 -21.84 5.70
C DVA WA 5 -12.35 -18.55 4.34
O DVA WA 5 -13.29 -18.13 5.03
N DTR WA 6 -11.63 -17.78 3.53
CA DTR WA 6 -11.81 -16.34 3.48
CB DTR WA 6 -12.37 -15.87 2.13
CG DTR WA 6 -12.57 -14.39 2.08
CD1 DTR WA 6 -13.69 -13.70 2.42
NE1 DTR WA 6 -13.50 -12.35 2.25
CE2 DTR WA 6 -12.23 -12.15 1.77
CZ2 DTR WA 6 -11.57 -10.96 1.44
CH2 DTR WA 6 -10.28 -11.06 0.99
CZ3 DTR WA 6 -9.65 -12.30 0.86
CE3 DTR WA 6 -10.30 -13.47 1.19
CD2 DTR WA 6 -11.61 -13.40 1.65
C DTR WA 6 -10.47 -15.67 3.74
O DTR WA 6 -9.47 -15.98 3.08
N DIL WA 7 -10.47 -14.70 4.65
CA DIL WA 7 -9.24 -14.07 5.12
C DIL WA 7 -9.39 -12.56 5.15
O DIL WA 7 -8.53 -11.82 4.67
CB DIL WA 7 -8.84 -14.61 6.50
CG1 DIL WA 7 -8.44 -16.08 6.42
CG2 DIL WA 7 -7.71 -13.80 7.08
CD1 DIL WA 7 -7.93 -16.64 7.73
OXT DIL WA 7 -10.39 -12.03 5.66
N DTH XA 1 -12.95 -11.37 6.78
CA DTH XA 1 -13.33 -12.51 7.61
CB DTH XA 1 -12.25 -12.83 8.64
CG2 DTH XA 1 -12.84 -13.68 9.75
OG1 DTH XA 1 -11.74 -11.61 9.20
C DTH XA 1 -13.60 -13.73 6.74
O DTH XA 1 -12.72 -14.18 6.00
N DLE XA 2 -14.83 -14.23 6.77
CA DLE XA 2 -15.22 -15.38 5.97
CB DLE XA 2 -16.19 -14.97 4.84
CG DLE XA 2 -16.96 -16.13 4.20
CD1 DLE XA 2 -16.03 -17.06 3.44
CD2 DLE XA 2 -18.05 -15.60 3.29
C DLE XA 2 -15.88 -16.42 6.84
O DLE XA 2 -16.81 -16.12 7.58
N DLY XA 3 -15.40 -17.66 6.74
CA DLY XA 3 -16.02 -18.81 7.38
C DLY XA 3 -16.46 -19.79 6.30
O DLY XA 3 -15.63 -20.24 5.50
CB DLY XA 3 -15.07 -19.50 8.36
CG DLY XA 3 -15.71 -20.63 9.13
CD DLY XA 3 -14.69 -21.66 9.57
CE DLY XA 3 -15.23 -22.55 10.67
NZ DLY XA 3 -14.20 -23.53 11.15
N DIL XA 4 -17.74 -20.14 6.30
CA DIL XA 4 -18.28 -21.15 5.40
C DIL XA 4 -18.84 -22.27 6.25
O DIL XA 4 -19.78 -22.06 7.04
CB DIL XA 4 -19.36 -20.58 4.48
CG1 DIL XA 4 -18.76 -19.58 3.49
CG2 DIL XA 4 -20.08 -21.70 3.74
CD1 DIL XA 4 -19.78 -18.97 2.56
N DVA XA 5 -18.31 -23.48 6.07
CA DVA XA 5 -18.84 -24.67 6.71
CB DVA XA 5 -17.83 -25.31 7.67
CG1 DVA XA 5 -18.28 -26.72 8.05
CG2 DVA XA 5 -17.67 -24.47 8.91
C DVA XA 5 -19.25 -25.66 5.62
O DVA XA 5 -18.39 -26.08 4.82
N DTR XA 6 -20.52 -26.03 5.60
CA DTR XA 6 -21.02 -27.07 4.71
CB DTR XA 6 -22.04 -26.51 3.71
CG DTR XA 6 -22.75 -27.58 2.95
CD1 DTR XA 6 -22.31 -28.26 1.86
NE1 DTR XA 6 -23.25 -29.16 1.43
CE2 DTR XA 6 -24.34 -29.08 2.27
CZ2 DTR XA 6 -25.53 -29.80 2.25
CH2 DTR XA 6 -26.46 -29.51 3.21
CZ3 DTR XA 6 -26.21 -28.52 4.18
CE3 DTR XA 6 -25.02 -27.82 4.21
CD2 DTR XA 6 -24.06 -28.10 3.23
C DTR XA 6 -21.65 -28.16 5.56
O DTR XA 6 -22.57 -27.89 6.33
N DIL XA 7 -21.18 -29.39 5.41
CA DIL XA 7 -21.67 -30.51 6.18
C DIL XA 7 -21.88 -31.73 5.30
O DIL XA 7 -21.00 -32.12 4.53
CB DIL XA 7 -20.72 -30.84 7.35
CG1 DIL XA 7 -20.69 -29.70 8.37
CG2 DIL XA 7 -21.14 -32.14 8.02
CD1 DIL XA 7 -19.78 -29.96 9.55
OXT DIL XA 7 -22.95 -32.36 5.32
N DTH YA 1 -11.83 -6.48 -4.10
CA DTH YA 1 -12.21 -7.40 -5.16
CB DTH YA 1 -12.98 -6.70 -6.28
CG2 DTH YA 1 -13.08 -7.59 -7.49
OG1 DTH YA 1 -12.28 -5.50 -6.64
C DTH YA 1 -13.07 -8.53 -4.58
O DTH YA 1 -14.05 -8.27 -3.88
N DLE YA 2 -12.67 -9.76 -4.84
CA DLE YA 2 -13.36 -10.94 -4.32
CB DLE YA 2 -12.51 -11.65 -3.26
CG DLE YA 2 -12.92 -13.08 -2.92
CD1 DLE YA 2 -14.25 -13.11 -2.20
CD2 DLE YA 2 -11.85 -13.75 -2.08
C DLE YA 2 -13.67 -11.89 -5.46
O DLE YA 2 -12.77 -12.28 -6.21
N DLY YA 3 -14.93 -12.28 -5.58
CA DLY YA 3 -15.35 -13.31 -6.53
C DLY YA 3 -16.05 -14.43 -5.76
O DLY YA 3 -17.00 -14.19 -5.02
CB DLY YA 3 -16.29 -12.76 -7.59
CG DLY YA 3 -16.75 -13.83 -8.57
CD DLY YA 3 -18.00 -13.41 -9.32
CE DLY YA 3 -17.93 -13.81 -10.79
NZ DLY YA 3 -19.10 -13.33 -11.56
N DIL YA 4 -15.57 -15.65 -5.96
CA DIL YA 4 -16.22 -16.85 -5.44
C DIL YA 4 -16.62 -17.71 -6.62
O DIL YA 4 -15.76 -18.11 -7.43
CB DIL YA 4 -15.30 -17.63 -4.48
CG1 DIL YA 4 -15.13 -16.86 -3.17
CG2 DIL YA 4 -15.87 -19.03 -4.22
CD1 DIL YA 4 -14.36 -17.63 -2.11
N DVA YA 5 -17.91 -17.99 -6.74
CA DVA YA 5 -18.44 -18.87 -7.78
CB DVA YA 5 -19.40 -18.13 -8.73
CG1 DVA YA 5 -20.10 -19.11 -9.64
CG2 DVA YA 5 -18.64 -17.10 -9.53
C DVA YA 5 -19.15 -20.02 -7.09
O DVA YA 5 -20.10 -19.80 -6.33
N DTR YA 6 -18.68 -21.23 -7.35
CA DTR YA 6 -19.29 -22.44 -6.81
CB DTR YA 6 -18.32 -23.17 -5.87
CG DTR YA 6 -18.83 -24.48 -5.38
CD1 DTR YA 6 -20.00 -24.71 -4.72
NE1 DTR YA 6 -20.12 -26.05 -4.43
CE2 DTR YA 6 -19.01 -26.71 -4.88
CZ2 DTR YA 6 -18.66 -28.05 -4.81
CH2 DTR YA 6 -17.47 -28.43 -5.35
CZ3 DTR YA 6 -16.62 -27.50 -5.96
CE3 DTR YA 6 -16.95 -26.16 -6.02
CD2 DTR YA 6 -18.17 -25.74 -5.48
C DTR YA 6 -19.70 -23.35 -7.96
O DTR YA 6 -18.85 -23.74 -8.77
N DIL YA 7 -20.98 -23.70 -8.02
CA DIL YA 7 -21.49 -24.59 -9.04
C DIL YA 7 -22.09 -25.84 -8.38
O DIL YA 7 -21.79 -26.96 -8.75
CB DIL YA 7 -22.52 -23.89 -9.94
CG1 DIL YA 7 -21.85 -22.77 -10.74
CG2 DIL YA 7 -23.19 -24.89 -10.86
CD1 DIL YA 7 -22.78 -22.06 -11.68
OXT DIL YA 7 -22.91 -25.73 -7.47
N DTH ZA 1 -25.13 -24.63 -5.94
CA DTH ZA 1 -25.22 -23.18 -5.90
CB DTH ZA 1 -25.71 -22.60 -7.25
CG2 DTH ZA 1 -25.78 -21.08 -7.17
OG1 DTH ZA 1 -27.00 -23.12 -7.55
C DTH ZA 1 -23.88 -22.55 -5.56
O DTH ZA 1 -22.88 -22.81 -6.23
N DLE ZA 2 -23.85 -21.74 -4.51
CA DLE ZA 2 -22.64 -21.03 -4.09
CB DLE ZA 2 -22.17 -21.53 -2.72
CG DLE ZA 2 -20.90 -20.88 -2.18
CD1 DLE ZA 2 -19.67 -21.44 -2.88
CD2 DLE ZA 2 -20.79 -21.08 -0.67
C DLE ZA 2 -22.93 -19.55 -4.04
O DLE ZA 2 -23.84 -19.11 -3.34
N DLY ZA 3 -22.13 -18.77 -4.77
CA DLY ZA 3 -22.18 -17.31 -4.72
C DLY ZA 3 -20.81 -16.79 -4.29
O DLY ZA 3 -19.81 -17.07 -4.94
CB DLY ZA 3 -22.57 -16.72 -6.07
CG DLY ZA 3 -24.00 -16.95 -6.49
CD DLY ZA 3 -24.31 -16.26 -7.80
CE DLY ZA 3 -25.76 -16.41 -8.20
NZ DLY ZA 3 -26.07 -15.70 -9.47
N DIL ZA 4 -20.79 -16.04 -3.19
CA DIL ZA 4 -19.59 -15.34 -2.74
C DIL ZA 4 -19.90 -13.84 -2.73
O DIL ZA 4 -20.83 -13.41 -2.04
CB DIL ZA 4 -19.13 -15.81 -1.35
CG1 DIL ZA 4 -18.51 -17.20 -1.46
CG2 DIL ZA 4 -18.14 -14.82 -0.76
CD1 DIL ZA 4 -17.81 -17.65 -0.20
N DVA ZA 5 -19.12 -13.07 -3.48
CA DVA ZA 5 -19.26 -11.62 -3.52
CB DVA ZA 5 -19.71 -11.13 -4.90
CG1 DVA ZA 5 -19.77 -9.62 -4.93
CG2 DVA ZA 5 -21.07 -11.73 -5.26
C DVA ZA 5 -17.91 -11.02 -3.16
O DVA ZA 5 -16.90 -11.30 -3.81
N DTR ZA 6 -17.90 -10.17 -2.13
CA DTR ZA 6 -16.70 -9.47 -1.70
CB DTR ZA 6 -16.28 -9.90 -0.30
CG DTR ZA 6 -15.16 -9.06 0.24
CD1 DTR ZA 6 -13.84 -9.15 -0.10
NE1 DTR ZA 6 -13.11 -8.21 0.60
CE2 DTR ZA 6 -13.96 -7.50 1.40
CZ2 DTR ZA 6 -13.69 -6.46 2.28
CH2 DTR ZA 6 -14.74 -5.93 2.97
CZ3 DTR ZA 6 -16.05 -6.41 2.79
CE3 DTR ZA 6 -16.32 -7.44 1.91
CD2 DTR ZA 6 -15.25 -8.00 1.21
C DTR ZA 6 -16.95 -7.97 -1.74
O DTR ZA 6 -17.88 -7.48 -1.08
N DIL ZA 7 -16.08 -7.25 -2.43
CA DIL ZA 7 -16.29 -5.84 -2.71
C DIL ZA 7 -15.09 -5.00 -2.25
O DIL ZA 7 -13.95 -5.31 -2.55
CB DIL ZA 7 -16.57 -5.62 -4.20
CG1 DIL ZA 7 -18.02 -5.97 -4.53
CG2 DIL ZA 7 -16.24 -4.21 -4.62
CD1 DIL ZA 7 -18.38 -5.78 -5.98
OXT DIL ZA 7 -15.26 -3.99 -1.58
N DTH AB 1 -6.23 -23.74 23.18
CA DTH AB 1 -5.07 -22.97 23.59
CB DTH AB 1 -4.61 -23.37 25.01
CG2 DTH AB 1 -3.41 -22.54 25.45
OG1 DTH AB 1 -4.26 -24.76 25.03
C DTH AB 1 -5.36 -21.48 23.57
O DTH AB 1 -6.25 -20.99 24.27
N DLE AB 2 -4.62 -20.75 22.74
CA DLE AB 2 -4.72 -19.30 22.65
CB DLE AB 2 -5.14 -18.86 21.25
CG DLE AB 2 -5.22 -17.34 21.01
CD1 DLE AB 2 -6.23 -16.71 21.96
CD2 DLE AB 2 -5.57 -17.05 19.56
C DLE AB 2 -3.36 -18.69 23.02
O DLE AB 2 -2.35 -19.03 22.41
N DLY AB 3 -3.37 -17.80 24.01
CA DLY AB 3 -2.17 -17.11 24.44
C DLY AB 3 -2.34 -15.61 24.22
O DLY AB 3 -3.21 -14.99 24.84
CB DLY AB 3 -1.86 -17.39 25.91
CG DLY AB 3 -1.74 -18.85 26.27
CD DLY AB 3 -1.58 -19.03 27.77
CE DLY AB 3 -1.53 -20.50 28.16
NZ DLY AB 3 -1.39 -20.68 29.63
N DIL AB 4 -1.48 -15.02 23.39
CA DIL AB 4 -1.48 -13.59 23.13
C DIL AB 4 -0.20 -13.01 23.73
O DIL AB 4 0.91 -13.28 23.23
CB DIL AB 4 -1.57 -13.25 21.64
CG1 DIL AB 4 -2.74 -14.01 20.99
CG2 DIL AB 4 -1.71 -11.75 21.43
CD1 DIL AB 4 -2.32 -15.23 20.21
N DVA AB 5 -0.33 -12.18 24.76
CA DVA AB 5 0.79 -11.49 25.38
CB DVA AB 5 0.98 -11.89 26.85
CG1 DVA AB 5 2.17 -11.17 27.45
CG2 DVA AB 5 1.15 -13.40 26.97
C DVA AB 5 0.56 -9.99 25.26
O DVA AB 5 -0.34 -9.44 25.90
N DTR AB 6 1.37 -9.32 24.44
CA DTR AB 6 1.39 -7.86 24.35
CB DTR AB 6 1.16 -7.39 22.92
CG DTR AB 6 0.86 -5.93 22.81
CD1 DTR AB 6 -0.38 -5.35 22.68
NE1 DTR AB 6 -0.25 -3.98 22.62
CE2 DTR AB 6 1.07 -3.65 22.71
CZ2 DTR AB 6 1.69 -2.40 22.70
CH2 DTR AB 6 3.04 -2.37 22.81
CZ3 DTR AB 6 3.80 -3.54 22.93
CE3 DTR AB 6 3.19 -4.78 22.95
CD2 DTR AB 6 1.80 -4.85 22.83
C DTR AB 6 2.74 -7.38 24.86
O DTR AB 6 3.78 -7.74 24.30
N DIL AB 7 2.73 -6.57 25.92
CA DIL AB 7 3.96 -6.16 26.56
C DIL AB 7 3.79 -4.87 27.34
O DIL AB 7 4.67 -4.00 27.33
CB DIL AB 7 4.49 -7.30 27.48
CG1 DIL AB 7 5.78 -6.86 28.18
CG2 DIL AB 7 3.43 -7.70 28.50
CD1 DIL AB 7 6.37 -7.92 29.09
OXT DIL AB 7 2.77 -4.64 28.00
N DTH BB 1 0.66 -3.04 28.55
CA DTH BB 1 0.08 -4.27 29.10
CB DTH BB 1 1.10 -5.04 29.95
CG2 DTH BB 1 0.49 -6.33 30.48
OG1 DTH BB 1 1.53 -4.23 31.05
C DTH BB 1 -0.43 -5.18 27.99
O DTH BB 1 0.35 -5.73 27.21
N DLE BB 2 -1.75 -5.32 27.92
CA DLE BB 2 -2.40 -6.18 26.94
CB DLE BB 2 -3.45 -5.41 26.14
CG DLE BB 2 -4.26 -6.24 25.15
CD1 DLE BB 2 -3.44 -6.53 23.89
CD2 DLE BB 2 -5.58 -5.56 24.80
C DLE BB 2 -3.04 -7.33 27.69
O DLE BB 2 -3.99 -7.16 28.45
N DLY BB 3 -2.49 -8.54 27.49
CA DLY BB 3 -3.05 -9.75 28.08
C DLY BB 3 -3.27 -10.76 26.97
O DLY BB 3 -2.33 -11.18 26.31
CB DLY BB 3 -2.13 -10.33 29.15
CG DLY BB 3 -2.66 -11.60 29.79
CD DLY BB 3 -1.76 -12.11 30.90
CE DLY BB 3 -2.36 -13.32 31.58
NZ DLY BB 3 -1.50 -13.83 32.69
N DIL BB 4 -4.53 -11.11 26.75
CA DIL BB 4 -4.90 -12.20 25.85
C DIL BB 4 -5.75 -13.18 26.64
O DIL BB 4 -6.68 -12.77 27.35
CB DIL BB 4 -5.63 -11.69 24.61
CG1 DIL BB 4 -4.70 -10.80 23.79
CG2 DIL BB 4 -6.13 -12.84 23.76
CD1 DIL BB 4 -5.30 -10.27 22.50
N DVA BB 5 -5.40 -14.46 26.57
CA DVA BB 5 -6.16 -15.52 27.20
CB DVA BB 5 -5.40 -16.17 28.38
CG1 DVA BB 5 -6.19 -17.31 28.97
CG2 DVA BB 5 -5.11 -15.12 29.45
C DVA BB 5 -6.48 -16.57 26.14
O DVA BB 5 -5.58 -17.03 25.43
N DTR BB 6 -7.75 -16.95 26.05
CA DTR BB 6 -8.18 -18.06 25.22
CB DTR BB 6 -9.19 -17.61 24.16
CG DTR BB 6 -9.58 -18.71 23.22
CD1 DTR BB 6 -8.96 -19.04 22.04
NE1 DTR BB 6 -9.61 -20.09 21.45
CE2 DTR BB 6 -10.67 -20.47 22.23
CZ2 DTR BB 6 -11.60 -21.48 22.05
CH2 DTR BB 6 -12.57 -21.63 23.02
CZ3 DTR BB 6 -12.61 -20.80 24.15
CE3 DTR BB 6 -11.67 -19.79 24.33
CD2 DTR BB 6 -10.68 -19.61 23.36
C DTR BB 6 -8.80 -19.14 26.11
O DTR BB 6 -9.72 -18.86 26.88
N DIL BB 7 -8.31 -20.36 25.97
CA DIL BB 7 -8.79 -21.48 26.76
C DIL BB 7 -9.06 -22.69 25.86
O DIL BB 7 -8.22 -23.06 25.04
CB DIL BB 7 -7.82 -21.84 27.89
CG1 DIL BB 7 -7.72 -20.69 28.90
CG2 DIL BB 7 -8.24 -23.13 28.58
CD1 DIL BB 7 -6.78 -20.97 30.06
OXT DIL BB 7 -10.11 -23.33 25.94
N DTH CB 1 -1.13 -0.42 16.46
CA DTH CB 1 -1.61 -1.34 15.43
CB DTH CB 1 -2.34 -0.59 14.30
CG2 DTH CB 1 -2.53 -1.51 13.11
OG1 DTH CB 1 -1.54 0.54 13.90
C DTH CB 1 -2.56 -2.36 16.04
O DTH CB 1 -3.53 -2.01 16.72
N DLE CB 2 -2.23 -3.65 15.87
CA DLE CB 2 -3.03 -4.74 16.40
CB DLE CB 2 -2.28 -5.49 17.50
CG DLE CB 2 -2.91 -6.81 17.97
CD1 DLE CB 2 -4.10 -6.54 18.86
CD2 DLE CB 2 -1.89 -7.68 18.67
C DLE CB 2 -3.39 -5.71 15.28
O DLE CB 2 -2.50 -6.17 14.55
N DLY CB 3 -4.68 -5.99 15.14
CA DLY CB 3 -5.15 -7.03 14.24
C DLY CB 3 -5.87 -8.09 15.05
O DLY CB 3 -6.83 -7.79 15.77
CB DLY CB 3 -6.10 -6.46 13.18
CG DLY CB 3 -6.50 -7.46 12.11
CD DLY CB 3 -7.85 -7.16 11.54
CE DLY CB 3 -8.07 -7.89 10.23
NZ DLY CB 3 -9.33 -7.47 9.57
N DIL CB 4 -5.41 -9.34 14.94
CA DIL CB 4 -6.06 -10.47 15.57
C DIL CB 4 -6.47 -11.45 14.48
O DIL CB 4 -5.62 -11.93 13.73
CB DIL CB 4 -5.15 -11.16 16.60
CG1 DIL CB 4 -4.96 -10.26 17.83
CG2 DIL CB 4 -5.71 -12.51 17.00
CD1 DIL CB 4 -4.16 -10.90 18.93
N DVA CB 5 -7.76 -11.77 14.43
CA DVA CB 5 -8.28 -12.79 13.55
CB DVA CB 5 -9.25 -12.23 12.50
CG1 DVA CB 5 -9.77 -13.33 11.61
CG2 DVA CB 5 -8.55 -11.17 11.67
C DVA CB 5 -8.97 -13.84 14.41
O DVA CB 5 -9.91 -13.52 15.14
N DTR CB 6 -8.52 -15.08 14.32
CA DTR CB 6 -9.10 -16.19 15.05
CB DTR CB 6 -8.12 -16.75 16.09
CG DTR CB 6 -8.69 -17.91 16.87
CD1 DTR CB 6 -9.34 -17.84 18.06
NE1 DTR CB 6 -9.71 -19.11 18.46
CE2 DTR CB 6 -9.30 -20.01 17.52
CZ2 DTR CB 6 -9.44 -21.39 17.47
CH2 DTR CB 6 -8.93 -22.06 16.39
CZ3 DTR CB 6 -8.27 -21.36 15.37
CE3 DTR CB 6 -8.13 -19.98 15.40
CD2 DTR CB 6 -8.65 -19.29 16.50
C DTR CB 6 -9.50 -17.27 14.07
O DTR CB 6 -8.67 -17.77 13.30
N DIL CB 7 -10.75 -17.70 14.15
CA DIL CB 7 -11.25 -18.77 13.30
C DIL CB 7 -12.02 -19.79 14.14
O DIL CB 7 -11.75 -20.99 14.08
CB DIL CB 7 -12.13 -18.23 12.17
CG1 DIL CB 7 -11.27 -17.53 11.12
CG2 DIL CB 7 -12.94 -19.34 11.55
CD1 DIL CB 7 -12.02 -17.16 9.86
OXT DIL CB 7 -12.91 -19.43 14.90
N DTH DB 1 -14.77 -18.43 16.83
CA DTH DB 1 -14.99 -17.03 16.47
CB DTH DB 1 -15.60 -16.91 15.07
CG2 DTH DB 1 -16.84 -17.79 14.96
OG1 DTH DB 1 -14.64 -17.32 14.09
C DTH DB 1 -13.67 -16.28 16.52
O DTH DB 1 -12.72 -16.63 15.84
N DLE DB 2 -13.60 -15.27 17.40
CA DLE DB 2 -12.39 -14.48 17.59
CB DLE DB 2 -11.78 -14.77 18.96
CG DLE DB 2 -10.68 -13.82 19.44
CD1 DLE DB 2 -9.41 -14.04 18.64
CD2 DLE DB 2 -10.43 -14.00 20.91
C DLE DB 2 -12.71 -13.00 17.46
O DLE DB 2 -13.63 -12.50 18.12
N DLY DB 3 -11.95 -12.30 16.61
CA DLY DB 3 -12.02 -10.86 16.50
C DLY DB 3 -10.66 -10.27 16.82
O DLY DB 3 -9.66 -10.62 16.18
CB DLY DB 3 -12.44 -10.43 15.09
CG DLY DB 3 -12.48 -8.92 14.91
CD DLY DB 3 -12.59 -8.52 13.45
CE DLY DB 3 -12.94 -7.05 13.31
NZ DLY DB 3 -13.11 -6.64 11.88
N DIL DB 4 -10.62 -9.38 17.81
CA DIL DB 4 -9.42 -8.66 18.19
C DIL DB 4 -9.69 -7.17 18.01
O DIL DB 4 -10.59 -6.63 18.65
CB DIL DB 4 -8.98 -8.98 19.62
CG1 DIL DB 4 -8.82 -10.48 19.82
CG2 DIL DB 4 -7.70 -8.24 19.97
CD1 DIL DB 4 -8.60 -10.89 21.25
N DVA DB 5 -8.88 -6.51 17.19
CA DVA DB 5 -8.92 -5.06 17.03
CB DVA DB 5 -9.26 -4.65 15.59
CG1 DVA DB 5 -9.04 -3.16 15.42
CG2 DVA DB 5 -10.70 -5.00 15.27
C DVA DB 5 -7.58 -4.50 17.46
O DVA DB 5 -6.54 -4.84 16.87
N DTR DB 6 -7.58 -3.65 18.48
CA DTR DB 6 -6.38 -3.03 19.00
CB DTR DB 6 -6.14 -3.42 20.46
CG DTR DB 6 -4.89 -2.83 21.04
CD1 DTR DB 6 -3.71 -2.63 20.38
NE1 DTR DB 6 -2.79 -2.07 21.24
CE2 DTR DB 6 -3.37 -1.88 22.46
CZ2 DTR DB 6 -2.85 -1.35 23.63
CH2 DTR DB 6 -3.68 -1.29 24.73
CZ3 DTR DB 6 -5.00 -1.75 24.66
CE3 DTR DB 6 -5.52 -2.28 23.50
CD2 DTR DB 6 -4.69 -2.35 22.37
C DTR DB 6 -6.51 -1.52 18.87
O DTR DB 6 -7.40 -0.92 19.48
N DIL DB 7 -5.58 -0.91 18.15
CA DIL DB 7 -5.63 0.52 17.91
C DIL DB 7 -4.32 1.17 18.34
O DIL DB 7 -3.25 0.71 17.96
CB DIL DB 7 -5.93 0.82 16.43
CG1 DIL DB 7 -7.37 0.43 16.08
CG2 DIL DB 7 -5.72 2.29 16.13
CD1 DIL DB 7 -7.77 0.82 14.67
OXT DIL DB 7 -4.32 2.15 19.08
N DTH EB 1 -22.56 -7.37 -9.98
CA DTH EB 1 -21.37 -6.82 -9.35
CB DTH EB 1 -21.02 -7.55 -8.04
CG2 DTH EB 1 -20.93 -9.05 -8.30
OG1 DTH EB 1 -22.05 -7.30 -7.08
C DTH EB 1 -21.56 -5.33 -9.06
O DTH EB 1 -22.51 -4.95 -8.38
N DLE EB 2 -20.68 -4.50 -9.61
CA DLE EB 2 -20.78 -3.06 -9.45
CB DLE EB 2 -21.21 -2.41 -10.77
CG DLE EB 2 -21.12 -0.89 -10.88
CD1 DLE EB 2 -22.05 -0.22 -9.87
CD2 DLE EB 2 -21.47 -0.45 -12.29
C DLE EB 2 -19.44 -2.50 -9.02
O DLE EB 2 -18.41 -2.77 -9.65
N DLY EB 3 -19.45 -1.68 -7.96
CA DLY EB 3 -18.28 -0.94 -7.50
C DLY EB 3 -18.58 0.55 -7.54
O DLY EB 3 -19.54 1.00 -6.91
CB DLY EB 3 -17.87 -1.37 -6.09
CG DLY EB 3 -16.69 -0.59 -5.53
CD DLY EB 3 -16.57 -0.76 -4.03
CE DLY EB 3 -15.31 -0.10 -3.51
NZ DLY EB 3 -15.15 -0.26 -2.03
N DIL EB 4 -17.79 1.29 -8.31
CA DIL EB 4 -17.93 2.74 -8.40
C DIL EB 4 -16.63 3.38 -7.97
O DIL EB 4 -15.57 3.12 -8.56
CB DIL EB 4 -18.29 3.17 -9.83
CG1 DIL EB 4 -19.59 2.51 -10.28
CG2 DIL EB 4 -18.40 4.69 -9.92
CD1 DIL EB 4 -19.93 2.76 -11.73
N DVA EB 5 -16.71 4.23 -6.94
CA DVA EB 5 -15.56 5.02 -6.49
CB DVA EB 5 -15.12 4.61 -5.08
CG1 DVA EB 5 -14.06 5.57 -4.57
CG2 DVA EB 5 -14.59 3.18 -5.08
C DVA EB 5 -15.98 6.48 -6.52
O DVA EB 5 -16.96 6.87 -5.89
N DTR EB 6 -15.24 7.28 -7.29
CA DTR EB 6 -15.49 8.71 -7.37
CB DTR EB 6 -16.02 9.10 -8.76
CG DTR EB 6 -16.08 10.58 -8.97
CD1 DTR EB 6 -17.04 11.43 -8.51
NE1 DTR EB 6 -16.76 12.72 -8.91
CE2 DTR EB 6 -15.61 12.71 -9.65
CZ2 DTR EB 6 -14.94 13.76 -10.27
CH2 DTR EB 6 -13.79 13.45 -10.96
CZ3 DTR EB 6 -13.31 12.13 -11.03
CE3 DTR EB 6 -13.98 11.10 -10.42
CD2 DTR EB 6 -15.16 11.38 -9.71
C DTR EB 6 -14.19 9.46 -7.08
O DTR EB 6 -13.16 9.16 -7.69
N DIL EB 7 -14.26 10.44 -6.19
CA DIL EB 7 -13.09 11.18 -5.76
C DIL EB 7 -13.42 12.66 -5.69
O DIL EB 7 -12.65 13.51 -6.14
CB DIL EB 7 -12.55 10.68 -4.40
CG1 DIL EB 7 -12.17 9.20 -4.47
CG2 DIL EB 7 -11.36 11.49 -3.98
CD1 DIL EB 7 -11.62 8.67 -3.16
OXT DIL EB 7 -14.46 13.05 -5.16
N DTH FB 1 -17.19 13.78 -4.11
CA DTH FB 1 -17.46 12.60 -3.30
CB DTH FB 1 -16.35 12.37 -2.27
CG2 DTH FB 1 -16.00 13.66 -1.58
OG1 DTH FB 1 -15.18 11.88 -2.95
C DTH FB 1 -17.60 11.38 -4.20
O DTH FB 1 -16.65 10.98 -4.87
N DLE FB 2 -18.81 10.83 -4.25
CA DLE FB 2 -19.14 9.71 -5.11
CB DLE FB 2 -20.11 10.14 -6.21
CG DLE FB 2 -20.70 9.02 -7.08
CD1 DLE FB 2 -19.63 8.44 -7.98
CD2 DLE FB 2 -21.88 9.52 -7.88
C DLE FB 2 -19.76 8.60 -4.29
O DLE FB 2 -20.75 8.81 -3.59
N DLY FB 3 -19.17 7.41 -4.37
CA DLY FB 3 -19.75 6.21 -3.77
C DLY FB 3 -20.02 5.19 -4.87
O DLY FB 3 -19.11 4.80 -5.60
CB DLY FB 3 -18.82 5.60 -2.72
CG DLY FB 3 -19.39 4.35 -2.05
CD DLY FB 3 -18.34 3.60 -1.26
CE DLY FB 3 -18.96 2.46 -0.45
NZ DLY FB 3 -17.96 1.74 0.37
N DIL FB 4 -21.29 4.79 -4.99
CA DIL FB 4 -21.69 3.76 -5.94
C DIL FB 4 -22.36 2.64 -5.16
O DIL FB 4 -23.34 2.87 -4.45
CB DIL FB 4 -22.63 4.31 -7.02
CG1 DIL FB 4 -21.91 5.34 -7.88
CG2 DIL FB 4 -23.18 3.18 -7.88
CD1 DIL FB 4 -22.76 5.94 -8.97
N DVA FB 5 -21.82 1.43 -5.29
CA DVA FB 5 -22.42 0.24 -4.72
CB DVA FB 5 -21.51 -0.41 -3.66
CG1 DVA FB 5 -22.10 -1.72 -3.21
CG2 DVA FB 5 -21.34 0.53 -2.47
C DVA FB 5 -22.69 -0.73 -5.85
O DVA FB 5 -21.77 -1.11 -6.59
N DTR FB 6 -23.95 -1.13 -6.00
CA DTR FB 6 -24.35 -2.03 -7.06
CB DTR FB 6 -25.18 -1.30 -8.11
CG DTR FB 6 -25.77 -2.19 -9.15
CD1 DTR FB 6 -25.10 -2.90 -10.10
NE1 DTR FB 6 -25.99 -3.61 -10.88
CE2 DTR FB 6 -27.27 -3.34 -10.44
CZ2 DTR FB 6 -28.48 -3.82 -10.91
CH2 DTR FB 6 -29.62 -3.38 -10.27
CZ3 DTR FB 6 -29.55 -2.50 -9.19
CE3 DTR FB 6 -28.34 -2.03 -8.72
CD2 DTR FB 6 -27.17 -2.45 -9.35
C DTR FB 6 -25.15 -3.19 -6.47
O DTR FB 6 -26.14 -2.96 -5.76
N DIL FB 7 -24.75 -4.40 -6.80
CA DIL FB 7 -25.44 -5.59 -6.32
C DIL FB 7 -25.73 -6.53 -7.49
O DIL FB 7 -24.86 -6.83 -8.30
CB DIL FB 7 -24.63 -6.31 -5.24
CG1 DIL FB 7 -24.51 -5.44 -3.98
CG2 DIL FB 7 -25.26 -7.64 -4.90
CD1 DIL FB 7 -23.87 -6.16 -2.81
OXT DIL FB 7 -26.86 -7.01 -7.65
N DTH GB 1 -17.61 16.35 -15.56
CA DTH GB 1 -18.07 15.35 -16.52
CB DTH GB 1 -18.89 15.99 -17.66
CG2 DTH GB 1 -19.48 14.91 -18.56
OG1 DTH GB 1 -18.05 16.84 -18.43
C DTH GB 1 -18.91 14.29 -15.82
O DTH GB 1 -19.92 14.60 -15.18
N DLE GB 2 -18.48 13.03 -15.92
CA DLE GB 2 -19.18 11.90 -15.34
CB DLE GB 2 -18.29 11.13 -14.36
CG DLE GB 2 -18.91 9.89 -13.73
CD1 DLE GB 2 -20.15 10.24 -12.94
CD2 DLE GB 2 -17.89 9.18 -12.86
C DLE GB 2 -19.66 10.99 -16.46
O DLE GB 2 -18.85 10.52 -17.27
N DLY GB 3 -20.96 10.73 -16.50
CA DLY GB 3 -21.56 9.79 -17.45
C DLY GB 3 -22.28 8.71 -16.66
O DLY GB 3 -23.29 8.98 -16.00
CB DLY GB 3 -22.51 10.51 -18.41
CG DLY GB 3 -23.19 9.57 -19.39
CD DLY GB 3 -24.14 10.32 -20.31
CE DLY GB 3 -24.82 9.37 -21.28
NZ DLY GB 3 -25.78 10.08 -22.19
N DIL GB 4 -21.77 7.49 -16.73
CA DIL GB 4 -22.42 6.33 -16.14
C DIL GB 4 -22.73 5.36 -17.26
O DIL GB 4 -21.83 4.97 -18.03
CB DIL GB 4 -21.54 5.67 -15.06
CG1 DIL GB 4 -21.35 6.64 -13.89
CG2 DIL GB 4 -22.17 4.37 -14.59
CD1 DIL GB 4 -20.39 6.14 -12.84
N DVA GB 5 -24.00 4.98 -17.39
CA DVA GB 5 -24.44 4.01 -18.39
CB DVA GB 5 -25.31 4.66 -19.48
CG1 DVA GB 5 -25.84 3.62 -20.45
CG2 DVA GB 5 -24.52 5.73 -20.22
C DVA GB 5 -25.21 2.91 -17.68
O DVA GB 5 -26.20 3.17 -17.00
N DTR GB 6 -24.76 1.67 -17.86
CA DTR GB 6 -25.47 0.49 -17.39
CB DTR GB 6 -24.62 -0.34 -16.43
CG DTR GB 6 -24.98 -1.79 -16.41
CD1 DTR GB 6 -24.23 -2.83 -16.89
NE1 DTR GB 6 -24.89 -4.01 -16.71
CE2 DTR GB 6 -26.09 -3.76 -16.12
CZ2 DTR GB 6 -27.11 -4.64 -15.74
CH2 DTR GB 6 -28.23 -4.11 -15.15
CZ3 DTR GB 6 -28.35 -2.72 -14.94
CE3 DTR GB 6 -27.34 -1.85 -15.31
CD2 DTR GB 6 -26.19 -2.37 -15.91
C DTR GB 6 -25.87 -0.36 -18.59
O DTR GB 6 -25.02 -0.74 -19.39
N DIL GB 7 -27.16 -0.66 -18.70
CA DIL GB 7 -27.68 -1.41 -19.84
C DIL GB 7 -28.67 -2.47 -19.37
O DIL GB 7 -28.56 -3.65 -19.71
CB DIL GB 7 -28.33 -0.49 -20.87
CG1 DIL GB 7 -27.26 0.33 -21.60
CG2 DIL GB 7 -29.14 -1.29 -21.87
CD1 DIL GB 7 -27.81 1.27 -22.65
OXT DIL GB 7 -29.61 -2.17 -18.63
N DTH HB 1 -31.60 -1.67 -16.69
CA DTH HB 1 -31.59 -0.21 -16.79
CB DTH HB 1 -31.94 0.27 -18.21
CG2 DTH HB 1 -31.87 1.79 -18.30
OG1 DTH HB 1 -33.25 -0.17 -18.57
C DTH HB 1 -30.24 0.35 -16.39
O DTH HB 1 -29.23 0.11 -17.03
N DLE HB 2 -30.23 1.12 -15.29
CA DLE HB 2 -29.03 1.77 -14.80
CB DLE HB 2 -28.64 1.28 -13.41
CG DLE HB 2 -27.41 1.94 -12.78
CD1 DLE HB 2 -26.16 1.61 -13.57
CD2 DLE HB 2 -27.26 1.51 -11.32
C DLE HB 2 -29.28 3.27 -14.79
O DLE HB 2 -30.24 3.75 -14.16
N DLY HB 3 -28.44 4.03 -15.50
CA DLY HB 3 -28.52 5.48 -15.55
C DLY HB 3 -27.20 6.07 -15.08
O DLY HB 3 -26.16 5.83 -15.70
CB DLY HB 3 -28.88 5.97 -16.95
CG DLY HB 3 -29.10 7.47 -17.04
CD DLY HB 3 -29.55 7.87 -18.43
CE DLY HB 3 -29.92 9.34 -18.48
NZ DLY HB 3 -30.44 9.74 -19.82
N DIL HB 4 -27.26 6.89 -14.03
CA DIL HB 4 -26.09 7.62 -13.53
C DIL HB 4 -26.34 9.11 -13.77
O DIL HB 4 -27.29 9.68 -13.24
CB DIL HB 4 -25.85 7.35 -12.04
CG1 DIL HB 4 -26.06 5.87 -11.73
CG2 DIL HB 4 -24.45 7.79 -11.65
CD1 DIL HB 4 -26.11 5.57 -10.25
N DVA HB 5 -25.49 9.72 -14.58
CA DVA HB 5 -25.51 11.17 -14.81
CB DVA HB 5 -25.81 11.52 -16.27
CG1 DVA HB 5 -25.70 13.01 -16.50
CG2 DVA HB 5 -27.20 11.02 -16.66
C DVA HB 5 -24.16 11.74 -14.39
O DVA HB 5 -23.14 11.45 -15.02
N DTR HB 6 -24.16 12.55 -13.33
CA DTR HB 6 -22.97 13.22 -12.86
CB DTR HB 6 -22.64 12.84 -11.41
CG DTR HB 6 -21.71 13.80 -10.73
CD1 DTR HB 6 -21.96 14.54 -9.61
NE1 DTR HB 6 -20.86 15.30 -9.29
CE2 DTR HB 6 -19.88 15.07 -10.21
CZ2 DTR HB 6 -18.59 15.60 -10.30
CH2 DTR HB 6 -17.80 15.19 -11.34
CZ3 DTR HB 6 -18.27 14.26 -12.27
CE3 DTR HB 6 -19.54 13.72 -12.19
CD2 DTR HB 6 -20.37 14.12 -11.13
C DTR HB 6 -23.17 14.73 -12.98
O DTR HB 6 -24.13 15.28 -12.43
N DIL HB 7 -22.27 15.39 -13.71
CA DIL HB 7 -22.37 16.83 -13.92
C DIL HB 7 -21.03 17.50 -13.64
O DIL HB 7 -20.01 17.16 -14.24
CB DIL HB 7 -22.86 17.16 -15.34
CG1 DIL HB 7 -24.30 16.67 -15.53
CG2 DIL HB 7 -22.77 18.65 -15.60
CD1 DIL HB 7 -24.85 16.94 -16.91
OXT DIL HB 7 -20.93 18.40 -12.81
#